data_9C8E
#
_entry.id   9C8E
#
_cell.length_a   1.00
_cell.length_b   1.00
_cell.length_c   1.00
_cell.angle_alpha   90.00
_cell.angle_beta   90.00
_cell.angle_gamma   90.00
#
_symmetry.space_group_name_H-M   'P 1'
#
_entity_poly.entity_id   1
_entity_poly.type   'polypeptide(L)'
_entity_poly.pdbx_seq_one_letter_code
;MSGRWSHPQFEKIHQRREAGARETCRDQIKGSDKDEEPSAALSHGQGYRPCGRPARNSKPEAGARPPAVPIMVNDPPVPA
LLWAQEVGHVLAGRARRLMLQFGVLFCTILLLLWVSVFLYGSFYYSYMPTVSHLSPVHFHYRTDCDSSTASLCSFPVANV
SLAKSGRDRVLMYGQPYRVTLELELPESPVNQDLGMFLVTVSCYTRGGRIISTSSRSVMLHYRSQLLQVLDTLLFSSLLL
FGFAEQKQLLEVELYSDYRENSYVPTTGAIIEIHSKRIQMYGAYLRIHAHFTGLRYLLYNFPMTCAFVGVASNFTFLSVI
VLFSYMQWVWGAVWPRHRFSLQVNIRQRDNSHHGAPRRISRHQPGQESTQQSDVTEDGESPEDPSGTEGQLSEEEKPEKR
PLNGEEEQEPEASDGSWEDAALLTEANPPTSASASALAPETLGSLRQRPTCSSS
;
_entity_poly.pdbx_strand_id   A,B,C,D,E,F,G,H,I,J,K
#
# COMPACT_ATOMS: atom_id res chain seq x y z
N PRO A 129 16.74 -21.45 55.13
CA PRO A 129 17.94 -20.81 54.60
C PRO A 129 18.81 -21.78 53.80
N THR A 130 19.76 -21.25 53.04
CA THR A 130 20.68 -22.06 52.25
C THR A 130 22.03 -21.36 52.18
N VAL A 131 23.08 -22.16 52.02
CA VAL A 131 24.44 -21.63 51.92
C VAL A 131 24.60 -21.00 50.55
N SER A 132 24.49 -19.68 50.48
CA SER A 132 24.54 -18.98 49.21
C SER A 132 24.68 -17.50 49.46
N HIS A 133 25.21 -16.80 48.46
CA HIS A 133 25.24 -15.35 48.47
C HIS A 133 24.97 -14.85 47.05
N LEU A 134 24.07 -13.88 46.96
CA LEU A 134 23.67 -13.29 45.69
C LEU A 134 24.40 -11.97 45.52
N SER A 135 25.20 -11.87 44.46
CA SER A 135 25.96 -10.66 44.18
C SER A 135 25.37 -9.98 42.96
N PRO A 136 24.38 -9.10 43.12
CA PRO A 136 23.73 -8.52 41.94
C PRO A 136 24.74 -7.82 41.06
N VAL A 137 24.60 -8.01 39.75
CA VAL A 137 25.54 -7.47 38.77
C VAL A 137 25.01 -6.14 38.27
N HIS A 138 25.86 -5.11 38.31
CA HIS A 138 25.49 -3.77 37.85
C HIS A 138 26.21 -3.50 36.54
N PHE A 139 25.56 -3.87 35.44
CA PHE A 139 26.17 -3.70 34.13
C PHE A 139 26.15 -2.22 33.74
N HIS A 140 27.34 -1.69 33.44
CA HIS A 140 27.47 -0.34 32.92
C HIS A 140 28.32 -0.35 31.67
N TYR A 141 28.16 0.69 30.86
CA TYR A 141 28.72 0.72 29.52
C TYR A 141 28.90 2.17 29.07
N ARG A 142 29.71 2.34 28.03
CA ARG A 142 30.02 3.65 27.48
C ARG A 142 28.84 4.18 26.67
N THR A 143 28.77 5.50 26.51
CA THR A 143 27.64 6.12 25.84
C THR A 143 27.99 7.27 24.91
N ASP A 144 29.26 7.60 24.70
CA ASP A 144 29.64 8.77 23.92
C ASP A 144 29.49 8.58 22.41
N CYS A 145 28.88 7.49 21.94
CA CYS A 145 28.78 7.24 20.51
C CYS A 145 27.65 8.09 19.92
N ASP A 146 27.27 7.80 18.69
CA ASP A 146 26.17 8.54 18.06
C ASP A 146 24.86 8.28 18.79
N SER A 147 24.58 7.02 19.11
CA SER A 147 23.39 6.64 19.88
C SER A 147 22.10 7.12 19.24
N SER A 148 22.01 7.09 17.91
CA SER A 148 20.81 7.51 17.22
C SER A 148 19.88 6.32 16.99
N THR A 149 20.02 5.29 17.79
CA THR A 149 19.26 4.06 17.61
C THR A 149 19.16 3.36 18.96
N ALA A 150 18.26 2.38 19.04
CA ALA A 150 18.08 1.62 20.27
C ALA A 150 19.30 0.79 20.63
N SER A 151 20.25 0.61 19.71
CA SER A 151 21.46 -0.14 20.00
C SER A 151 22.44 0.70 20.81
N LEU A 152 23.07 0.08 21.80
CA LEU A 152 24.01 0.77 22.67
C LEU A 152 25.31 1.06 21.92
N CYS A 153 26.28 1.59 22.67
CA CYS A 153 27.56 1.96 22.08
C CYS A 153 28.64 0.90 22.28
N SER A 154 28.66 0.22 23.42
CA SER A 154 29.72 -0.72 23.72
C SER A 154 29.13 -1.92 24.44
N PHE A 155 29.92 -2.98 24.51
CA PHE A 155 29.46 -4.24 25.08
C PHE A 155 29.21 -4.07 26.58
N PRO A 156 28.07 -4.52 27.10
CA PRO A 156 27.89 -4.54 28.55
C PRO A 156 28.98 -5.37 29.24
N VAL A 157 29.44 -4.87 30.38
CA VAL A 157 30.42 -5.55 31.21
C VAL A 157 30.11 -5.20 32.67
N ALA A 158 30.88 -5.80 33.59
CA ALA A 158 30.69 -5.49 34.99
C ALA A 158 31.77 -6.16 35.83
N ASN A 159 32.04 -5.55 36.98
CA ASN A 159 32.78 -6.20 38.06
C ASN A 159 31.81 -6.56 39.17
N VAL A 160 32.13 -7.63 39.88
CA VAL A 160 31.35 -8.06 41.03
C VAL A 160 32.32 -8.59 42.08
N SER A 161 32.08 -8.22 43.34
CA SER A 161 32.95 -8.58 44.45
C SER A 161 32.31 -9.71 45.25
N LEU A 162 33.08 -10.77 45.46
CA LEU A 162 32.57 -11.98 46.10
C LEU A 162 32.99 -12.12 47.55
N ALA A 163 33.88 -11.26 48.05
CA ALA A 163 34.32 -11.32 49.43
C ALA A 163 33.17 -10.98 50.38
N ARG A 169 33.03 -17.62 54.69
CA ARG A 169 33.00 -17.73 53.24
C ARG A 169 31.91 -18.70 52.79
N VAL A 170 31.46 -18.53 51.55
CA VAL A 170 30.59 -19.52 50.92
C VAL A 170 31.42 -20.55 50.17
N LEU A 171 32.47 -20.09 49.49
CA LEU A 171 33.37 -21.00 48.79
C LEU A 171 34.33 -21.65 49.79
N MET A 172 34.50 -22.97 49.66
CA MET A 172 35.40 -23.72 50.52
C MET A 172 36.15 -24.75 49.68
N TYR A 173 37.29 -25.19 50.20
CA TYR A 173 38.16 -26.07 49.43
C TYR A 173 37.49 -27.42 49.20
N GLY A 174 37.65 -27.94 47.98
CA GLY A 174 37.18 -29.27 47.66
C GLY A 174 35.73 -29.36 47.25
N GLN A 175 34.87 -28.58 47.89
CA GLN A 175 33.44 -28.70 47.66
C GLN A 175 33.06 -28.12 46.30
N PRO A 176 32.36 -28.86 45.44
CA PRO A 176 31.87 -28.26 44.19
C PRO A 176 30.78 -27.23 44.44
N TYR A 177 30.75 -26.21 43.58
CA TYR A 177 29.78 -25.14 43.70
C TYR A 177 29.19 -24.82 42.34
N ARG A 178 27.94 -24.38 42.35
CA ARG A 178 27.19 -24.04 41.14
C ARG A 178 27.10 -22.53 41.02
N VAL A 179 27.65 -21.98 39.94
CA VAL A 179 27.66 -20.54 39.69
C VAL A 179 26.81 -20.29 38.46
N THR A 180 25.79 -19.45 38.62
CA THR A 180 24.87 -19.13 37.54
C THR A 180 24.56 -17.64 37.56
N LEU A 181 24.20 -17.11 36.40
CA LEU A 181 23.75 -15.73 36.25
C LEU A 181 22.30 -15.74 35.78
N GLU A 182 21.39 -15.42 36.67
CA GLU A 182 19.96 -15.35 36.35
C GLU A 182 19.70 -13.96 35.77
N LEU A 183 19.33 -13.94 34.49
CA LEU A 183 19.30 -12.70 33.71
C LEU A 183 17.85 -12.34 33.41
N GLU A 184 17.49 -11.10 33.70
CA GLU A 184 16.10 -10.65 33.65
C GLU A 184 15.90 -9.88 32.35
N LEU A 185 15.36 -10.57 31.34
CA LEU A 185 15.12 -10.00 30.03
C LEU A 185 13.64 -9.80 29.82
N PRO A 186 13.18 -8.57 29.53
CA PRO A 186 11.78 -8.41 29.13
C PRO A 186 11.53 -9.02 27.76
N GLU A 187 10.30 -9.47 27.56
CA GLU A 187 9.87 -10.02 26.28
C GLU A 187 9.46 -8.94 25.30
N SER A 188 10.32 -7.94 25.08
CA SER A 188 10.01 -6.85 24.17
C SER A 188 10.36 -7.23 22.73
N PRO A 189 9.73 -6.59 21.75
CA PRO A 189 10.03 -6.95 20.35
C PRO A 189 11.50 -6.83 20.00
N VAL A 190 12.21 -5.85 20.57
CA VAL A 190 13.63 -5.71 20.27
C VAL A 190 14.40 -6.95 20.71
N ASN A 191 14.01 -7.54 21.84
CA ASN A 191 14.70 -8.71 22.35
C ASN A 191 14.37 -9.98 21.59
N GLN A 192 13.14 -10.11 21.07
CA GLN A 192 12.78 -11.31 20.33
C GLN A 192 13.54 -11.40 19.01
N ASP A 193 13.78 -10.27 18.36
CA ASP A 193 14.58 -10.26 17.13
C ASP A 193 16.06 -10.27 17.39
N LEU A 194 16.46 -10.24 18.67
CA LEU A 194 17.87 -10.20 19.01
C LEU A 194 18.59 -11.44 18.51
N GLY A 195 18.03 -12.62 18.73
CA GLY A 195 18.75 -13.83 18.42
C GLY A 195 19.75 -14.16 19.52
N MET A 196 20.53 -15.21 19.25
CA MET A 196 21.48 -15.70 20.24
C MET A 196 22.57 -14.67 20.50
N PHE A 197 23.09 -14.68 21.71
CA PHE A 197 24.16 -13.80 22.13
C PHE A 197 25.00 -14.49 23.18
N LEU A 198 26.31 -14.34 23.07
CA LEU A 198 27.23 -15.00 23.99
C LEU A 198 27.29 -14.27 25.33
N VAL A 199 27.50 -15.04 26.40
CA VAL A 199 27.69 -14.53 27.74
C VAL A 199 28.94 -15.16 28.32
N THR A 200 29.85 -14.34 28.83
CA THR A 200 31.12 -14.82 29.35
C THR A 200 31.30 -14.40 30.80
N VAL A 201 31.99 -15.24 31.56
CA VAL A 201 32.31 -14.97 32.96
C VAL A 201 33.80 -15.20 33.14
N SER A 202 34.41 -14.39 34.00
CA SER A 202 35.85 -14.42 34.24
C SER A 202 36.11 -14.22 35.71
N CYS A 203 36.36 -15.30 36.44
CA CYS A 203 36.72 -15.20 37.84
C CYS A 203 38.14 -14.68 37.97
N TYR A 204 38.44 -14.09 39.13
CA TYR A 204 39.77 -13.58 39.40
C TYR A 204 39.99 -13.49 40.91
N THR A 205 41.25 -13.30 41.28
CA THR A 205 41.66 -13.30 42.68
C THR A 205 41.69 -11.89 43.24
N ARG A 206 42.20 -11.77 44.48
CA ARG A 206 42.36 -10.46 45.09
C ARG A 206 43.34 -9.59 44.32
N GLY A 207 44.41 -10.19 43.81
CA GLY A 207 45.39 -9.47 43.01
C GLY A 207 44.95 -9.21 41.59
N GLY A 208 43.72 -9.56 41.22
CA GLY A 208 43.22 -9.39 39.88
C GLY A 208 43.54 -10.52 38.94
N ARG A 209 44.43 -11.43 39.32
CA ARG A 209 44.78 -12.55 38.46
C ARG A 209 43.53 -13.35 38.09
N ILE A 210 43.42 -13.70 36.82
CA ILE A 210 42.27 -14.45 36.35
C ILE A 210 42.44 -15.92 36.70
N ILE A 211 41.48 -16.47 37.44
CA ILE A 211 41.57 -17.87 37.85
C ILE A 211 41.12 -18.78 36.72
N SER A 212 39.90 -18.57 36.22
CA SER A 212 39.35 -19.41 35.17
C SER A 212 38.40 -18.57 34.32
N THR A 213 38.24 -18.97 33.07
CA THR A 213 37.38 -18.28 32.12
C THR A 213 36.36 -19.26 31.57
N SER A 214 35.14 -18.76 31.36
CA SER A 214 34.04 -19.60 30.89
C SER A 214 33.13 -18.77 30.00
N SER A 215 32.35 -19.46 29.16
CA SER A 215 31.43 -18.80 28.26
C SER A 215 30.25 -19.71 27.95
N ARG A 216 29.09 -19.09 27.74
CA ARG A 216 27.88 -19.81 27.37
C ARG A 216 27.07 -18.94 26.41
N SER A 217 26.19 -19.58 25.65
CA SER A 217 25.28 -18.89 24.75
C SER A 217 23.87 -19.02 25.28
N VAL A 218 23.21 -17.88 25.48
CA VAL A 218 21.86 -17.85 26.05
C VAL A 218 20.98 -17.05 25.11
N MET A 219 19.73 -17.52 24.96
CA MET A 219 18.77 -16.84 24.12
C MET A 219 17.41 -16.81 24.81
N LEU A 220 16.74 -15.68 24.68
CA LEU A 220 15.39 -15.54 25.22
C LEU A 220 14.47 -16.56 24.57
N HIS A 221 13.67 -17.24 25.39
CA HIS A 221 12.83 -18.32 24.88
C HIS A 221 11.73 -17.77 23.98
N TYR A 222 11.44 -18.49 22.90
CA TYR A 222 10.48 -18.03 21.92
C TYR A 222 9.05 -18.33 22.36
N ARG A 223 8.15 -17.39 22.05
CA ARG A 223 6.73 -17.57 22.31
C ARG A 223 5.96 -16.88 21.20
N SER A 224 5.02 -17.59 20.60
CA SER A 224 4.30 -17.08 19.45
C SER A 224 3.43 -15.90 19.85
N GLN A 225 3.03 -15.12 18.84
CA GLN A 225 2.20 -13.95 19.10
C GLN A 225 0.85 -14.36 19.68
N LEU A 226 0.25 -15.42 19.15
CA LEU A 226 -0.99 -15.92 19.73
C LEU A 226 -0.78 -16.37 21.17
N LEU A 227 0.33 -17.07 21.43
CA LEU A 227 0.61 -17.51 22.79
C LEU A 227 0.83 -16.31 23.71
N GLN A 228 1.54 -15.28 23.23
CA GLN A 228 1.76 -14.10 24.05
C GLN A 228 0.45 -13.40 24.36
N VAL A 229 -0.44 -13.30 23.37
CA VAL A 229 -1.73 -12.68 23.60
C VAL A 229 -2.53 -13.48 24.61
N LEU A 230 -2.50 -14.81 24.50
CA LEU A 230 -3.23 -15.65 25.42
C LEU A 230 -2.70 -15.48 26.84
N ASP A 231 -1.37 -15.41 26.99
CA ASP A 231 -0.79 -15.20 28.32
C ASP A 231 -1.17 -13.84 28.87
N THR A 232 -1.09 -12.80 28.05
CA THR A 232 -1.45 -11.46 28.51
C THR A 232 -2.90 -11.41 28.94
N LEU A 233 -3.78 -12.12 28.23
CA LEU A 233 -5.19 -12.12 28.57
C LEU A 233 -5.45 -12.91 29.85
N LEU A 234 -5.12 -14.19 29.84
CA LEU A 234 -5.44 -15.05 30.99
C LEU A 234 -4.74 -14.60 32.26
N PHE A 235 -3.46 -14.22 32.18
CA PHE A 235 -2.71 -13.73 33.33
C PHE A 235 -2.83 -12.23 33.48
N SER A 236 -3.90 -11.62 32.96
CA SER A 236 -4.08 -10.18 33.11
C SER A 236 -4.20 -9.78 34.57
N SER A 237 -4.92 -10.58 35.36
CA SER A 237 -5.17 -10.22 36.75
C SER A 237 -3.88 -9.99 37.53
N LEU A 238 -2.81 -10.70 37.21
CA LEU A 238 -1.53 -10.50 37.89
C LEU A 238 -0.72 -9.38 37.27
N LEU A 239 -0.69 -9.31 35.93
CA LEU A 239 0.10 -8.28 35.27
C LEU A 239 -0.40 -6.88 35.60
N LEU A 240 -1.72 -6.68 35.59
CA LEU A 240 -2.27 -5.36 35.82
C LEU A 240 -1.96 -4.86 37.23
N PHE A 241 -2.08 -5.74 38.23
CA PHE A 241 -1.84 -5.36 39.61
C PHE A 241 -0.38 -5.47 40.02
N GLY A 242 0.51 -5.80 39.08
CA GLY A 242 1.93 -5.86 39.38
C GLY A 242 2.41 -7.15 40.00
N PHE A 243 1.52 -8.13 40.18
CA PHE A 243 1.94 -9.43 40.70
C PHE A 243 2.75 -10.23 39.69
N ALA A 244 2.55 -9.98 38.40
CA ALA A 244 3.32 -10.65 37.35
C ALA A 244 3.79 -9.59 36.36
N GLU A 245 4.83 -9.94 35.61
CA GLU A 245 5.37 -9.03 34.61
C GLU A 245 5.87 -9.83 33.41
N GLN A 246 5.90 -9.17 32.26
CA GLN A 246 6.26 -9.81 31.00
C GLN A 246 7.79 -9.86 30.86
N LYS A 247 8.38 -10.77 31.62
CA LYS A 247 9.83 -10.91 31.65
C LYS A 247 10.20 -12.37 31.79
N GLN A 248 11.37 -12.72 31.26
CA GLN A 248 11.89 -14.08 31.32
C GLN A 248 13.19 -14.07 32.12
N LEU A 249 13.28 -14.97 33.10
CA LEU A 249 14.53 -15.21 33.80
C LEU A 249 15.31 -16.32 33.10
N LEU A 250 16.45 -15.97 32.53
CA LEU A 250 17.31 -16.93 31.86
C LEU A 250 18.43 -17.36 32.80
N GLU A 251 18.52 -18.67 33.04
CA GLU A 251 19.47 -19.24 33.99
C GLU A 251 20.71 -19.68 33.22
N VAL A 252 21.61 -18.74 32.97
CA VAL A 252 22.87 -19.02 32.31
C VAL A 252 23.78 -19.68 33.35
N GLU A 253 23.87 -21.02 33.30
CA GLU A 253 24.70 -21.77 34.24
C GLU A 253 26.12 -21.83 33.71
N LEU A 254 26.95 -20.93 34.22
CA LEU A 254 28.32 -20.82 33.76
C LEU A 254 29.23 -21.87 34.39
N TYR A 255 28.77 -22.54 35.44
CA TYR A 255 29.61 -23.50 36.17
C TYR A 255 28.72 -24.46 36.94
N SER A 256 28.70 -25.72 36.50
CA SER A 256 27.96 -26.74 37.23
C SER A 256 28.81 -27.38 38.32
N ASP A 257 30.14 -27.28 38.22
CA ASP A 257 31.04 -27.83 39.23
C ASP A 257 32.21 -26.85 39.38
N TYR A 258 32.16 -26.05 40.44
CA TYR A 258 33.23 -25.11 40.78
C TYR A 258 33.76 -25.40 42.18
N ARG A 259 35.08 -25.34 42.34
CA ARG A 259 35.73 -25.67 43.59
C ARG A 259 36.84 -24.67 43.89
N GLU A 260 37.12 -24.49 45.18
CA GLU A 260 38.10 -23.53 45.63
C GLU A 260 39.50 -24.14 45.61
N ASN A 261 40.49 -23.29 45.34
CA ASN A 261 41.89 -23.70 45.30
C ASN A 261 42.61 -23.13 46.51
N SER A 262 43.40 -23.98 47.17
CA SER A 262 44.08 -23.55 48.40
C SER A 262 45.00 -22.36 48.14
N TYR A 263 45.76 -22.39 47.04
CA TYR A 263 46.72 -21.34 46.74
C TYR A 263 46.15 -20.20 45.92
N VAL A 264 44.88 -20.28 45.52
CA VAL A 264 44.28 -19.27 44.65
C VAL A 264 42.85 -18.99 45.15
N PRO A 265 42.62 -17.90 45.87
CA PRO A 265 41.26 -17.64 46.38
C PRO A 265 40.42 -16.87 45.38
N THR A 266 39.14 -17.20 45.34
CA THR A 266 38.18 -16.47 44.50
C THR A 266 37.79 -15.18 45.19
N THR A 267 37.89 -14.06 44.47
CA THR A 267 37.61 -12.76 45.06
C THR A 267 36.46 -12.07 44.33
N GLY A 268 36.45 -12.12 43.01
CA GLY A 268 35.43 -11.43 42.24
C GLY A 268 35.43 -11.93 40.81
N ALA A 269 34.41 -11.51 40.08
CA ALA A 269 34.20 -11.99 38.72
C ALA A 269 33.82 -10.84 37.80
N ILE A 270 34.29 -10.93 36.56
CA ILE A 270 33.88 -10.05 35.48
C ILE A 270 32.88 -10.83 34.61
N ILE A 271 31.78 -10.18 34.26
CA ILE A 271 30.72 -10.79 33.48
C ILE A 271 30.44 -9.90 32.28
N GLU A 272 29.94 -10.50 31.20
CA GLU A 272 29.75 -9.78 29.96
C GLU A 272 28.57 -10.38 29.21
N ILE A 273 27.99 -9.58 28.32
CA ILE A 273 26.93 -10.03 27.43
C ILE A 273 27.23 -9.40 26.07
N HIS A 274 27.80 -10.21 25.17
CA HIS A 274 28.37 -9.70 23.94
C HIS A 274 27.30 -9.29 22.93
N SER A 275 26.54 -8.25 23.24
CA SER A 275 25.49 -7.77 22.37
C SER A 275 25.21 -6.30 22.65
N LYS A 276 25.03 -5.53 21.58
CA LYS A 276 24.69 -4.13 21.70
C LYS A 276 23.18 -3.89 21.68
N ARG A 277 22.38 -4.95 21.67
CA ARG A 277 20.93 -4.83 21.53
C ARG A 277 20.18 -5.57 22.62
N ILE A 278 20.79 -5.86 23.75
CA ILE A 278 20.16 -6.68 24.79
C ILE A 278 19.51 -5.77 25.83
N GLN A 279 18.20 -5.64 25.79
CA GLN A 279 17.47 -4.89 26.80
C GLN A 279 17.27 -5.74 28.04
N MET A 280 17.75 -5.26 29.19
CA MET A 280 17.66 -6.04 30.41
C MET A 280 17.44 -5.13 31.61
N TYR A 281 16.85 -5.70 32.66
CA TYR A 281 16.57 -4.99 33.91
C TYR A 281 17.68 -5.16 34.92
N GLY A 282 18.20 -6.37 35.09
CA GLY A 282 19.23 -6.63 36.07
C GLY A 282 19.62 -8.09 36.03
N ALA A 283 20.64 -8.42 36.82
CA ALA A 283 21.18 -9.76 36.81
C ALA A 283 21.76 -10.10 38.19
N TYR A 284 21.51 -11.33 38.61
CA TYR A 284 22.05 -11.87 39.85
C TYR A 284 23.05 -12.97 39.53
N LEU A 285 24.24 -12.89 40.10
CA LEU A 285 25.19 -14.01 40.05
C LEU A 285 25.02 -14.84 41.31
N ARG A 286 24.36 -15.98 41.17
CA ARG A 286 23.95 -16.79 42.31
C ARG A 286 24.86 -18.01 42.43
N ILE A 287 25.52 -18.14 43.58
CA ILE A 287 26.33 -19.30 43.92
C ILE A 287 25.56 -20.12 44.92
N HIS A 288 25.74 -21.44 44.87
CA HIS A 288 25.05 -22.35 45.77
C HIS A 288 25.80 -23.67 45.83
N ALA A 289 25.83 -24.28 47.01
CA ALA A 289 26.46 -25.59 47.16
C ALA A 289 25.77 -26.60 46.26
N HIS A 290 26.58 -27.43 45.59
CA HIS A 290 26.02 -28.38 44.64
C HIS A 290 25.20 -29.47 45.32
N PHE A 291 25.41 -29.68 46.61
CA PHE A 291 24.70 -30.75 47.31
C PHE A 291 23.21 -30.42 47.38
N THR A 292 22.40 -31.11 46.58
CA THR A 292 20.96 -30.96 46.62
C THR A 292 20.31 -32.27 47.05
N GLY A 293 20.64 -33.36 46.35
CA GLY A 293 20.10 -34.66 46.73
C GLY A 293 18.59 -34.64 46.78
N LEU A 294 18.04 -35.23 47.85
CA LEU A 294 16.60 -35.26 48.02
C LEU A 294 16.04 -33.87 48.30
N ARG A 295 16.89 -32.92 48.66
CA ARG A 295 16.43 -31.58 49.01
C ARG A 295 15.86 -30.83 47.82
N TYR A 296 16.04 -31.35 46.59
CA TYR A 296 15.46 -30.69 45.43
C TYR A 296 13.95 -30.55 45.54
N LEU A 297 13.30 -31.44 46.30
CA LEU A 297 11.86 -31.33 46.51
C LEU A 297 11.48 -30.00 47.12
N LEU A 298 12.34 -29.42 47.96
CA LEU A 298 12.08 -28.10 48.50
C LEU A 298 12.19 -27.00 47.45
N TYR A 299 12.92 -27.25 46.37
CA TYR A 299 13.06 -26.27 45.29
C TYR A 299 12.07 -26.51 44.16
N ASN A 300 11.50 -27.71 44.03
CA ASN A 300 10.56 -28.00 42.97
C ASN A 300 9.29 -27.16 43.12
N PRO B 129 17.68 -47.90 34.40
CA PRO B 129 18.93 -47.31 33.91
C PRO B 129 19.33 -47.81 32.53
N THR B 130 20.34 -47.20 31.94
CA THR B 130 20.85 -47.59 30.64
C THR B 130 22.34 -47.31 30.57
N VAL B 131 23.03 -48.05 29.72
CA VAL B 131 24.46 -47.89 29.53
C VAL B 131 24.68 -46.70 28.61
N SER B 132 24.83 -45.51 29.19
CA SER B 132 24.89 -44.29 28.41
C SER B 132 25.47 -43.17 29.26
N HIS B 133 26.04 -42.17 28.58
CA HIS B 133 26.43 -40.94 29.23
C HIS B 133 26.05 -39.78 28.33
N LEU B 134 25.56 -38.72 28.95
CA LEU B 134 25.14 -37.52 28.26
C LEU B 134 26.19 -36.44 28.48
N SER B 135 26.68 -35.86 27.39
CA SER B 135 27.69 -34.81 27.46
C SER B 135 27.14 -33.56 26.84
N PRO B 136 26.45 -32.69 27.58
CA PRO B 136 25.83 -31.52 26.95
C PRO B 136 26.86 -30.66 26.24
N VAL B 137 26.49 -30.18 25.06
CA VAL B 137 27.40 -29.42 24.20
C VAL B 137 27.18 -27.94 24.48
N HIS B 138 28.26 -27.23 24.77
CA HIS B 138 28.19 -25.79 25.06
C HIS B 138 28.84 -25.06 23.89
N PHE B 139 28.01 -24.60 22.97
CA PHE B 139 28.50 -23.93 21.78
C PHE B 139 28.97 -22.52 22.12
N HIS B 140 30.17 -22.18 21.66
CA HIS B 140 30.68 -20.81 21.78
C HIS B 140 31.26 -20.38 20.45
N TYR B 141 31.29 -19.08 20.24
CA TYR B 141 31.56 -18.51 18.92
C TYR B 141 32.04 -17.07 19.06
N ARG B 142 32.68 -16.60 18.01
CA ARG B 142 33.30 -15.27 18.02
C ARG B 142 32.23 -14.18 17.96
N THR B 143 32.59 -12.99 18.45
CA THR B 143 31.64 -11.89 18.52
C THR B 143 32.23 -10.53 18.18
N ASP B 144 33.38 -10.46 17.52
CA ASP B 144 34.03 -9.18 17.23
C ASP B 144 33.53 -8.53 15.94
N CYS B 145 32.61 -9.15 15.22
CA CYS B 145 32.19 -8.64 13.92
C CYS B 145 31.21 -7.48 14.07
N ASP B 146 30.60 -7.06 12.96
CA ASP B 146 29.65 -5.95 13.01
C ASP B 146 28.44 -6.30 13.88
N SER B 147 27.87 -7.48 13.68
CA SER B 147 26.71 -7.94 14.44
C SER B 147 25.54 -6.98 14.35
N SER B 148 25.32 -6.37 13.19
CA SER B 148 24.24 -5.42 13.01
C SER B 148 22.89 -6.08 12.79
N THR B 149 22.85 -7.40 12.63
CA THR B 149 21.62 -8.13 12.39
C THR B 149 21.58 -9.35 13.29
N ALA B 150 20.56 -10.19 13.08
CA ALA B 150 20.43 -11.42 13.84
C ALA B 150 21.21 -12.54 13.17
N SER B 151 22.49 -12.28 12.86
CA SER B 151 23.36 -13.29 12.27
C SER B 151 24.68 -13.28 13.01
N LEU B 152 25.12 -14.45 13.46
CA LEU B 152 26.32 -14.56 14.27
C LEU B 152 27.56 -14.32 13.42
N CYS B 153 28.68 -14.06 14.11
CA CYS B 153 29.91 -13.73 13.41
C CYS B 153 30.59 -14.96 12.82
N SER B 154 30.56 -16.09 13.51
CA SER B 154 31.31 -17.25 13.08
C SER B 154 30.50 -18.51 13.33
N PHE B 155 30.94 -19.60 12.70
CA PHE B 155 30.23 -20.86 12.79
C PHE B 155 30.26 -21.39 14.22
N PRO B 156 29.12 -21.80 14.78
CA PRO B 156 29.15 -22.47 16.08
C PRO B 156 30.03 -23.72 16.06
N VAL B 157 30.76 -23.93 17.15
CA VAL B 157 31.62 -25.09 17.32
C VAL B 157 31.58 -25.49 18.79
N ALA B 158 32.32 -26.54 19.13
CA ALA B 158 32.40 -26.95 20.53
C ALA B 158 33.43 -28.05 20.71
N ASN B 159 33.96 -28.14 21.92
CA ASN B 159 34.69 -29.31 22.40
C ASN B 159 33.87 -29.99 23.48
N VAL B 160 33.94 -31.31 23.52
CA VAL B 160 33.22 -32.09 24.52
C VAL B 160 34.15 -33.19 25.01
N SER B 161 34.11 -33.45 26.31
CA SER B 161 34.94 -34.47 26.93
C SER B 161 34.10 -35.71 27.18
N LEU B 162 34.47 -36.81 26.53
CA LEU B 162 33.71 -38.05 26.60
C LEU B 162 34.12 -38.93 27.78
N ALA B 163 35.17 -38.55 28.51
CA ALA B 163 35.61 -39.34 29.65
C ALA B 163 34.57 -39.28 30.77
N ARG B 169 33.46 -47.60 31.89
CA ARG B 169 33.33 -46.94 30.60
C ARG B 169 32.02 -47.28 29.93
N VAL B 170 31.52 -46.37 29.08
CA VAL B 170 30.39 -46.68 28.22
C VAL B 170 30.87 -47.35 26.94
N LEU B 171 32.02 -46.91 26.43
CA LEU B 171 32.60 -47.52 25.25
C LEU B 171 33.41 -48.76 25.61
N MET B 172 33.23 -49.83 24.84
CA MET B 172 33.97 -51.05 25.01
C MET B 172 34.43 -51.56 23.66
N TYR B 173 35.51 -52.33 23.65
CA TYR B 173 36.13 -52.75 22.41
C TYR B 173 35.17 -53.62 21.61
N GLY B 174 35.22 -53.47 20.28
CA GLY B 174 34.47 -54.32 19.38
C GLY B 174 33.03 -53.88 19.18
N GLN B 175 32.33 -53.58 20.27
CA GLN B 175 30.90 -53.29 20.17
C GLN B 175 30.69 -51.98 19.41
N PRO B 176 29.80 -51.96 18.42
CA PRO B 176 29.40 -50.67 17.82
C PRO B 176 28.39 -49.95 18.69
N TYR B 177 28.51 -48.61 18.72
CA TYR B 177 27.67 -47.78 19.57
C TYR B 177 27.00 -46.70 18.75
N ARG B 178 25.89 -46.19 19.28
CA ARG B 178 25.08 -45.17 18.62
C ARG B 178 25.36 -43.81 19.25
N VAL B 179 25.76 -42.84 18.43
CA VAL B 179 26.05 -41.49 18.88
C VAL B 179 25.12 -40.54 18.14
N THR B 180 24.41 -39.70 18.89
CA THR B 180 23.48 -38.74 18.32
C THR B 180 23.61 -37.42 19.06
N LEU B 181 23.24 -36.34 18.38
CA LEU B 181 23.22 -35.00 18.96
C LEU B 181 21.79 -34.49 18.89
N GLU B 182 21.06 -34.63 19.99
CA GLU B 182 19.69 -34.14 20.08
C GLU B 182 19.74 -32.63 20.22
N LEU B 183 19.25 -31.92 19.22
CA LEU B 183 19.45 -30.49 19.06
C LEU B 183 18.13 -29.78 19.28
N GLU B 184 18.14 -28.75 20.13
CA GLU B 184 16.93 -28.11 20.64
C GLU B 184 16.74 -26.78 19.92
N LEU B 185 15.92 -26.80 18.87
CA LEU B 185 15.67 -25.63 18.05
C LEU B 185 14.27 -25.09 18.32
N PRO B 186 14.13 -23.82 18.67
CA PRO B 186 12.78 -23.24 18.74
C PRO B 186 12.18 -23.09 17.35
N GLU B 187 10.85 -22.98 17.31
CA GLU B 187 10.12 -22.86 16.06
C GLU B 187 9.96 -21.40 15.67
N SER B 188 10.89 -20.55 16.09
CA SER B 188 10.80 -19.13 15.80
C SER B 188 10.90 -18.89 14.29
N PRO B 189 10.27 -17.82 13.79
CA PRO B 189 10.25 -17.62 12.33
C PRO B 189 11.63 -17.61 11.69
N VAL B 190 12.63 -17.09 12.39
CA VAL B 190 13.98 -17.06 11.82
C VAL B 190 14.45 -18.46 11.51
N ASN B 191 14.17 -19.41 12.39
CA ASN B 191 14.63 -20.79 12.19
C ASN B 191 13.90 -21.47 11.04
N GLN B 192 12.61 -21.18 10.83
CA GLN B 192 11.88 -21.81 9.73
C GLN B 192 12.45 -21.39 8.38
N ASP B 193 12.83 -20.12 8.24
CA ASP B 193 13.45 -19.66 7.00
C ASP B 193 14.90 -20.07 6.87
N LEU B 194 15.47 -20.69 7.91
CA LEU B 194 16.88 -21.06 7.87
C LEU B 194 17.18 -22.01 6.73
N GLY B 195 16.34 -23.02 6.54
CA GLY B 195 16.65 -24.04 5.57
C GLY B 195 17.66 -25.04 6.13
N MET B 196 18.16 -25.89 5.24
CA MET B 196 19.08 -26.93 5.64
C MET B 196 20.39 -26.33 6.13
N PHE B 197 21.05 -27.08 7.00
CA PHE B 197 22.37 -26.73 7.48
C PHE B 197 23.10 -28.00 7.87
N LEU B 198 24.41 -28.00 7.70
CA LEU B 198 25.21 -29.19 7.96
C LEU B 198 25.68 -29.24 9.41
N VAL B 199 25.65 -30.44 9.98
CA VAL B 199 26.14 -30.70 11.32
C VAL B 199 27.22 -31.78 11.23
N THR B 200 28.38 -31.50 11.79
CA THR B 200 29.52 -32.41 11.70
C THR B 200 30.03 -32.75 13.08
N VAL B 201 30.41 -34.02 13.27
CA VAL B 201 31.01 -34.50 14.50
C VAL B 201 32.37 -35.09 14.17
N SER B 202 33.39 -34.69 14.92
CA SER B 202 34.75 -35.15 14.72
C SER B 202 35.29 -35.68 16.04
N CYS B 203 35.35 -37.00 16.18
CA CYS B 203 35.91 -37.61 17.36
C CYS B 203 37.44 -37.47 17.35
N TYR B 204 38.04 -37.58 18.53
CA TYR B 204 39.48 -37.54 18.65
C TYR B 204 39.91 -38.23 19.94
N THR B 205 41.21 -38.51 20.03
CA THR B 205 41.77 -39.30 21.13
C THR B 205 42.22 -38.39 22.27
N ARG B 206 42.81 -39.02 23.29
CA ARG B 206 43.39 -38.27 24.39
C ARG B 206 44.55 -37.40 23.91
N GLY B 207 45.27 -37.85 22.88
CA GLY B 207 46.35 -37.08 22.31
C GLY B 207 45.92 -36.05 21.30
N GLY B 208 44.61 -35.88 21.10
CA GLY B 208 44.09 -34.93 20.15
C GLY B 208 43.92 -35.46 18.74
N ARG B 209 44.51 -36.60 18.42
CA ARG B 209 44.41 -37.14 17.08
C ARG B 209 42.95 -37.41 16.73
N ILE B 210 42.55 -37.00 15.53
CA ILE B 210 41.17 -37.18 15.08
C ILE B 210 40.99 -38.62 14.62
N ILE B 211 40.08 -39.34 15.25
CA ILE B 211 39.86 -40.75 14.92
C ILE B 211 39.01 -40.87 13.66
N SER B 212 37.87 -40.19 13.64
CA SER B 212 36.93 -40.31 12.53
C SER B 212 36.20 -38.99 12.36
N THR B 213 35.66 -38.79 11.16
CA THR B 213 34.90 -37.60 10.83
C THR B 213 33.56 -38.02 10.22
N SER B 214 32.50 -37.31 10.60
CA SER B 214 31.16 -37.63 10.14
C SER B 214 30.39 -36.34 9.92
N SER B 215 29.35 -36.41 9.09
CA SER B 215 28.51 -35.26 8.82
C SER B 215 27.12 -35.71 8.39
N ARG B 216 26.10 -35.11 8.99
CA ARG B 216 24.71 -35.35 8.61
C ARG B 216 24.00 -34.01 8.51
N SER B 217 23.22 -33.83 7.46
CA SER B 217 22.45 -32.61 7.29
C SER B 217 21.10 -32.74 7.98
N VAL B 218 20.75 -31.72 8.76
CA VAL B 218 19.52 -31.72 9.53
C VAL B 218 18.74 -30.44 9.25
N MET B 219 17.43 -30.52 9.40
CA MET B 219 16.56 -29.38 9.16
C MET B 219 15.39 -29.42 10.13
N LEU B 220 14.95 -28.24 10.55
CA LEU B 220 13.78 -28.13 11.42
C LEU B 220 12.53 -28.52 10.64
N HIS B 221 11.70 -29.37 11.24
CA HIS B 221 10.54 -29.89 10.54
C HIS B 221 9.52 -28.79 10.29
N TYR B 222 8.90 -28.84 9.11
CA TYR B 222 8.00 -27.78 8.68
C TYR B 222 6.60 -28.02 9.21
N ARG B 223 5.97 -26.95 9.70
CA ARG B 223 4.57 -26.97 10.12
C ARG B 223 3.90 -25.71 9.61
N SER B 224 2.72 -25.88 9.02
CA SER B 224 2.03 -24.76 8.41
C SER B 224 1.58 -23.75 9.46
N GLN B 225 1.32 -22.53 9.02
CA GLN B 225 0.89 -21.48 9.94
C GLN B 225 -0.44 -21.85 10.58
N LEU B 226 -1.37 -22.40 9.81
CA LEU B 226 -2.62 -22.85 10.39
C LEU B 226 -2.38 -23.96 11.42
N LEU B 227 -1.48 -24.90 11.10
CA LEU B 227 -1.20 -25.98 12.04
C LEU B 227 -0.59 -25.45 13.33
N GLN B 228 0.35 -24.50 13.22
CA GLN B 228 0.95 -23.93 14.42
C GLN B 228 -0.10 -23.26 15.29
N VAL B 229 -0.99 -22.48 14.68
CA VAL B 229 -2.06 -21.84 15.44
C VAL B 229 -2.94 -22.89 16.09
N LEU B 230 -3.20 -23.99 15.38
CA LEU B 230 -3.97 -25.08 15.96
C LEU B 230 -3.21 -25.73 17.10
N ASP B 231 -1.91 -25.94 16.93
CA ASP B 231 -1.10 -26.52 18.01
C ASP B 231 -1.05 -25.59 19.22
N THR B 232 -0.85 -24.30 18.97
CA THR B 232 -0.78 -23.34 20.07
C THR B 232 -2.09 -23.30 20.85
N LEU B 233 -3.22 -23.34 20.13
CA LEU B 233 -4.52 -23.28 20.80
C LEU B 233 -4.74 -24.51 21.68
N LEU B 234 -4.71 -25.70 21.07
CA LEU B 234 -5.06 -26.92 21.81
C LEU B 234 -4.07 -27.24 22.92
N PHE B 235 -2.78 -26.98 22.71
CA PHE B 235 -1.76 -27.22 23.72
C PHE B 235 -1.48 -25.99 24.57
N SER B 236 -2.44 -25.08 24.68
CA SER B 236 -2.25 -23.90 25.53
C SER B 236 -2.07 -24.29 26.98
N SER B 237 -2.84 -25.28 27.46
CA SER B 237 -2.82 -25.64 28.87
C SER B 237 -1.45 -26.09 29.34
N LEU B 238 -0.57 -26.52 28.44
CA LEU B 238 0.79 -26.88 28.79
C LEU B 238 1.79 -25.76 28.50
N LEU B 239 1.63 -25.08 27.36
CA LEU B 239 2.56 -24.01 27.01
C LEU B 239 2.51 -22.87 28.03
N LEU B 240 1.31 -22.50 28.46
CA LEU B 240 1.17 -21.37 29.38
C LEU B 240 1.77 -21.70 30.74
N PHE B 241 1.53 -22.90 31.25
CA PHE B 241 2.04 -23.28 32.56
C PHE B 241 3.47 -23.81 32.52
N GLY B 242 4.12 -23.77 31.36
CA GLY B 242 5.50 -24.19 31.27
C GLY B 242 5.71 -25.68 31.10
N PHE B 243 4.65 -26.47 31.05
CA PHE B 243 4.78 -27.90 30.83
C PHE B 243 5.13 -28.24 29.39
N ALA B 244 4.86 -27.34 28.45
CA ALA B 244 5.22 -27.53 27.06
C ALA B 244 5.88 -26.27 26.53
N GLU B 245 6.63 -26.41 25.45
CA GLU B 245 7.32 -25.27 24.85
C GLU B 245 7.37 -25.47 23.35
N GLN B 246 7.44 -24.35 22.62
CA GLN B 246 7.44 -24.36 21.16
C GLN B 246 8.86 -24.61 20.65
N LYS B 247 9.31 -25.85 20.85
CA LYS B 247 10.66 -26.24 20.49
C LYS B 247 10.64 -27.64 19.90
N GLN B 248 11.64 -27.92 19.08
CA GLN B 248 11.78 -29.20 18.41
C GLN B 248 13.11 -29.83 18.79
N LEU B 249 13.08 -31.08 19.22
CA LEU B 249 14.30 -31.86 19.40
C LEU B 249 14.62 -32.58 18.10
N LEU B 250 15.76 -32.27 17.51
CA LEU B 250 16.21 -32.89 16.26
C LEU B 250 17.28 -33.92 16.58
N GLU B 251 17.06 -35.16 16.15
CA GLU B 251 17.94 -36.28 16.49
C GLU B 251 18.87 -36.54 15.31
N VAL B 252 19.97 -35.79 15.28
CA VAL B 252 21.00 -35.99 14.27
C VAL B 252 21.82 -37.22 14.65
N GLU B 253 21.51 -38.36 14.04
CA GLU B 253 22.20 -39.63 14.33
C GLU B 253 23.48 -39.68 13.51
N LEU B 254 24.54 -39.11 14.09
CA LEU B 254 25.81 -39.01 13.38
C LEU B 254 26.54 -40.35 13.32
N TYR B 255 26.07 -41.36 14.05
CA TYR B 255 26.73 -42.66 14.07
C TYR B 255 25.73 -43.71 14.52
N SER B 256 25.35 -44.59 13.60
CA SER B 256 24.49 -45.72 13.97
C SER B 256 25.31 -46.90 14.52
N ASP B 257 26.60 -46.94 14.22
CA ASP B 257 27.46 -48.02 14.71
C ASP B 257 28.89 -47.47 14.84
N TYR B 258 29.28 -47.12 16.06
CA TYR B 258 30.62 -46.67 16.37
C TYR B 258 31.31 -47.68 17.27
N ARG B 259 32.49 -48.14 16.84
CA ARG B 259 33.20 -49.23 17.50
C ARG B 259 34.49 -48.72 18.12
N GLU B 260 34.79 -49.19 19.33
CA GLU B 260 36.02 -48.80 20.02
C GLU B 260 37.20 -49.59 19.48
N ASN B 261 38.34 -48.92 19.39
CA ASN B 261 39.58 -49.50 18.89
C ASN B 261 40.56 -49.69 20.03
N SER B 262 41.20 -50.86 20.08
CA SER B 262 42.13 -51.15 21.16
C SER B 262 43.29 -50.16 21.18
N TYR B 263 43.84 -49.85 20.01
CA TYR B 263 45.00 -48.99 19.90
C TYR B 263 44.64 -47.51 19.83
N VAL B 264 43.36 -47.16 19.73
CA VAL B 264 42.94 -45.78 19.57
C VAL B 264 41.72 -45.54 20.46
N PRO B 265 41.89 -44.98 21.65
CA PRO B 265 40.73 -44.76 22.53
C PRO B 265 40.01 -43.47 22.20
N THR B 266 38.69 -43.50 22.37
CA THR B 266 37.87 -42.31 22.15
C THR B 266 37.87 -41.44 23.41
N THR B 267 38.22 -40.17 23.24
CA THR B 267 38.34 -39.28 24.40
C THR B 267 37.39 -38.09 24.30
N GLY B 268 37.27 -37.49 23.12
CA GLY B 268 36.51 -36.27 22.98
C GLY B 268 36.00 -36.08 21.58
N ALA B 269 35.11 -35.10 21.42
CA ALA B 269 34.46 -34.82 20.15
C ALA B 269 34.41 -33.32 19.89
N ILE B 270 34.47 -32.95 18.62
CA ILE B 270 34.25 -31.59 18.16
C ILE B 270 32.99 -31.59 17.31
N ILE B 271 32.02 -30.76 17.69
CA ILE B 271 30.70 -30.76 17.08
C ILE B 271 30.46 -29.37 16.50
N GLU B 272 29.88 -29.33 15.31
CA GLU B 272 29.73 -28.08 14.58
C GLU B 272 28.35 -28.01 13.96
N ILE B 273 27.88 -26.78 13.72
CA ILE B 273 26.62 -26.53 13.04
C ILE B 273 26.91 -25.42 12.03
N HIS B 274 27.12 -25.79 10.77
CA HIS B 274 27.66 -24.88 9.77
C HIS B 274 26.62 -23.87 9.31
N SER B 275 26.21 -22.97 10.20
CA SER B 275 25.25 -21.94 9.86
C SER B 275 25.37 -20.78 10.83
N LYS B 276 25.31 -19.56 10.29
CA LYS B 276 25.38 -18.37 11.11
C LYS B 276 24.03 -17.86 11.56
N ARG B 277 22.94 -18.46 11.10
CA ARG B 277 21.60 -17.96 11.37
C ARG B 277 20.78 -18.90 12.25
N ILE B 278 21.36 -19.99 12.74
CA ILE B 278 20.62 -20.91 13.58
C ILE B 278 20.40 -20.27 14.95
N GLN B 279 19.23 -20.52 15.52
CA GLN B 279 18.92 -20.17 16.90
C GLN B 279 18.66 -21.45 17.67
N MET B 280 19.40 -21.66 18.77
CA MET B 280 19.26 -22.89 19.52
C MET B 280 19.45 -22.63 21.01
N TYR B 281 18.82 -23.48 21.81
CA TYR B 281 18.90 -23.38 23.27
C TYR B 281 20.04 -24.22 23.85
N GLY B 282 20.25 -25.42 23.34
CA GLY B 282 21.27 -26.30 23.87
C GLY B 282 21.22 -27.62 23.13
N ALA B 283 22.23 -28.45 23.40
CA ALA B 283 22.36 -29.70 22.68
C ALA B 283 23.02 -30.74 23.59
N TYR B 284 22.52 -31.97 23.50
CA TYR B 284 23.09 -33.12 24.20
C TYR B 284 23.69 -34.06 23.18
N LEU B 285 24.91 -34.53 23.44
CA LEU B 285 25.48 -35.63 22.67
C LEU B 285 25.27 -36.92 23.44
N ARG B 286 24.32 -37.73 22.97
CA ARG B 286 23.87 -38.92 23.69
C ARG B 286 24.44 -40.16 23.04
N ILE B 287 25.10 -40.99 23.84
CA ILE B 287 25.65 -42.27 23.41
C ILE B 287 24.89 -43.38 24.12
N HIS B 288 24.78 -44.54 23.47
CA HIS B 288 24.04 -45.65 24.04
C HIS B 288 24.34 -46.91 23.24
N ALA B 289 24.42 -48.04 23.94
CA ALA B 289 24.67 -49.30 23.27
C ALA B 289 23.55 -49.62 22.30
N HIS B 290 23.92 -50.15 21.13
CA HIS B 290 22.93 -50.37 20.08
C HIS B 290 22.02 -51.56 20.39
N PHE B 291 22.46 -52.46 21.27
CA PHE B 291 21.66 -53.64 21.58
C PHE B 291 20.42 -53.22 22.36
N THR B 292 19.27 -53.12 21.68
CA THR B 292 18.03 -52.70 22.31
C THR B 292 16.96 -53.77 22.18
N GLY B 293 16.80 -54.31 20.96
CA GLY B 293 15.78 -55.32 20.74
C GLY B 293 14.38 -54.71 20.79
N LEU B 294 13.41 -55.51 21.23
CA LEU B 294 12.03 -55.05 21.30
C LEU B 294 11.86 -53.95 22.32
N ARG B 295 12.82 -53.77 23.23
CA ARG B 295 12.71 -52.73 24.24
C ARG B 295 12.77 -51.32 23.67
N TYR B 296 13.15 -51.18 22.40
CA TYR B 296 13.24 -49.85 21.80
C TYR B 296 11.91 -49.13 21.80
N LEU B 297 10.80 -49.88 21.76
CA LEU B 297 9.48 -49.26 21.71
C LEU B 297 9.18 -48.42 22.94
N LEU B 298 9.83 -48.71 24.07
CA LEU B 298 9.58 -47.95 25.29
C LEU B 298 10.00 -46.50 25.16
N TYR B 299 10.88 -46.18 24.21
CA TYR B 299 11.34 -44.81 24.03
C TYR B 299 10.34 -43.94 23.27
N ASN B 300 9.27 -44.52 22.74
CA ASN B 300 8.26 -43.76 22.02
C ASN B 300 7.61 -42.73 22.94
N PRO C 129 8.21 -60.66 4.82
CA PRO C 129 9.55 -60.27 4.39
C PRO C 129 9.66 -60.09 2.87
N THR C 130 10.71 -59.42 2.43
CA THR C 130 10.95 -59.19 1.01
C THR C 130 12.45 -59.20 0.75
N VAL C 131 12.82 -59.60 -0.47
CA VAL C 131 14.22 -59.63 -0.87
C VAL C 131 14.64 -58.22 -1.22
N SER C 132 15.14 -57.48 -0.25
CA SER C 132 15.44 -56.07 -0.44
C SER C 132 16.42 -55.62 0.63
N HIS C 133 17.11 -54.52 0.35
CA HIS C 133 17.92 -53.84 1.34
C HIS C 133 17.79 -52.34 1.13
N LEU C 134 17.69 -51.62 2.24
CA LEU C 134 17.52 -50.17 2.23
C LEU C 134 18.85 -49.54 2.60
N SER C 135 19.38 -48.71 1.71
CA SER C 135 20.65 -48.04 1.95
C SER C 135 20.39 -46.55 2.11
N PRO C 136 20.07 -46.07 3.32
CA PRO C 136 19.72 -44.66 3.46
C PRO C 136 20.85 -43.76 2.99
N VAL C 137 20.47 -42.66 2.33
CA VAL C 137 21.41 -41.75 1.70
C VAL C 137 21.64 -40.57 2.64
N HIS C 138 22.91 -40.24 2.87
CA HIS C 138 23.29 -39.12 3.74
C HIS C 138 23.98 -38.08 2.85
N PHE C 139 23.23 -37.06 2.47
CA PHE C 139 23.78 -36.02 1.60
C PHE C 139 24.66 -35.06 2.41
N HIS C 140 25.81 -34.70 1.83
CA HIS C 140 26.67 -33.67 2.39
C HIS C 140 27.08 -32.72 1.29
N TYR C 141 27.49 -31.52 1.70
CA TYR C 141 27.72 -30.43 0.77
C TYR C 141 28.58 -29.35 1.42
N ARG C 142 29.11 -28.47 0.58
CA ARG C 142 30.04 -27.44 1.00
C ARG C 142 29.31 -26.31 1.73
N THR C 143 30.05 -25.59 2.57
CA THR C 143 29.43 -24.56 3.41
C THR C 143 30.29 -23.30 3.59
N ASP C 144 31.22 -23.00 2.69
CA ASP C 144 32.17 -21.91 2.90
C ASP C 144 31.76 -20.59 2.26
N CYS C 145 30.70 -20.55 1.47
CA CYS C 145 30.36 -19.33 0.74
C CYS C 145 29.65 -18.34 1.66
N ASP C 146 29.06 -17.30 1.09
CA ASP C 146 28.37 -16.30 1.90
C ASP C 146 27.21 -16.92 2.67
N SER C 147 26.39 -17.73 1.99
CA SER C 147 25.28 -18.44 2.62
C SER C 147 24.31 -17.50 3.32
N SER C 148 24.08 -16.32 2.74
CA SER C 148 23.15 -15.35 3.31
C SER C 148 21.72 -15.56 2.86
N THR C 149 21.37 -16.77 2.43
CA THR C 149 20.05 -17.06 1.90
C THR C 149 19.77 -18.54 2.11
N ALA C 150 18.50 -18.91 1.99
CA ALA C 150 18.12 -20.32 2.12
C ALA C 150 18.81 -21.21 1.11
N SER C 151 19.26 -20.65 -0.01
CA SER C 151 19.97 -21.44 -1.01
C SER C 151 21.30 -21.92 -0.45
N LEU C 152 21.60 -23.19 -0.69
CA LEU C 152 22.85 -23.78 -0.22
C LEU C 152 24.01 -23.32 -1.09
N CYS C 153 25.18 -23.93 -0.84
CA CYS C 153 26.39 -23.50 -1.52
C CYS C 153 26.68 -24.33 -2.76
N SER C 154 26.66 -25.66 -2.63
CA SER C 154 27.02 -26.54 -3.73
C SER C 154 25.91 -27.57 -3.92
N PHE C 155 25.98 -28.27 -5.03
CA PHE C 155 24.94 -29.24 -5.38
C PHE C 155 24.94 -30.37 -4.38
N PRO C 156 23.79 -30.69 -3.76
CA PRO C 156 23.73 -31.88 -2.91
C PRO C 156 24.17 -33.13 -3.64
N VAL C 157 25.15 -33.84 -3.07
CA VAL C 157 25.61 -35.12 -3.58
C VAL C 157 25.72 -36.07 -2.41
N ALA C 158 25.83 -37.36 -2.72
CA ALA C 158 25.95 -38.38 -1.68
C ALA C 158 26.66 -39.59 -2.23
N ASN C 159 27.14 -40.42 -1.30
CA ASN C 159 27.75 -41.70 -1.63
C ASN C 159 27.11 -42.78 -0.75
N VAL C 160 26.84 -43.93 -1.32
CA VAL C 160 26.17 -45.02 -0.62
C VAL C 160 26.86 -46.32 -0.96
N SER C 161 26.98 -47.20 0.03
CA SER C 161 27.65 -48.48 -0.11
C SER C 161 26.61 -49.59 -0.13
N LEU C 162 26.68 -50.44 -1.16
CA LEU C 162 25.69 -51.48 -1.38
C LEU C 162 26.13 -52.83 -0.86
N ALA C 163 27.28 -52.93 -0.20
CA ALA C 163 27.76 -54.21 0.33
C ALA C 163 26.82 -54.72 1.42
N ARG C 169 23.82 -61.94 -1.06
CA ARG C 169 23.64 -60.74 -1.87
C ARG C 169 22.21 -60.64 -2.39
N VAL C 170 21.64 -59.45 -2.27
CA VAL C 170 20.33 -59.20 -2.88
C VAL C 170 20.42 -59.29 -4.39
N LEU C 171 21.49 -58.74 -4.96
CA LEU C 171 21.68 -58.79 -6.41
C LEU C 171 22.11 -60.18 -6.84
N MET C 172 21.58 -60.63 -7.97
CA MET C 172 21.95 -61.91 -8.54
C MET C 172 21.99 -61.80 -10.05
N TYR C 173 22.76 -62.67 -10.68
CA TYR C 173 22.97 -62.58 -12.12
C TYR C 173 21.67 -62.83 -12.86
N GLY C 174 21.41 -62.00 -13.87
CA GLY C 174 20.28 -62.19 -14.76
C GLY C 174 18.97 -61.60 -14.25
N GLN C 175 18.72 -61.71 -12.95
CA GLN C 175 17.42 -61.30 -12.42
C GLN C 175 17.28 -59.77 -12.50
N PRO C 176 16.21 -59.26 -13.09
CA PRO C 176 16.00 -57.81 -13.08
C PRO C 176 15.67 -57.30 -11.68
N TYR C 177 16.09 -56.08 -11.39
CA TYR C 177 15.86 -55.47 -10.09
C TYR C 177 15.41 -54.03 -10.26
N ARG C 178 14.59 -53.58 -9.31
CA ARG C 178 14.06 -52.24 -9.30
C ARG C 178 14.81 -51.40 -8.27
N VAL C 179 15.42 -50.31 -8.73
CA VAL C 179 16.19 -49.41 -7.88
C VAL C 179 15.49 -48.07 -7.89
N THR C 180 15.14 -47.58 -6.69
CA THR C 180 14.42 -46.32 -6.56
C THR C 180 14.99 -45.54 -5.39
N LEU C 181 14.76 -44.23 -5.41
CA LEU C 181 15.17 -43.34 -4.34
C LEU C 181 13.94 -42.61 -3.82
N GLU C 182 13.38 -43.10 -2.72
CA GLU C 182 12.24 -42.47 -2.09
C GLU C 182 12.74 -41.24 -1.35
N LEU C 183 12.28 -40.07 -1.76
CA LEU C 183 12.85 -38.80 -1.33
C LEU C 183 11.83 -38.06 -0.49
N GLU C 184 12.24 -37.65 0.70
CA GLU C 184 11.33 -37.11 1.71
C GLU C 184 11.42 -35.59 1.69
N LEU C 185 10.46 -34.96 1.03
CA LEU C 185 10.42 -33.52 0.87
C LEU C 185 9.29 -32.93 1.70
N PRO C 186 9.55 -31.94 2.55
CA PRO C 186 8.44 -31.23 3.18
C PRO C 186 7.72 -30.34 2.17
N GLU C 187 6.49 -29.98 2.51
CA GLU C 187 5.67 -29.13 1.64
C GLU C 187 5.88 -27.67 1.98
N SER C 188 7.06 -27.32 2.48
CA SER C 188 7.35 -25.95 2.87
C SER C 188 7.27 -25.03 1.66
N PRO C 189 6.88 -23.77 1.85
CA PRO C 189 6.70 -22.89 0.70
C PRO C 189 7.91 -22.78 -0.20
N VAL C 190 9.11 -22.83 0.35
CA VAL C 190 10.32 -22.72 -0.47
C VAL C 190 10.35 -23.85 -1.49
N ASN C 191 9.88 -25.04 -1.10
CA ASN C 191 9.92 -26.18 -1.99
C ASN C 191 8.89 -26.11 -3.10
N GLN C 192 7.74 -25.46 -2.86
CA GLN C 192 6.71 -25.38 -3.89
C GLN C 192 7.11 -24.46 -5.03
N ASP C 193 7.85 -23.39 -4.74
CA ASP C 193 8.39 -22.53 -5.79
C ASP C 193 9.67 -23.09 -6.40
N LEU C 194 10.18 -24.21 -5.87
CA LEU C 194 11.42 -24.77 -6.38
C LEU C 194 11.32 -25.13 -7.84
N GLY C 195 10.23 -25.78 -8.23
CA GLY C 195 10.13 -26.23 -9.60
C GLY C 195 10.89 -27.53 -9.80
N MET C 196 10.95 -27.96 -11.06
CA MET C 196 11.58 -29.22 -11.39
C MET C 196 13.07 -29.17 -11.09
N PHE C 197 13.63 -30.34 -10.78
CA PHE C 197 15.05 -30.49 -10.53
C PHE C 197 15.46 -31.90 -10.89
N LEU C 198 16.67 -32.04 -11.42
CA LEU C 198 17.15 -33.33 -11.89
C LEU C 198 17.81 -34.10 -10.76
N VAL C 199 17.52 -35.40 -10.69
CA VAL C 199 18.15 -36.32 -9.75
C VAL C 199 18.83 -37.41 -10.56
N THR C 200 20.11 -37.62 -10.32
CA THR C 200 20.90 -38.58 -11.09
C THR C 200 21.51 -39.61 -10.15
N VAL C 201 21.66 -40.83 -10.67
CA VAL C 201 22.28 -41.93 -9.94
C VAL C 201 23.42 -42.48 -10.79
N SER C 202 24.52 -42.83 -10.12
CA SER C 202 25.70 -43.36 -10.79
C SER C 202 26.20 -44.58 -10.02
N CYS C 203 25.91 -45.76 -10.55
CA CYS C 203 26.41 -46.99 -9.95
C CYS C 203 27.89 -47.16 -10.25
N TYR C 204 28.56 -47.97 -9.42
CA TYR C 204 29.97 -48.24 -9.62
C TYR C 204 30.35 -49.54 -8.92
N THR C 205 31.56 -50.02 -9.23
CA THR C 205 32.07 -51.27 -8.71
C THR C 205 32.97 -51.05 -7.50
N ARG C 206 33.42 -52.15 -6.91
CA ARG C 206 34.36 -52.06 -5.80
C ARG C 206 35.64 -51.33 -6.20
N GLY C 207 36.06 -51.47 -7.46
CA GLY C 207 37.22 -50.76 -7.95
C GLY C 207 36.99 -49.33 -8.31
N GLY C 208 35.75 -48.83 -8.14
CA GLY C 208 35.42 -47.47 -8.48
C GLY C 208 34.92 -47.27 -9.90
N ARG C 209 35.07 -48.27 -10.77
CA ARG C 209 34.62 -48.14 -12.14
C ARG C 209 33.12 -47.92 -12.17
N ILE C 210 32.67 -47.01 -13.04
CA ILE C 210 31.26 -46.69 -13.14
C ILE C 210 30.58 -47.71 -14.05
N ILE C 211 29.58 -48.41 -13.50
CA ILE C 211 28.88 -49.43 -14.28
C ILE C 211 27.90 -48.79 -15.25
N SER C 212 27.01 -47.94 -14.74
CA SER C 212 26.00 -47.31 -15.56
C SER C 212 25.63 -45.97 -14.94
N THR C 213 25.08 -45.09 -15.78
CA THR C 213 24.64 -43.76 -15.35
C THR C 213 23.18 -43.57 -15.74
N SER C 214 22.41 -42.96 -14.86
CA SER C 214 20.99 -42.74 -15.08
C SER C 214 20.57 -41.41 -14.51
N SER C 215 19.45 -40.89 -14.99
CA SER C 215 18.90 -39.63 -14.51
C SER C 215 17.39 -39.62 -14.69
N ARG C 216 16.69 -39.03 -13.72
CA ARG C 216 15.25 -38.84 -13.79
C ARG C 216 14.91 -37.50 -13.16
N SER C 217 13.97 -36.78 -13.78
CA SER C 217 13.53 -35.50 -13.25
C SER C 217 12.34 -35.70 -12.34
N VAL C 218 12.42 -35.13 -11.13
CA VAL C 218 11.38 -35.29 -10.12
C VAL C 218 10.95 -33.91 -9.64
N MET C 219 9.69 -33.83 -9.21
CA MET C 219 9.13 -32.57 -8.75
C MET C 219 8.09 -32.83 -7.68
N LEU C 220 8.10 -32.01 -6.64
CA LEU C 220 7.13 -32.13 -5.57
C LEU C 220 5.73 -31.89 -6.12
N HIS C 221 4.79 -32.73 -5.72
CA HIS C 221 3.44 -32.66 -6.25
C HIS C 221 2.74 -31.39 -5.80
N TYR C 222 1.95 -30.80 -6.69
CA TYR C 222 1.32 -29.52 -6.40
C TYR C 222 0.00 -29.73 -5.66
N ARG C 223 -0.26 -28.86 -4.68
CA ARG C 223 -1.51 -28.86 -3.95
C ARG C 223 -1.91 -27.42 -3.68
N SER C 224 -3.13 -27.05 -4.05
CA SER C 224 -3.57 -25.67 -3.92
C SER C 224 -3.60 -25.24 -2.47
N GLN C 225 -3.60 -23.92 -2.26
CA GLN C 225 -3.64 -23.40 -0.91
C GLN C 225 -4.92 -23.80 -0.19
N LEU C 226 -6.05 -23.78 -0.89
CA LEU C 226 -7.29 -24.24 -0.28
C LEU C 226 -7.21 -25.72 0.07
N LEU C 227 -6.62 -26.53 -0.82
CA LEU C 227 -6.48 -27.95 -0.54
C LEU C 227 -5.61 -28.19 0.68
N GLN C 228 -4.50 -27.47 0.79
CA GLN C 228 -3.60 -27.66 1.93
C GLN C 228 -4.32 -27.34 3.24
N VAL C 229 -5.07 -26.25 3.27
CA VAL C 229 -5.80 -25.88 4.48
C VAL C 229 -6.80 -26.96 4.83
N LEU C 230 -7.42 -27.57 3.82
CA LEU C 230 -8.35 -28.66 4.08
C LEU C 230 -7.61 -29.88 4.60
N ASP C 231 -6.42 -30.15 4.07
CA ASP C 231 -5.61 -31.25 4.58
C ASP C 231 -5.17 -30.99 6.01
N THR C 232 -4.63 -29.79 6.26
CA THR C 232 -4.20 -29.45 7.61
C THR C 232 -5.33 -29.58 8.61
N LEU C 233 -6.55 -29.23 8.19
CA LEU C 233 -7.68 -29.25 9.12
C LEU C 233 -8.15 -30.67 9.36
N LEU C 234 -8.59 -31.37 8.31
CA LEU C 234 -9.20 -32.69 8.49
C LEU C 234 -8.21 -33.74 9.00
N PHE C 235 -6.92 -33.56 8.73
CA PHE C 235 -5.89 -34.45 9.26
C PHE C 235 -5.19 -33.86 10.47
N SER C 236 -5.81 -32.89 11.15
CA SER C 236 -5.20 -32.30 12.33
C SER C 236 -5.00 -33.36 13.41
N SER C 237 -5.96 -34.26 13.59
CA SER C 237 -5.88 -35.27 14.64
C SER C 237 -4.65 -36.16 14.52
N LEU C 238 -4.06 -36.26 13.33
CA LEU C 238 -2.82 -37.00 13.14
C LEU C 238 -1.60 -36.09 13.14
N LEU C 239 -1.71 -34.91 12.53
CA LEU C 239 -0.57 -34.00 12.48
C LEU C 239 -0.15 -33.55 13.87
N LEU C 240 -1.12 -33.22 14.73
CA LEU C 240 -0.81 -32.66 16.04
C LEU C 240 -0.14 -33.69 16.94
N PHE C 241 -0.68 -34.90 17.01
CA PHE C 241 -0.13 -35.95 17.85
C PHE C 241 1.08 -36.62 17.23
N GLY C 242 1.58 -36.12 16.09
CA GLY C 242 2.79 -36.65 15.51
C GLY C 242 2.62 -37.88 14.65
N PHE C 243 1.39 -38.37 14.48
CA PHE C 243 1.16 -39.52 13.62
C PHE C 243 1.27 -39.18 12.14
N ALA C 244 1.02 -37.93 11.76
CA ALA C 244 1.11 -37.49 10.38
C ALA C 244 1.97 -36.24 10.32
N GLU C 245 2.53 -35.99 9.14
CA GLU C 245 3.39 -34.82 8.95
C GLU C 245 3.23 -34.31 7.53
N GLN C 246 3.46 -33.02 7.34
CA GLN C 246 3.27 -32.37 6.05
C GLN C 246 4.52 -32.58 5.19
N LYS C 247 4.62 -33.80 4.67
CA LYS C 247 5.76 -34.19 3.86
C LYS C 247 5.29 -35.10 2.74
N GLN C 248 6.09 -35.16 1.68
CA GLN C 248 5.81 -35.99 0.53
C GLN C 248 6.97 -36.94 0.28
N LEU C 249 6.64 -38.18 -0.06
CA LEU C 249 7.61 -39.16 -0.52
C LEU C 249 7.55 -39.24 -2.03
N LEU C 250 8.68 -38.99 -2.69
CA LEU C 250 8.76 -39.01 -4.15
C LEU C 250 9.51 -40.26 -4.58
N GLU C 251 8.83 -41.11 -5.37
CA GLU C 251 9.39 -42.39 -5.79
C GLU C 251 10.12 -42.20 -7.12
N VAL C 252 11.33 -41.66 -7.02
CA VAL C 252 12.17 -41.49 -8.20
C VAL C 252 12.73 -42.84 -8.60
N GLU C 253 12.12 -43.47 -9.61
CA GLU C 253 12.50 -44.82 -10.05
C GLU C 253 13.61 -44.69 -11.08
N LEU C 254 14.84 -44.82 -10.60
CA LEU C 254 16.00 -44.66 -11.46
C LEU C 254 16.22 -45.87 -12.35
N TYR C 255 15.57 -46.99 -12.05
CA TYR C 255 15.80 -48.24 -12.76
C TYR C 255 14.61 -49.15 -12.57
N SER C 256 13.91 -49.47 -13.66
CA SER C 256 12.84 -50.45 -13.61
C SER C 256 13.31 -51.85 -13.94
N ASP C 257 14.49 -52.00 -14.56
CA ASP C 257 15.07 -53.30 -14.88
C ASP C 257 16.59 -53.19 -14.73
N TYR C 258 17.10 -53.66 -13.59
CA TYR C 258 18.52 -53.71 -13.31
C TYR C 258 18.93 -55.16 -13.06
N ARG C 259 20.06 -55.57 -13.64
CA ARG C 259 20.53 -56.95 -13.55
C ARG C 259 22.02 -56.98 -13.26
N GLU C 260 22.44 -57.97 -12.49
CA GLU C 260 23.84 -58.12 -12.13
C GLU C 260 24.64 -58.66 -13.31
N ASN C 261 25.89 -58.21 -13.42
CA ASN C 261 26.80 -58.63 -14.47
C ASN C 261 27.88 -59.52 -13.87
N SER C 262 28.14 -60.66 -14.53
CA SER C 262 29.13 -61.59 -14.01
C SER C 262 30.52 -60.95 -13.93
N TYR C 263 30.90 -60.18 -14.95
CA TYR C 263 32.23 -59.57 -14.99
C TYR C 263 32.28 -58.20 -14.32
N VAL C 264 31.15 -57.67 -13.86
CA VAL C 264 31.09 -56.34 -13.27
C VAL C 264 30.19 -56.38 -12.05
N PRO C 265 30.73 -56.47 -10.83
CA PRO C 265 29.87 -56.52 -9.64
C PRO C 265 29.51 -55.13 -9.14
N THR C 266 28.27 -54.99 -8.67
CA THR C 266 27.82 -53.73 -8.09
C THR C 266 28.30 -53.59 -6.66
N THR C 267 28.83 -52.42 -6.31
CA THR C 267 29.34 -52.17 -4.97
C THR C 267 28.75 -50.94 -4.29
N GLY C 268 28.48 -49.86 -5.00
CA GLY C 268 27.96 -48.66 -4.38
C GLY C 268 27.49 -47.69 -5.44
N ALA C 269 26.83 -46.62 -4.98
CA ALA C 269 26.21 -45.66 -5.87
C ALA C 269 26.43 -44.25 -5.37
N ILE C 270 26.54 -43.31 -6.32
CA ILE C 270 26.56 -41.89 -6.03
C ILE C 270 25.23 -41.30 -6.49
N ILE C 271 24.58 -40.54 -5.62
CA ILE C 271 23.25 -40.02 -5.88
C ILE C 271 23.30 -38.51 -5.74
N GLU C 272 22.65 -37.80 -6.66
CA GLU C 272 22.75 -36.35 -6.72
C GLU C 272 21.37 -35.76 -6.92
N ILE C 273 21.21 -34.52 -6.46
CA ILE C 273 19.99 -33.75 -6.63
C ILE C 273 20.41 -32.37 -7.09
N HIS C 274 20.34 -32.11 -8.40
CA HIS C 274 20.94 -30.93 -9.00
C HIS C 274 20.14 -29.67 -8.68
N SER C 275 20.12 -29.26 -7.42
CA SER C 275 19.41 -28.06 -7.01
C SER C 275 20.00 -27.53 -5.71
N LYS C 276 20.17 -26.21 -5.65
CA LYS C 276 20.70 -25.58 -4.46
C LYS C 276 19.63 -25.11 -3.49
N ARG C 277 18.37 -25.47 -3.73
CA ARG C 277 17.27 -25.01 -2.89
C ARG C 277 16.36 -26.13 -2.42
N ILE C 278 16.77 -27.38 -2.56
CA ILE C 278 15.91 -28.51 -2.24
C ILE C 278 15.96 -28.79 -0.75
N GLN C 279 14.92 -28.39 -0.02
CA GLN C 279 14.82 -28.73 1.40
C GLN C 279 14.33 -30.16 1.55
N MET C 280 15.11 -31.01 2.21
CA MET C 280 14.74 -32.41 2.34
C MET C 280 15.19 -32.95 3.69
N TYR C 281 14.51 -34.01 4.14
CA TYR C 281 14.80 -34.65 5.40
C TYR C 281 15.74 -35.84 5.26
N GLY C 282 15.55 -36.66 4.24
CA GLY C 282 16.36 -37.85 4.05
C GLY C 282 15.84 -38.65 2.89
N ALA C 283 16.63 -39.65 2.50
CA ALA C 283 16.31 -40.45 1.33
C ALA C 283 16.79 -41.88 1.53
N TYR C 284 16.02 -42.82 1.01
CA TYR C 284 16.37 -44.23 1.00
C TYR C 284 16.52 -44.70 -0.44
N LEU C 285 17.62 -45.39 -0.73
CA LEU C 285 17.78 -46.07 -2.00
C LEU C 285 17.31 -47.50 -1.83
N ARG C 286 16.10 -47.79 -2.29
CA ARG C 286 15.45 -49.07 -2.06
C ARG C 286 15.58 -49.94 -3.30
N ILE C 287 16.12 -51.14 -3.12
CA ILE C 287 16.23 -52.14 -4.17
C ILE C 287 15.31 -53.30 -3.83
N HIS C 288 14.66 -53.86 -4.84
CA HIS C 288 13.71 -54.94 -4.64
C HIS C 288 13.64 -55.79 -5.91
N ALA C 289 13.53 -57.10 -5.73
CA ALA C 289 13.35 -57.99 -6.87
C ALA C 289 12.07 -57.64 -7.61
N HIS C 290 12.15 -57.63 -8.94
CA HIS C 290 11.03 -57.18 -9.74
C HIS C 290 9.86 -58.15 -9.73
N PHE C 291 10.08 -59.40 -9.32
CA PHE C 291 9.00 -60.37 -9.32
C PHE C 291 7.94 -59.98 -8.28
N THR C 292 6.81 -59.47 -8.77
CA THR C 292 5.71 -59.09 -7.88
C THR C 292 4.51 -59.99 -8.13
N GLY C 293 4.06 -60.05 -9.38
CA GLY C 293 2.95 -60.92 -9.74
C GLY C 293 1.74 -60.65 -8.88
N LEU C 294 1.13 -61.73 -8.38
CA LEU C 294 -0.05 -61.59 -7.52
C LEU C 294 0.30 -60.94 -6.19
N ARG C 295 1.58 -60.92 -5.83
CA ARG C 295 1.98 -60.38 -4.54
C ARG C 295 1.76 -58.88 -4.41
N TYR C 296 1.46 -58.20 -5.52
CA TYR C 296 1.19 -56.76 -5.44
C TYR C 296 0.04 -56.46 -4.49
N LEU C 297 -0.91 -57.39 -4.35
CA LEU C 297 -2.04 -57.16 -3.46
C LEU C 297 -1.59 -56.90 -2.03
N LEU C 298 -0.49 -57.50 -1.59
CA LEU C 298 0.03 -57.23 -0.25
C LEU C 298 0.60 -55.83 -0.15
N TYR C 299 1.10 -55.27 -1.25
CA TYR C 299 1.65 -53.93 -1.25
C TYR C 299 0.60 -52.86 -1.46
N ASN C 300 -0.50 -53.19 -2.14
CA ASN C 300 -1.56 -52.23 -2.41
C ASN C 300 -2.18 -51.73 -1.10
N PRO D 129 -8.15 -55.54 -24.16
CA PRO D 129 -6.78 -55.37 -24.65
C PRO D 129 -6.70 -54.46 -25.87
N THR D 130 -5.49 -53.96 -26.16
CA THR D 130 -5.25 -53.08 -27.29
C THR D 130 -3.88 -53.36 -27.88
N VAL D 131 -3.77 -53.27 -29.21
CA VAL D 131 -2.50 -53.44 -29.87
C VAL D 131 -1.74 -52.13 -29.75
N SER D 132 -0.95 -52.01 -28.69
CA SER D 132 -0.30 -50.74 -28.36
C SER D 132 0.89 -51.01 -27.47
N HIS D 133 1.82 -50.05 -27.45
CA HIS D 133 2.93 -50.07 -26.53
C HIS D 133 3.16 -48.65 -26.02
N LEU D 134 3.27 -48.54 -24.70
CA LEU D 134 3.49 -47.26 -24.04
C LEU D 134 4.97 -47.15 -23.69
N SER D 135 5.64 -46.17 -24.30
CA SER D 135 7.05 -45.96 -24.06
C SER D 135 7.21 -44.73 -23.19
N PRO D 136 7.18 -44.85 -21.85
CA PRO D 136 7.25 -43.66 -21.02
C PRO D 136 8.51 -42.86 -21.30
N VAL D 137 8.36 -41.53 -21.28
CA VAL D 137 9.41 -40.62 -21.69
C VAL D 137 10.07 -40.07 -20.42
N HIS D 138 11.40 -40.08 -20.39
CA HIS D 138 12.16 -39.60 -19.24
C HIS D 138 12.97 -38.38 -19.71
N PHE D 139 12.41 -37.20 -19.46
CA PHE D 139 13.06 -35.97 -19.90
C PHE D 139 14.23 -35.62 -18.99
N HIS D 140 15.37 -35.31 -19.60
CA HIS D 140 16.54 -34.84 -18.86
C HIS D 140 17.06 -33.58 -19.53
N TYR D 141 17.89 -32.84 -18.79
CA TYR D 141 18.31 -31.51 -19.23
C TYR D 141 19.50 -31.05 -18.40
N ARG D 142 20.14 -29.99 -18.88
CA ARG D 142 21.34 -29.45 -18.28
C ARG D 142 21.00 -28.66 -17.01
N THR D 143 21.99 -28.53 -16.12
CA THR D 143 21.77 -27.88 -14.84
C THR D 143 22.92 -27.00 -14.35
N ASP D 144 23.83 -26.56 -15.22
CA ASP D 144 25.08 -25.95 -14.79
C ASP D 144 25.04 -24.43 -14.70
N CYS D 145 23.92 -23.79 -15.03
CA CYS D 145 23.89 -22.33 -15.06
C CYS D 145 23.67 -21.80 -13.64
N ASP D 146 23.37 -20.51 -13.53
CA ASP D 146 23.10 -19.94 -12.22
C ASP D 146 21.88 -20.59 -11.57
N SER D 147 20.80 -20.76 -12.32
CA SER D 147 19.60 -21.43 -11.84
C SER D 147 19.04 -20.80 -10.57
N SER D 148 19.04 -19.48 -10.49
CA SER D 148 18.52 -18.79 -9.31
C SER D 148 17.03 -18.49 -9.46
N THR D 149 16.33 -19.28 -10.27
CA THR D 149 14.93 -19.04 -10.56
C THR D 149 14.28 -20.36 -10.91
N ALA D 150 12.94 -20.37 -10.89
CA ALA D 150 12.20 -21.56 -11.27
C ALA D 150 12.45 -21.98 -12.71
N SER D 151 12.89 -21.06 -13.58
CA SER D 151 13.22 -21.39 -14.95
C SER D 151 14.44 -22.31 -14.99
N LEU D 152 14.42 -23.25 -15.93
CA LEU D 152 15.47 -24.24 -16.07
C LEU D 152 16.56 -23.72 -17.00
N CYS D 153 17.54 -24.59 -17.27
CA CYS D 153 18.70 -24.20 -18.07
C CYS D 153 18.44 -24.36 -19.56
N SER D 154 18.15 -25.58 -19.99
CA SER D 154 18.07 -25.89 -21.41
C SER D 154 16.72 -26.53 -21.71
N PHE D 155 16.38 -26.55 -22.99
CA PHE D 155 15.09 -27.07 -23.40
C PHE D 155 14.96 -28.54 -23.00
N PRO D 156 13.90 -28.92 -22.29
CA PRO D 156 13.68 -30.34 -22.04
C PRO D 156 13.67 -31.15 -23.33
N VAL D 157 14.39 -32.26 -23.32
CA VAL D 157 14.45 -33.18 -24.45
C VAL D 157 14.40 -34.60 -23.91
N ALA D 158 14.27 -35.56 -24.82
CA ALA D 158 14.24 -36.96 -24.42
C ALA D 158 14.61 -37.84 -25.60
N ASN D 159 14.99 -39.07 -25.29
CA ASN D 159 15.22 -40.10 -26.29
C ASN D 159 14.53 -41.36 -25.83
N VAL D 160 13.68 -41.92 -26.68
CA VAL D 160 12.84 -43.05 -26.34
C VAL D 160 13.05 -44.14 -27.37
N SER D 161 13.13 -45.38 -26.91
CA SER D 161 13.38 -46.54 -27.77
C SER D 161 12.07 -47.25 -28.05
N LEU D 162 11.75 -47.43 -29.34
CA LEU D 162 10.49 -48.00 -29.77
C LEU D 162 10.57 -49.49 -30.03
N ALA D 163 11.73 -50.11 -29.84
CA ALA D 163 11.88 -51.54 -30.04
C ALA D 163 11.15 -52.32 -28.94
N ARG D 169 5.86 -57.12 -33.45
CA ARG D 169 5.91 -55.66 -33.54
C ARG D 169 4.51 -55.07 -33.50
N VAL D 170 4.40 -53.85 -32.97
CA VAL D 170 3.14 -53.13 -33.01
C VAL D 170 2.97 -52.44 -34.36
N LEU D 171 4.06 -51.91 -34.90
CA LEU D 171 4.01 -51.28 -36.22
C LEU D 171 4.02 -52.34 -37.32
N MET D 172 3.23 -52.10 -38.36
CA MET D 172 3.16 -52.99 -39.51
C MET D 172 3.04 -52.16 -40.77
N TYR D 173 3.44 -52.75 -41.89
CA TYR D 173 3.46 -52.01 -43.15
C TYR D 173 2.05 -51.67 -43.59
N GLY D 174 1.87 -50.45 -44.09
CA GLY D 174 0.61 -50.03 -44.67
C GLY D 174 -0.41 -49.52 -43.66
N GLN D 175 -0.49 -50.18 -42.50
CA GLN D 175 -1.52 -49.85 -41.53
C GLN D 175 -1.27 -48.46 -40.94
N PRO D 176 -2.25 -47.57 -40.94
CA PRO D 176 -2.08 -46.29 -40.26
C PRO D 176 -2.06 -46.46 -38.74
N TYR D 177 -1.27 -45.61 -38.08
CA TYR D 177 -1.13 -45.67 -36.63
C TYR D 177 -1.20 -44.27 -36.05
N ARG D 178 -1.71 -44.19 -34.82
CA ARG D 178 -1.87 -42.93 -34.11
C ARG D 178 -0.80 -42.83 -33.02
N VAL D 179 0.01 -41.77 -33.09
CA VAL D 179 1.08 -41.53 -32.13
C VAL D 179 0.74 -40.26 -31.37
N THR D 180 0.65 -40.37 -30.05
CA THR D 180 0.33 -39.24 -29.19
C THR D 180 1.26 -39.23 -27.98
N LEU D 181 1.49 -38.06 -27.43
CA LEU D 181 2.25 -37.89 -26.19
C LEU D 181 1.33 -37.29 -25.14
N GLU D 182 0.87 -38.12 -24.22
CA GLU D 182 0.01 -37.67 -23.14
C GLU D 182 0.89 -37.06 -22.06
N LEU D 183 0.77 -35.76 -21.85
CA LEU D 183 1.70 -34.99 -21.04
C LEU D 183 0.99 -34.58 -19.75
N GLU D 184 1.64 -34.85 -18.62
CA GLU D 184 1.04 -34.70 -17.30
C GLU D 184 1.55 -33.40 -16.68
N LEU D 185 0.71 -32.36 -16.75
CA LEU D 185 1.05 -31.04 -16.26
C LEU D 185 0.21 -30.72 -15.04
N PRO D 186 0.81 -30.31 -13.92
CA PRO D 186 0.00 -29.79 -12.81
C PRO D 186 -0.58 -28.44 -13.13
N GLU D 187 -1.61 -28.06 -12.38
CA GLU D 187 -2.28 -26.79 -12.56
C GLU D 187 -1.64 -25.71 -11.70
N SER D 188 -0.34 -25.86 -11.43
CA SER D 188 0.35 -24.92 -10.56
C SER D 188 0.39 -23.54 -11.22
N PRO D 189 0.43 -22.47 -10.41
CA PRO D 189 0.39 -21.12 -11.01
C PRO D 189 1.47 -20.87 -12.05
N VAL D 190 2.67 -21.42 -11.86
CA VAL D 190 3.73 -21.19 -12.82
C VAL D 190 3.33 -21.72 -14.19
N ASN D 191 2.57 -22.81 -14.23
CA ASN D 191 2.14 -23.39 -15.49
C ASN D 191 1.02 -22.60 -16.15
N GLN D 192 0.10 -22.03 -15.37
CA GLN D 192 -1.01 -21.28 -15.96
C GLN D 192 -0.50 -20.03 -16.68
N ASP D 193 0.52 -19.39 -16.13
CA ASP D 193 1.13 -18.22 -16.77
C ASP D 193 2.14 -18.60 -17.85
N LEU D 194 2.37 -19.89 -18.05
CA LEU D 194 3.35 -20.34 -19.03
C LEU D 194 2.99 -19.90 -20.44
N GLY D 195 1.73 -20.03 -20.82
CA GLY D 195 1.35 -19.75 -22.19
C GLY D 195 1.69 -20.92 -23.10
N MET D 196 1.46 -20.70 -24.39
CA MET D 196 1.68 -21.76 -25.37
C MET D 196 3.16 -22.09 -25.47
N PHE D 197 3.44 -23.34 -25.79
CA PHE D 197 4.79 -23.84 -25.94
C PHE D 197 4.80 -24.96 -26.96
N LEU D 198 5.76 -24.91 -27.88
CA LEU D 198 5.81 -25.89 -28.95
C LEU D 198 6.31 -27.24 -28.44
N VAL D 199 5.79 -28.31 -29.04
CA VAL D 199 6.20 -29.67 -28.76
C VAL D 199 6.50 -30.34 -30.09
N THR D 200 7.65 -31.03 -30.17
CA THR D 200 8.08 -31.65 -31.41
C THR D 200 8.49 -33.09 -31.15
N VAL D 201 8.22 -33.95 -32.14
CA VAL D 201 8.64 -35.34 -32.13
C VAL D 201 9.43 -35.61 -33.40
N SER D 202 10.55 -36.30 -33.25
CA SER D 202 11.43 -36.62 -34.38
C SER D 202 11.71 -38.11 -34.37
N CYS D 203 11.02 -38.84 -35.24
CA CYS D 203 11.24 -40.27 -35.37
C CYS D 203 12.56 -40.53 -36.09
N TYR D 204 13.12 -41.71 -35.86
CA TYR D 204 14.36 -42.10 -36.52
C TYR D 204 14.49 -43.61 -36.49
N THR D 205 15.41 -44.13 -37.31
CA THR D 205 15.59 -45.55 -37.52
C THR D 205 16.61 -46.13 -36.53
N ARG D 206 16.89 -47.42 -36.70
CA ARG D 206 17.93 -48.06 -35.90
C ARG D 206 19.30 -47.45 -36.15
N GLY D 207 19.54 -47.00 -37.38
CA GLY D 207 20.79 -46.36 -37.73
C GLY D 207 20.87 -44.90 -37.38
N GLY D 208 19.85 -44.36 -36.72
CA GLY D 208 19.82 -42.96 -36.37
C GLY D 208 19.20 -42.05 -37.40
N ARG D 209 19.05 -42.52 -38.64
CA ARG D 209 18.49 -41.68 -39.69
C ARG D 209 17.08 -41.22 -39.31
N ILE D 210 16.81 -39.94 -39.53
CA ILE D 210 15.51 -39.37 -39.18
C ILE D 210 14.51 -39.70 -40.27
N ILE D 211 13.45 -40.42 -39.90
CA ILE D 211 12.44 -40.82 -40.88
C ILE D 211 11.52 -39.64 -41.19
N SER D 212 10.92 -39.06 -40.16
CA SER D 212 9.98 -37.95 -40.33
C SER D 212 10.07 -37.05 -39.12
N THR D 213 9.73 -35.77 -39.32
CA THR D 213 9.75 -34.77 -38.27
C THR D 213 8.38 -34.13 -38.17
N SER D 214 7.89 -33.98 -36.95
CA SER D 214 6.57 -33.44 -36.70
C SER D 214 6.63 -32.46 -35.54
N SER D 215 5.68 -31.53 -35.51
CA SER D 215 5.60 -30.54 -34.45
C SER D 215 4.16 -30.13 -34.22
N ARG D 216 3.81 -29.89 -32.96
CA ARG D 216 2.51 -29.40 -32.56
C ARG D 216 2.69 -28.39 -31.44
N SER D 217 1.66 -27.59 -31.22
CA SER D 217 1.63 -26.63 -30.13
C SER D 217 0.53 -27.01 -29.15
N VAL D 218 0.90 -27.12 -27.87
CA VAL D 218 -0.03 -27.53 -26.83
C VAL D 218 -0.02 -26.49 -25.73
N MET D 219 -1.13 -26.38 -25.01
CA MET D 219 -1.24 -25.45 -23.89
C MET D 219 -2.14 -26.05 -22.82
N LEU D 220 -1.80 -25.77 -21.58
CA LEU D 220 -2.62 -26.19 -20.45
C LEU D 220 -3.95 -25.45 -20.49
N HIS D 221 -5.04 -26.20 -20.31
CA HIS D 221 -6.36 -25.60 -20.44
C HIS D 221 -6.63 -24.60 -19.33
N TYR D 222 -7.34 -23.53 -19.66
CA TYR D 222 -7.59 -22.47 -18.70
C TYR D 222 -8.78 -22.82 -17.82
N ARG D 223 -8.68 -22.47 -16.54
CA ARG D 223 -9.77 -22.64 -15.60
C ARG D 223 -9.74 -21.48 -14.63
N SER D 224 -10.87 -20.79 -14.49
CA SER D 224 -10.91 -19.59 -13.67
C SER D 224 -10.61 -19.91 -12.21
N GLN D 225 -10.21 -18.88 -11.47
CA GLN D 225 -9.88 -19.07 -10.06
C GLN D 225 -11.09 -19.55 -9.27
N LEU D 226 -12.27 -18.99 -9.55
CA LEU D 226 -13.47 -19.46 -8.88
C LEU D 226 -13.76 -20.91 -9.23
N LEU D 227 -13.58 -21.28 -10.51
CA LEU D 227 -13.79 -22.67 -10.91
C LEU D 227 -12.84 -23.60 -10.18
N GLN D 228 -11.57 -23.21 -10.09
CA GLN D 228 -10.60 -24.03 -9.39
C GLN D 228 -10.99 -24.21 -7.93
N VAL D 229 -11.42 -23.14 -7.27
CA VAL D 229 -11.86 -23.25 -5.89
C VAL D 229 -13.05 -24.18 -5.79
N LEU D 230 -13.95 -24.12 -6.77
CA LEU D 230 -15.08 -25.03 -6.79
C LEU D 230 -14.64 -26.46 -7.08
N ASP D 231 -13.69 -26.62 -8.02
CA ASP D 231 -13.16 -27.94 -8.30
C ASP D 231 -12.44 -28.51 -7.09
N THR D 232 -11.61 -27.70 -6.43
CA THR D 232 -10.89 -28.17 -5.25
C THR D 232 -11.85 -28.56 -4.14
N LEU D 233 -12.99 -27.88 -4.04
CA LEU D 233 -13.91 -28.13 -2.95
C LEU D 233 -14.76 -29.37 -3.20
N LEU D 234 -15.54 -29.36 -4.28
CA LEU D 234 -16.47 -30.46 -4.54
C LEU D 234 -15.78 -31.78 -4.79
N PHE D 235 -14.53 -31.76 -5.26
CA PHE D 235 -13.74 -32.98 -5.43
C PHE D 235 -12.75 -33.18 -4.30
N SER D 236 -12.96 -32.52 -3.15
CA SER D 236 -12.05 -32.68 -2.02
C SER D 236 -12.01 -34.13 -1.56
N SER D 237 -13.15 -34.81 -1.59
CA SER D 237 -13.21 -36.19 -1.11
C SER D 237 -12.30 -37.13 -1.88
N LEU D 238 -11.88 -36.77 -3.09
CA LEU D 238 -10.94 -37.57 -3.86
C LEU D 238 -9.51 -37.05 -3.75
N LEU D 239 -9.33 -35.73 -3.79
CA LEU D 239 -7.99 -35.17 -3.73
C LEU D 239 -7.30 -35.50 -2.41
N LEU D 240 -8.04 -35.40 -1.30
CA LEU D 240 -7.44 -35.64 0.00
C LEU D 240 -6.98 -37.08 0.17
N PHE D 241 -7.76 -38.04 -0.33
CA PHE D 241 -7.43 -39.45 -0.21
C PHE D 241 -6.57 -39.95 -1.37
N GLY D 242 -6.16 -39.07 -2.27
CA GLY D 242 -5.28 -39.46 -3.36
C GLY D 242 -5.96 -40.09 -4.55
N PHE D 243 -7.29 -40.14 -4.57
CA PHE D 243 -8.00 -40.66 -5.74
C PHE D 243 -8.01 -39.68 -6.90
N ALA D 244 -7.86 -38.39 -6.65
CA ALA D 244 -7.78 -37.39 -7.70
C ALA D 244 -6.63 -36.45 -7.39
N GLU D 245 -6.12 -35.78 -8.42
CA GLU D 245 -5.01 -34.86 -8.25
C GLU D 245 -5.18 -33.69 -9.21
N GLN D 246 -4.63 -32.54 -8.83
CA GLN D 246 -4.79 -31.30 -9.59
C GLN D 246 -3.80 -31.27 -10.75
N LYS D 247 -4.11 -32.09 -11.75
CA LYS D 247 -3.24 -32.24 -12.91
C LYS D 247 -4.07 -32.43 -14.16
N GLN D 248 -3.48 -32.07 -15.29
CA GLN D 248 -4.12 -32.17 -16.59
C GLN D 248 -3.29 -33.07 -17.50
N LEU D 249 -3.96 -34.01 -18.17
CA LEU D 249 -3.35 -34.80 -19.23
C LEU D 249 -3.61 -34.10 -20.56
N LEU D 250 -2.54 -33.63 -21.20
CA LEU D 250 -2.63 -32.98 -22.49
C LEU D 250 -2.28 -33.98 -23.57
N GLU D 251 -3.22 -34.21 -24.49
CA GLU D 251 -3.09 -35.25 -25.51
C GLU D 251 -2.55 -34.61 -26.78
N VAL D 252 -1.25 -34.36 -26.79
CA VAL D 252 -0.57 -33.82 -27.97
C VAL D 252 -0.51 -34.92 -29.02
N GLU D 253 -1.36 -34.82 -30.05
CA GLU D 253 -1.42 -35.82 -31.11
C GLU D 253 -0.48 -35.39 -32.23
N LEU D 254 0.68 -36.03 -32.29
CA LEU D 254 1.68 -35.67 -33.28
C LEU D 254 1.51 -36.42 -34.60
N TYR D 255 0.63 -37.42 -34.63
CA TYR D 255 0.42 -38.21 -35.85
C TYR D 255 -0.95 -38.85 -35.77
N SER D 256 -1.88 -38.35 -36.58
CA SER D 256 -3.20 -38.97 -36.67
C SER D 256 -3.21 -40.19 -37.57
N ASP D 257 -2.26 -40.30 -38.49
CA ASP D 257 -2.14 -41.47 -39.38
C ASP D 257 -0.65 -41.68 -39.67
N TYR D 258 -0.07 -42.68 -39.00
CA TYR D 258 1.32 -43.06 -39.20
C TYR D 258 1.40 -44.48 -39.73
N ARG D 259 2.30 -44.69 -40.70
CA ARG D 259 2.44 -45.99 -41.36
C ARG D 259 3.89 -46.38 -41.47
N GLU D 260 4.14 -47.68 -41.54
CA GLU D 260 5.50 -48.20 -41.58
C GLU D 260 5.99 -48.30 -43.02
N ASN D 261 7.30 -48.10 -43.21
CA ASN D 261 7.94 -48.18 -44.51
C ASN D 261 8.78 -49.45 -44.56
N SER D 262 8.68 -50.18 -45.68
CA SER D 262 9.38 -51.45 -45.80
C SER D 262 10.89 -51.27 -45.71
N TYR D 263 11.43 -50.25 -46.38
CA TYR D 263 12.88 -50.04 -46.43
C TYR D 263 13.38 -49.14 -45.31
N VAL D 264 12.50 -48.60 -44.47
CA VAL D 264 12.91 -47.69 -43.40
C VAL D 264 12.15 -48.05 -42.13
N PRO D 265 12.72 -48.86 -41.24
CA PRO D 265 12.00 -49.27 -40.03
C PRO D 265 12.05 -48.22 -38.94
N THR D 266 10.98 -48.14 -38.15
CA THR D 266 10.94 -47.24 -37.01
C THR D 266 11.58 -47.89 -35.80
N THR D 267 12.53 -47.19 -35.19
CA THR D 267 13.26 -47.75 -34.04
C THR D 267 13.22 -46.90 -32.79
N GLY D 268 13.15 -45.58 -32.90
CA GLY D 268 13.13 -44.73 -31.72
C GLY D 268 12.69 -43.32 -32.10
N ALA D 269 12.46 -42.52 -31.07
CA ALA D 269 11.94 -41.17 -31.26
C ALA D 269 12.61 -40.20 -30.29
N ILE D 270 12.73 -38.95 -30.72
CA ILE D 270 13.20 -37.85 -29.89
C ILE D 270 12.04 -36.89 -29.69
N ILE D 271 11.74 -36.56 -28.45
CA ILE D 271 10.58 -35.77 -28.10
C ILE D 271 11.04 -34.56 -27.30
N GLU D 272 10.53 -33.39 -27.66
CA GLU D 272 11.00 -32.13 -27.10
C GLU D 272 9.82 -31.28 -26.67
N ILE D 273 10.05 -30.43 -25.68
CA ILE D 273 9.08 -29.46 -25.20
C ILE D 273 9.83 -28.14 -25.08
N HIS D 274 9.62 -27.24 -26.04
CA HIS D 274 10.45 -26.06 -26.21
C HIS D 274 10.15 -24.96 -25.21
N SER D 275 10.33 -25.22 -23.91
CA SER D 275 10.08 -24.23 -22.89
C SER D 275 10.96 -24.49 -21.69
N LYS D 276 11.52 -23.42 -21.13
CA LYS D 276 12.35 -23.52 -19.94
C LYS D 276 11.56 -23.32 -18.66
N ARG D 277 10.24 -23.15 -18.74
CA ARG D 277 9.43 -22.87 -17.57
C ARG D 277 8.37 -23.93 -17.32
N ILE D 278 8.30 -24.96 -18.14
CA ILE D 278 7.28 -25.99 -17.96
C ILE D 278 7.57 -26.78 -16.69
N GLN D 279 6.52 -27.13 -15.95
CA GLN D 279 6.58 -28.04 -14.82
C GLN D 279 5.77 -29.28 -15.19
N MET D 280 6.41 -30.44 -15.18
CA MET D 280 5.73 -31.66 -15.60
C MET D 280 6.18 -32.84 -14.75
N TYR D 281 5.27 -33.81 -14.61
CA TYR D 281 5.53 -35.03 -13.85
C TYR D 281 6.08 -36.15 -14.72
N GLY D 282 5.50 -36.38 -15.89
CA GLY D 282 5.93 -37.45 -16.75
C GLY D 282 5.11 -37.44 -18.03
N ALA D 283 5.52 -38.28 -18.96
CA ALA D 283 4.89 -38.31 -20.28
C ALA D 283 4.98 -39.71 -20.86
N TYR D 284 3.90 -40.13 -21.50
CA TYR D 284 3.83 -41.41 -22.20
C TYR D 284 3.66 -41.16 -23.69
N LEU D 285 4.51 -41.79 -24.50
CA LEU D 285 4.31 -41.81 -25.95
C LEU D 285 3.51 -43.05 -26.30
N ARG D 286 2.23 -42.86 -26.57
CA ARG D 286 1.29 -43.96 -26.78
C ARG D 286 1.04 -44.15 -28.27
N ILE D 287 1.28 -45.35 -28.76
CA ILE D 287 1.02 -45.73 -30.14
C ILE D 287 -0.10 -46.75 -30.15
N HIS D 288 -1.11 -46.53 -30.97
CA HIS D 288 -2.27 -47.41 -31.03
C HIS D 288 -2.76 -47.49 -32.47
N ALA D 289 -3.11 -48.70 -32.90
CA ALA D 289 -3.65 -48.88 -34.24
C ALA D 289 -4.90 -48.03 -34.42
N HIS D 290 -5.00 -47.38 -35.58
CA HIS D 290 -6.07 -46.42 -35.80
C HIS D 290 -7.44 -47.08 -35.91
N PHE D 291 -7.50 -48.37 -36.22
CA PHE D 291 -8.79 -49.04 -36.35
C PHE D 291 -9.52 -49.05 -35.02
N THR D 292 -10.59 -48.26 -34.92
CA THR D 292 -11.39 -48.19 -33.70
C THR D 292 -12.78 -48.75 -33.96
N GLY D 293 -13.46 -48.21 -34.95
CA GLY D 293 -14.79 -48.70 -35.29
C GLY D 293 -15.73 -48.65 -34.12
N LEU D 294 -16.48 -49.73 -33.90
CA LEU D 294 -17.41 -49.80 -32.78
C LEU D 294 -16.67 -49.87 -31.46
N ARG D 295 -15.37 -50.16 -31.47
CA ARG D 295 -14.63 -50.32 -30.23
C ARG D 295 -14.46 -49.01 -29.48
N TYR D 296 -14.80 -47.87 -30.10
CA TYR D 296 -14.66 -46.60 -29.41
C TYR D 296 -15.48 -46.57 -28.12
N LEU D 297 -16.59 -47.30 -28.08
CA LEU D 297 -17.42 -47.32 -26.87
C LEU D 297 -16.65 -47.79 -25.65
N LEU D 298 -15.68 -48.69 -25.83
CA LEU D 298 -14.86 -49.16 -24.72
C LEU D 298 -13.74 -48.17 -24.39
N TYR D 299 -13.25 -47.43 -25.37
CA TYR D 299 -12.18 -46.46 -25.14
C TYR D 299 -12.70 -45.12 -24.64
N ASN D 300 -14.01 -44.88 -24.69
CA ASN D 300 -14.57 -43.62 -24.25
C ASN D 300 -14.53 -43.51 -22.73
N PRO E 129 -25.61 -35.97 -44.43
CA PRO E 129 -24.32 -35.47 -44.90
C PRO E 129 -24.44 -34.13 -45.64
N THR E 130 -23.31 -33.46 -45.82
CA THR E 130 -23.25 -32.18 -46.51
C THR E 130 -21.94 -32.06 -47.26
N VAL E 131 -21.92 -31.18 -48.26
CA VAL E 131 -20.75 -30.97 -49.08
C VAL E 131 -19.78 -30.07 -48.31
N SER E 132 -18.88 -30.68 -47.55
CA SER E 132 -17.97 -29.92 -46.70
C SER E 132 -16.79 -30.81 -46.32
N HIS E 133 -15.70 -30.17 -45.91
CA HIS E 133 -14.57 -30.87 -45.34
C HIS E 133 -13.90 -29.96 -44.34
N LEU E 134 -13.27 -30.57 -43.33
CA LEU E 134 -12.58 -29.86 -42.28
C LEU E 134 -11.09 -30.14 -42.37
N SER E 135 -10.28 -29.09 -42.35
CA SER E 135 -8.84 -29.22 -42.42
C SER E 135 -8.23 -28.55 -41.20
N PRO E 136 -8.06 -29.26 -40.08
CA PRO E 136 -7.56 -28.60 -38.88
C PRO E 136 -6.21 -27.97 -39.12
N VAL E 137 -6.02 -26.77 -38.55
CA VAL E 137 -4.81 -25.99 -38.74
C VAL E 137 -3.86 -26.28 -37.59
N HIS E 138 -2.63 -26.66 -37.92
CA HIS E 138 -1.60 -26.97 -36.94
C HIS E 138 -0.56 -25.85 -36.98
N PHE E 139 -0.73 -24.87 -36.09
CA PHE E 139 0.17 -23.73 -36.06
C PHE E 139 1.50 -24.11 -35.43
N HIS E 140 2.59 -23.66 -36.04
CA HIS E 140 3.92 -23.81 -35.47
C HIS E 140 4.66 -22.49 -35.61
N TYR E 141 5.68 -22.32 -34.75
CA TYR E 141 6.38 -21.04 -34.64
C TYR E 141 7.76 -21.28 -34.04
N ARG E 142 8.62 -20.27 -34.17
CA ARG E 142 10.01 -20.37 -33.77
C ARG E 142 10.15 -20.25 -32.25
N THR E 143 11.27 -20.75 -31.73
CA THR E 143 11.48 -20.78 -30.28
C THR E 143 12.91 -20.52 -29.85
N ASP E 144 13.65 -19.65 -30.54
CA ASP E 144 15.07 -19.46 -30.26
C ASP E 144 15.39 -18.17 -29.50
N CYS E 145 14.38 -17.44 -29.02
CA CYS E 145 14.63 -16.15 -28.39
C CYS E 145 14.83 -16.32 -26.89
N ASP E 146 14.84 -15.21 -26.16
CA ASP E 146 14.95 -15.28 -24.71
C ASP E 146 13.74 -15.99 -24.12
N SER E 147 12.54 -15.66 -24.57
CA SER E 147 11.31 -16.29 -24.12
C SER E 147 11.10 -16.15 -22.62
N SER E 148 11.61 -15.08 -22.02
CA SER E 148 11.49 -14.88 -20.58
C SER E 148 10.11 -14.42 -20.16
N THR E 149 9.14 -14.36 -21.06
CA THR E 149 7.81 -13.91 -20.75
C THR E 149 6.80 -14.79 -21.48
N ALA E 150 5.52 -14.49 -21.27
CA ALA E 150 4.46 -15.21 -21.96
C ALA E 150 4.20 -14.58 -23.33
N SER E 151 5.25 -14.38 -24.11
CA SER E 151 5.15 -13.83 -25.45
C SER E 151 5.98 -14.70 -26.38
N LEU E 152 5.36 -15.17 -27.46
CA LEU E 152 6.03 -16.07 -28.38
C LEU E 152 7.10 -15.34 -29.17
N CYS E 153 7.84 -16.10 -29.98
CA CYS E 153 8.91 -15.53 -30.77
C CYS E 153 8.39 -14.87 -32.04
N SER E 154 7.72 -15.63 -32.90
CA SER E 154 7.33 -15.13 -34.21
C SER E 154 5.85 -15.37 -34.41
N PHE E 155 5.31 -14.76 -35.45
CA PHE E 155 3.89 -14.82 -35.70
C PHE E 155 3.47 -16.26 -36.01
N PRO E 156 2.43 -16.78 -35.36
CA PRO E 156 1.93 -18.10 -35.75
C PRO E 156 1.56 -18.15 -37.22
N VAL E 157 1.88 -19.28 -37.85
CA VAL E 157 1.54 -19.52 -39.26
C VAL E 157 1.23 -21.01 -39.42
N ALA E 158 0.86 -21.39 -40.63
CA ALA E 158 0.58 -22.80 -40.90
C ALA E 158 0.31 -23.01 -42.38
N ASN E 159 0.67 -24.21 -42.84
CA ASN E 159 0.20 -24.71 -44.12
C ASN E 159 -0.97 -25.66 -43.88
N VAL E 160 -1.81 -25.80 -44.90
CA VAL E 160 -2.93 -26.74 -44.86
C VAL E 160 -3.09 -27.32 -46.25
N SER E 161 -3.41 -28.61 -46.30
CA SER E 161 -3.57 -29.35 -47.55
C SER E 161 -5.05 -29.57 -47.80
N LEU E 162 -5.54 -29.04 -48.93
CA LEU E 162 -6.94 -29.12 -49.29
C LEU E 162 -7.26 -30.29 -50.21
N ALA E 163 -6.28 -31.13 -50.53
CA ALA E 163 -6.51 -32.29 -51.38
C ALA E 163 -7.27 -33.35 -50.62
N ARG E 169 -14.90 -34.20 -55.03
CA ARG E 169 -14.34 -32.94 -54.54
C ARG E 169 -15.43 -32.09 -53.89
N VAL E 170 -15.02 -31.25 -52.95
CA VAL E 170 -15.93 -30.27 -52.37
C VAL E 170 -16.04 -29.05 -53.27
N LEU E 171 -14.91 -28.59 -53.80
CA LEU E 171 -14.92 -27.44 -54.69
C LEU E 171 -15.44 -27.83 -56.07
N MET E 172 -16.22 -26.95 -56.68
CA MET E 172 -16.73 -27.14 -58.03
C MET E 172 -16.60 -25.84 -58.80
N TYR E 173 -16.46 -25.96 -60.11
CA TYR E 173 -16.22 -24.78 -60.95
C TYR E 173 -17.39 -23.82 -60.87
N GLY E 174 -17.09 -22.53 -60.72
CA GLY E 174 -18.10 -21.50 -60.75
C GLY E 174 -18.87 -21.31 -59.46
N GLN E 175 -19.03 -22.38 -58.69
CA GLN E 175 -19.86 -22.30 -57.49
C GLN E 175 -19.12 -21.54 -56.39
N PRO E 176 -19.74 -20.52 -55.79
CA PRO E 176 -19.11 -19.85 -54.64
C PRO E 176 -19.17 -20.71 -53.38
N TYR E 177 -18.10 -20.65 -52.60
CA TYR E 177 -17.98 -21.44 -51.38
C TYR E 177 -17.58 -20.55 -50.20
N ARG E 178 -17.95 -20.99 -49.00
CA ARG E 178 -17.68 -20.26 -47.78
C ARG E 178 -16.50 -20.88 -47.05
N VAL E 179 -15.47 -20.08 -46.79
CA VAL E 179 -14.26 -20.53 -46.11
C VAL E 179 -14.13 -19.72 -44.83
N THR E 180 -14.01 -20.40 -43.70
CA THR E 180 -13.90 -19.75 -42.40
C THR E 180 -12.85 -20.48 -41.58
N LEU E 181 -12.33 -19.79 -40.56
CA LEU E 181 -11.34 -20.34 -39.64
C LEU E 181 -11.93 -20.27 -38.23
N GLU E 182 -12.69 -21.29 -37.86
CA GLU E 182 -13.27 -21.37 -36.52
C GLU E 182 -12.12 -21.56 -35.54
N LEU E 183 -11.86 -20.55 -34.72
CA LEU E 183 -10.63 -20.46 -33.94
C LEU E 183 -10.99 -20.51 -32.46
N GLU E 184 -10.27 -21.35 -31.72
CA GLU E 184 -10.64 -21.73 -30.36
C GLU E 184 -9.73 -20.98 -29.38
N LEU E 185 -10.25 -19.90 -28.81
CA LEU E 185 -9.52 -19.08 -27.86
C LEU E 185 -10.06 -19.30 -26.46
N PRO E 186 -9.21 -19.59 -25.47
CA PRO E 186 -9.68 -19.57 -24.09
C PRO E 186 -9.89 -18.14 -23.61
N GLU E 187 -10.68 -18.01 -22.54
CA GLU E 187 -10.98 -16.71 -21.98
C GLU E 187 -9.99 -16.31 -20.90
N SER E 188 -8.75 -16.81 -21.02
CA SER E 188 -7.75 -16.52 -20.03
C SER E 188 -7.42 -15.02 -20.02
N PRO E 189 -7.03 -14.47 -18.86
CA PRO E 189 -6.83 -13.02 -18.78
C PRO E 189 -5.87 -12.46 -19.82
N VAL E 190 -4.84 -13.22 -20.20
CA VAL E 190 -3.90 -12.72 -21.18
C VAL E 190 -4.61 -12.41 -22.49
N ASN E 191 -5.57 -13.25 -22.87
CA ASN E 191 -6.29 -13.04 -24.12
C ASN E 191 -7.21 -11.83 -24.08
N GLN E 192 -7.83 -11.54 -22.94
CA GLN E 192 -8.69 -10.37 -22.85
C GLN E 192 -7.93 -9.08 -23.09
N ASP E 193 -6.72 -8.99 -22.54
CA ASP E 193 -5.89 -7.81 -22.76
C ASP E 193 -5.25 -7.79 -24.13
N LEU E 194 -5.40 -8.87 -24.91
CA LEU E 194 -4.76 -8.94 -26.21
C LEU E 194 -5.24 -7.85 -27.15
N GLY E 195 -6.55 -7.62 -27.20
CA GLY E 195 -7.07 -6.68 -28.17
C GLY E 195 -7.13 -7.29 -29.56
N MET E 196 -7.39 -6.43 -30.54
CA MET E 196 -7.54 -6.90 -31.90
C MET E 196 -6.24 -7.47 -32.43
N PHE E 197 -6.36 -8.36 -33.40
CA PHE E 197 -5.22 -8.94 -34.08
C PHE E 197 -5.66 -9.40 -35.45
N LEU E 198 -4.85 -9.07 -36.46
CA LEU E 198 -5.19 -9.41 -37.82
C LEU E 198 -5.01 -10.89 -38.08
N VAL E 199 -5.91 -11.44 -38.90
CA VAL E 199 -5.86 -12.84 -39.33
C VAL E 199 -5.95 -12.85 -40.85
N THR E 200 -5.04 -13.58 -41.49
CA THR E 200 -4.97 -13.60 -42.95
C THR E 200 -4.92 -15.03 -43.45
N VAL E 201 -5.53 -15.24 -44.63
CA VAL E 201 -5.52 -16.51 -45.33
C VAL E 201 -5.02 -16.28 -46.74
N SER E 202 -4.12 -17.14 -47.20
CA SER E 202 -3.52 -17.03 -48.52
C SER E 202 -3.62 -18.38 -49.22
N CYS E 203 -4.64 -18.54 -50.05
CA CYS E 203 -4.80 -19.77 -50.81
C CYS E 203 -3.75 -19.85 -51.92
N TYR E 204 -3.50 -21.07 -52.38
CA TYR E 204 -2.52 -21.29 -53.44
C TYR E 204 -2.82 -22.61 -54.16
N THR E 205 -2.10 -22.81 -55.27
CA THR E 205 -2.34 -23.94 -56.16
C THR E 205 -1.47 -25.14 -55.79
N ARG E 206 -1.51 -26.15 -56.65
CA ARG E 206 -0.64 -27.32 -56.48
C ARG E 206 0.82 -26.94 -56.66
N GLY E 207 1.11 -25.98 -57.55
CA GLY E 207 2.45 -25.50 -57.77
C GLY E 207 2.91 -24.46 -56.78
N GLY E 208 2.08 -24.13 -55.80
CA GLY E 208 2.42 -23.12 -54.80
C GLY E 208 2.04 -21.71 -55.19
N ARG E 209 1.57 -21.48 -56.41
CA ARG E 209 1.20 -20.14 -56.82
C ARG E 209 0.04 -19.64 -55.98
N ILE E 210 0.16 -18.41 -55.50
CA ILE E 210 -0.86 -17.84 -54.63
C ILE E 210 -2.04 -17.37 -55.48
N ILE E 211 -3.15 -18.10 -55.41
CA ILE E 211 -4.32 -17.76 -56.20
C ILE E 211 -4.92 -16.44 -55.73
N SER E 212 -5.11 -16.28 -54.42
CA SER E 212 -5.78 -15.12 -53.87
C SER E 212 -5.29 -14.88 -52.45
N THR E 213 -5.52 -13.67 -51.97
CA THR E 213 -5.15 -13.27 -50.63
C THR E 213 -6.34 -12.62 -49.95
N SER E 214 -6.42 -12.78 -48.63
CA SER E 214 -7.54 -12.24 -47.86
C SER E 214 -7.06 -11.93 -46.44
N SER E 215 -7.82 -11.09 -45.74
CA SER E 215 -7.52 -10.73 -44.37
C SER E 215 -8.78 -10.29 -43.65
N ARG E 216 -8.82 -10.59 -42.35
CA ARG E 216 -9.90 -10.16 -41.49
C ARG E 216 -9.34 -9.91 -40.10
N SER E 217 -10.01 -9.04 -39.35
CA SER E 217 -9.63 -8.78 -37.97
C SER E 217 -10.65 -9.39 -37.02
N VAL E 218 -10.15 -10.12 -36.03
CA VAL E 218 -11.00 -10.81 -35.07
C VAL E 218 -10.55 -10.45 -33.67
N MET E 219 -11.49 -10.47 -32.73
CA MET E 219 -11.20 -10.17 -31.34
C MET E 219 -12.08 -11.02 -30.44
N LEU E 220 -11.49 -11.54 -29.38
CA LEU E 220 -12.24 -12.30 -28.38
C LEU E 220 -13.32 -11.42 -27.79
N HIS E 221 -14.54 -11.94 -27.71
CA HIS E 221 -15.67 -11.14 -27.26
C HIS E 221 -15.54 -10.77 -25.79
N TYR E 222 -15.89 -9.53 -25.46
CA TYR E 222 -15.71 -9.03 -24.11
C TYR E 222 -16.86 -9.48 -23.22
N ARG E 223 -16.52 -9.89 -22.01
CA ARG E 223 -17.50 -10.25 -20.98
C ARG E 223 -17.02 -9.72 -19.65
N SER E 224 -17.89 -9.02 -18.93
CA SER E 224 -17.50 -8.37 -17.70
C SER E 224 -17.11 -9.40 -16.64
N GLN E 225 -16.33 -8.94 -15.67
CA GLN E 225 -15.84 -9.86 -14.64
C GLN E 225 -16.98 -10.46 -13.85
N LEU E 226 -17.99 -9.65 -13.50
CA LEU E 226 -19.16 -10.18 -12.83
C LEU E 226 -19.91 -11.16 -13.72
N LEU E 227 -20.02 -10.85 -15.02
CA LEU E 227 -20.68 -11.77 -15.95
C LEU E 227 -19.95 -13.10 -16.00
N GLN E 228 -18.62 -13.07 -16.05
CA GLN E 228 -17.86 -14.31 -16.06
C GLN E 228 -18.13 -15.13 -14.81
N VAL E 229 -18.13 -14.48 -13.65
CA VAL E 229 -18.37 -15.21 -12.41
C VAL E 229 -19.77 -15.81 -12.42
N LEU E 230 -20.75 -15.04 -12.89
CA LEU E 230 -22.10 -15.59 -13.02
C LEU E 230 -22.12 -16.73 -14.02
N ASP E 231 -21.40 -16.59 -15.13
CA ASP E 231 -21.32 -17.67 -16.11
C ASP E 231 -20.64 -18.89 -15.52
N THR E 232 -19.53 -18.69 -14.80
CA THR E 232 -18.84 -19.81 -14.18
C THR E 232 -19.72 -20.50 -13.14
N LEU E 233 -20.46 -19.72 -12.35
CA LEU E 233 -21.29 -20.29 -11.30
C LEU E 233 -22.43 -21.11 -11.88
N LEU E 234 -23.29 -20.47 -12.68
CA LEU E 234 -24.49 -21.15 -13.17
C LEU E 234 -24.17 -22.33 -14.07
N PHE E 235 -23.04 -22.30 -14.77
CA PHE E 235 -22.60 -23.42 -15.59
C PHE E 235 -21.56 -24.28 -14.88
N SER E 236 -21.49 -24.21 -13.56
CA SER E 236 -20.57 -25.07 -12.81
C SER E 236 -20.90 -26.53 -13.06
N SER E 237 -22.18 -26.87 -13.18
CA SER E 237 -22.58 -28.25 -13.38
C SER E 237 -22.03 -28.86 -14.67
N LEU E 238 -21.63 -28.03 -15.63
CA LEU E 238 -21.05 -28.50 -16.87
C LEU E 238 -19.54 -28.33 -16.93
N LEU E 239 -19.02 -27.20 -16.45
CA LEU E 239 -17.59 -26.96 -16.50
C LEU E 239 -16.84 -27.98 -15.65
N LEU E 240 -17.37 -28.31 -14.47
CA LEU E 240 -16.68 -29.22 -13.57
C LEU E 240 -16.57 -30.62 -14.16
N PHE E 241 -17.64 -31.09 -14.80
CA PHE E 241 -17.64 -32.44 -15.39
C PHE E 241 -17.10 -32.47 -16.81
N GLY E 242 -16.63 -31.34 -17.33
CA GLY E 242 -16.02 -31.32 -18.64
C GLY E 242 -16.97 -31.19 -19.80
N PHE E 243 -18.28 -31.10 -19.56
CA PHE E 243 -19.22 -30.90 -20.65
C PHE E 243 -19.13 -29.50 -21.23
N ALA E 244 -18.69 -28.53 -20.46
CA ALA E 244 -18.51 -27.16 -20.93
C ALA E 244 -17.10 -26.71 -20.55
N GLU E 245 -16.58 -25.75 -21.32
CA GLU E 245 -15.25 -25.24 -21.07
C GLU E 245 -15.23 -23.74 -21.33
N GLN E 246 -14.32 -23.05 -20.65
CA GLN E 246 -14.22 -21.58 -20.73
C GLN E 246 -13.42 -21.19 -21.97
N LYS E 247 -14.08 -21.34 -23.12
CA LYS E 247 -13.45 -21.07 -24.40
C LYS E 247 -14.47 -20.42 -25.33
N GLN E 248 -13.94 -19.72 -26.34
CA GLN E 248 -14.75 -19.06 -27.33
C GLN E 248 -14.33 -19.52 -28.71
N LEU E 249 -15.31 -19.88 -29.53
CA LEU E 249 -15.09 -20.15 -30.95
C LEU E 249 -15.33 -18.87 -31.73
N LEU E 250 -14.27 -18.36 -32.37
CA LEU E 250 -14.37 -17.16 -33.18
C LEU E 250 -14.45 -17.57 -34.65
N GLU E 251 -15.54 -17.18 -35.31
CA GLU E 251 -15.81 -17.60 -36.68
C GLU E 251 -15.34 -16.49 -37.63
N VAL E 252 -14.03 -16.46 -37.85
CA VAL E 252 -13.45 -15.51 -38.79
C VAL E 252 -13.77 -15.98 -40.21
N GLU E 253 -14.74 -15.32 -40.84
CA GLU E 253 -15.19 -15.70 -42.19
C GLU E 253 -14.31 -14.99 -43.20
N LEU E 254 -13.28 -15.71 -43.67
CA LEU E 254 -12.33 -15.11 -44.60
C LEU E 254 -12.86 -15.09 -46.03
N TYR E 255 -14.00 -15.73 -46.29
CA TYR E 255 -14.54 -15.81 -47.65
C TYR E 255 -16.01 -16.14 -47.56
N SER E 256 -16.87 -15.20 -47.98
CA SER E 256 -18.30 -15.47 -48.05
C SER E 256 -18.68 -16.16 -49.36
N ASP E 257 -17.88 -15.98 -50.41
CA ASP E 257 -18.13 -16.61 -51.71
C ASP E 257 -16.78 -16.82 -52.40
N TYR E 258 -16.29 -18.06 -52.38
CA TYR E 258 -15.07 -18.47 -53.07
C TYR E 258 -15.43 -19.42 -54.20
N ARG E 259 -14.92 -19.16 -55.39
CA ARG E 259 -15.29 -19.88 -56.60
C ARG E 259 -14.07 -20.55 -57.21
N GLU E 260 -14.26 -21.79 -57.68
CA GLU E 260 -13.18 -22.54 -58.29
C GLU E 260 -12.91 -22.05 -59.71
N ASN E 261 -11.63 -21.99 -60.07
CA ASN E 261 -11.20 -21.59 -61.41
C ASN E 261 -10.73 -22.82 -62.16
N SER E 262 -11.24 -23.01 -63.37
CA SER E 262 -10.91 -24.21 -64.14
C SER E 262 -9.41 -24.30 -64.42
N TYR E 263 -8.79 -23.18 -64.80
CA TYR E 263 -7.38 -23.16 -65.13
C TYR E 263 -6.47 -23.00 -63.92
N VAL E 264 -7.04 -22.77 -62.73
CA VAL E 264 -6.25 -22.55 -61.52
C VAL E 264 -6.91 -23.32 -60.37
N PRO E 265 -6.47 -24.53 -60.07
CA PRO E 265 -7.13 -25.30 -59.01
C PRO E 265 -6.64 -24.93 -57.61
N THR E 266 -7.53 -25.04 -56.64
CA THR E 266 -7.17 -24.79 -55.25
C THR E 266 -6.58 -26.05 -54.63
N THR E 267 -5.41 -25.91 -54.01
CA THR E 267 -4.73 -27.06 -53.43
C THR E 267 -4.41 -26.93 -51.95
N GLY E 268 -4.16 -25.73 -51.43
CA GLY E 268 -3.81 -25.58 -50.03
C GLY E 268 -3.85 -24.12 -49.64
N ALA E 269 -3.75 -23.89 -48.33
CA ALA E 269 -3.89 -22.55 -47.79
C ALA E 269 -2.83 -22.29 -46.72
N ILE E 270 -2.29 -21.09 -46.73
CA ILE E 270 -1.42 -20.58 -45.68
C ILE E 270 -2.26 -19.65 -44.81
N ILE E 271 -2.30 -19.91 -43.52
CA ILE E 271 -3.15 -19.18 -42.59
C ILE E 271 -2.27 -18.62 -41.49
N GLU E 272 -2.59 -17.40 -41.05
CA GLU E 272 -1.73 -16.67 -40.12
C GLU E 272 -2.59 -15.99 -39.08
N ILE E 273 -1.99 -15.72 -37.92
CA ILE E 273 -2.62 -14.95 -36.86
C ILE E 273 -1.57 -13.96 -36.36
N HIS E 274 -1.65 -12.72 -36.84
CA HIS E 274 -0.57 -11.75 -36.68
C HIS E 274 -0.50 -11.21 -35.25
N SER E 275 -0.12 -12.04 -34.30
CA SER E 275 0.01 -11.61 -32.92
C SER E 275 0.93 -12.58 -32.18
N LYS E 276 1.82 -12.02 -31.36
CA LYS E 276 2.74 -12.82 -30.59
C LYS E 276 2.24 -13.15 -29.18
N ARG E 277 1.03 -12.72 -28.83
CA ARG E 277 0.50 -12.93 -27.50
C ARG E 277 -0.80 -13.72 -27.49
N ILE E 278 -1.22 -14.27 -28.62
CA ILE E 278 -2.44 -15.06 -28.65
C ILE E 278 -2.20 -16.40 -27.96
N GLN E 279 -3.19 -16.85 -27.19
CA GLN E 279 -3.21 -18.19 -26.63
C GLN E 279 -4.38 -18.93 -27.25
N MET E 280 -4.11 -20.08 -27.89
CA MET E 280 -5.17 -20.80 -28.58
C MET E 280 -4.91 -22.29 -28.53
N TYR E 281 -6.00 -23.05 -28.64
CA TYR E 281 -5.97 -24.51 -28.60
C TYR E 281 -5.83 -25.13 -29.98
N GLY E 282 -6.61 -24.66 -30.95
CA GLY E 282 -6.58 -25.19 -32.29
C GLY E 282 -7.58 -24.47 -33.15
N ALA E 283 -7.50 -24.75 -34.45
CA ALA E 283 -8.34 -24.06 -35.42
C ALA E 283 -8.68 -25.00 -36.55
N TYR E 284 -9.91 -24.88 -37.05
CA TYR E 284 -10.41 -25.64 -38.18
C TYR E 284 -10.68 -24.70 -39.34
N LEU E 285 -10.21 -25.06 -40.53
CA LEU E 285 -10.59 -24.35 -41.76
C LEU E 285 -11.76 -25.09 -42.39
N ARG E 286 -12.97 -24.63 -42.14
CA ARG E 286 -14.19 -25.30 -42.55
C ARG E 286 -14.71 -24.68 -43.85
N ILE E 287 -15.02 -25.52 -44.82
CA ILE E 287 -15.58 -25.11 -46.10
C ILE E 287 -16.96 -25.74 -46.23
N HIS E 288 -17.87 -25.04 -46.88
CA HIS E 288 -19.22 -25.54 -47.09
C HIS E 288 -19.89 -24.73 -48.19
N ALA E 289 -20.66 -25.41 -49.03
CA ALA E 289 -21.38 -24.75 -50.11
C ALA E 289 -22.33 -23.70 -49.51
N HIS E 290 -22.37 -22.52 -50.15
CA HIS E 290 -23.14 -21.42 -49.58
C HIS E 290 -24.64 -21.72 -49.57
N PHE E 291 -25.15 -22.39 -50.59
CA PHE E 291 -26.58 -22.64 -50.66
C PHE E 291 -27.04 -23.46 -49.45
N THR E 292 -27.77 -22.80 -48.56
CA THR E 292 -28.25 -23.44 -47.35
C THR E 292 -29.77 -23.27 -47.21
N GLY E 293 -30.28 -22.12 -47.63
CA GLY E 293 -31.69 -21.86 -47.50
C GLY E 293 -32.11 -21.65 -46.06
N LEU E 294 -33.38 -21.96 -45.79
CA LEU E 294 -33.92 -21.80 -44.44
C LEU E 294 -33.26 -22.74 -43.45
N ARG E 295 -32.58 -23.79 -43.92
CA ARG E 295 -31.94 -24.74 -43.02
C ARG E 295 -30.79 -24.12 -42.25
N TYR E 296 -30.34 -22.93 -42.65
CA TYR E 296 -29.23 -22.28 -41.94
C TYR E 296 -29.57 -22.03 -40.47
N LEU E 297 -30.85 -21.85 -40.16
CA LEU E 297 -31.24 -21.56 -38.77
C LEU E 297 -30.90 -22.72 -37.84
N LEU E 298 -30.82 -23.95 -38.36
CA LEU E 298 -30.51 -25.10 -37.51
C LEU E 298 -29.09 -25.07 -36.98
N TYR E 299 -28.22 -24.24 -37.56
CA TYR E 299 -26.83 -24.14 -37.10
C TYR E 299 -26.69 -23.28 -35.85
N ASN E 300 -27.74 -22.57 -35.44
CA ASN E 300 -27.67 -21.73 -34.25
C ASN E 300 -27.38 -22.56 -33.01
N PRO F 129 -39.41 -5.57 -46.60
CA PRO F 129 -38.23 -5.07 -47.33
C PRO F 129 -38.20 -3.55 -47.43
N THR F 130 -37.04 -3.01 -47.81
CA THR F 130 -36.85 -1.58 -47.94
C THR F 130 -35.79 -1.32 -49.00
N VAL F 131 -35.78 -0.09 -49.53
CA VAL F 131 -34.82 0.30 -50.55
C VAL F 131 -33.50 0.60 -49.85
N SER F 132 -32.65 -0.41 -49.74
CA SER F 132 -31.41 -0.27 -48.99
C SER F 132 -30.48 -1.43 -49.34
N HIS F 133 -29.19 -1.21 -49.12
CA HIS F 133 -28.21 -2.27 -49.23
C HIS F 133 -27.16 -2.07 -48.15
N LEU F 134 -26.59 -3.18 -47.67
CA LEU F 134 -25.59 -3.17 -46.62
C LEU F 134 -24.28 -3.62 -47.21
N SER F 135 -23.21 -2.88 -46.93
CA SER F 135 -21.88 -3.20 -47.42
C SER F 135 -20.94 -3.34 -46.24
N PRO F 136 -20.86 -4.50 -45.58
CA PRO F 136 -20.06 -4.60 -44.37
C PRO F 136 -18.61 -4.25 -44.62
N VAL F 137 -18.01 -3.56 -43.66
CA VAL F 137 -16.65 -3.05 -43.77
C VAL F 137 -15.71 -4.04 -43.11
N HIS F 138 -14.56 -4.29 -43.76
CA HIS F 138 -13.54 -5.22 -43.27
C HIS F 138 -12.23 -4.45 -43.13
N PHE F 139 -12.00 -3.92 -41.93
CA PHE F 139 -10.79 -3.13 -41.70
C PHE F 139 -9.56 -4.03 -41.65
N HIS F 140 -8.48 -3.55 -42.26
CA HIS F 140 -7.19 -4.22 -42.17
C HIS F 140 -6.11 -3.17 -41.97
N TYR F 141 -4.99 -3.60 -41.39
CA TYR F 141 -3.96 -2.68 -40.93
C TYR F 141 -2.63 -3.40 -40.81
N ARG F 142 -1.57 -2.62 -40.67
CA ARG F 142 -0.21 -3.13 -40.65
C ARG F 142 0.08 -3.82 -39.32
N THR F 143 1.07 -4.71 -39.33
CA THR F 143 1.39 -5.48 -38.12
C THR F 143 2.89 -5.71 -37.93
N ASP F 144 3.73 -4.73 -38.27
CA ASP F 144 5.18 -4.93 -38.25
C ASP F 144 5.89 -4.28 -37.06
N CYS F 145 5.19 -3.52 -36.22
CA CYS F 145 5.86 -2.78 -35.15
C CYS F 145 6.15 -3.70 -33.97
N ASP F 146 6.54 -3.12 -32.84
CA ASP F 146 6.81 -3.92 -31.65
C ASP F 146 5.57 -4.66 -31.18
N SER F 147 4.43 -3.97 -31.14
CA SER F 147 3.14 -4.55 -30.76
C SER F 147 3.16 -5.15 -29.37
N SER F 148 3.89 -4.56 -28.43
CA SER F 148 3.95 -5.07 -27.07
C SER F 148 2.87 -4.41 -26.21
N THR F 149 1.80 -3.95 -26.85
CA THR F 149 0.75 -3.23 -26.15
C THR F 149 -0.56 -3.47 -26.89
N ALA F 150 -1.66 -3.12 -26.24
CA ALA F 150 -2.97 -3.23 -26.87
C ALA F 150 -3.14 -2.27 -28.04
N SER F 151 -2.27 -1.29 -28.19
CA SER F 151 -2.35 -0.35 -29.31
C SER F 151 -1.91 -1.00 -30.61
N LEU F 152 -2.62 -0.70 -31.68
CA LEU F 152 -2.31 -1.25 -32.99
C LEU F 152 -1.19 -0.47 -33.65
N CYS F 153 -0.69 -1.02 -34.76
CA CYS F 153 0.44 -0.42 -35.45
C CYS F 153 0.03 0.83 -36.23
N SER F 154 -1.10 0.80 -36.93
CA SER F 154 -1.47 1.89 -37.81
C SER F 154 -2.97 2.13 -37.74
N PHE F 155 -3.40 3.20 -38.37
CA PHE F 155 -4.80 3.61 -38.30
C PHE F 155 -5.67 2.59 -39.04
N PRO F 156 -6.70 2.04 -38.41
CA PRO F 156 -7.66 1.21 -39.14
C PRO F 156 -8.20 1.91 -40.37
N VAL F 157 -8.11 1.25 -41.52
CA VAL F 157 -8.65 1.75 -42.78
C VAL F 157 -9.36 0.59 -43.47
N ALA F 158 -10.21 0.93 -44.44
CA ALA F 158 -10.94 -0.09 -45.17
C ALA F 158 -11.33 0.43 -46.55
N ASN F 159 -11.66 -0.51 -47.42
CA ASN F 159 -12.18 -0.22 -48.75
C ASN F 159 -13.45 -1.03 -48.95
N VAL F 160 -14.51 -0.38 -49.43
CA VAL F 160 -15.80 -1.02 -49.59
C VAL F 160 -16.29 -0.73 -51.00
N SER F 161 -16.88 -1.75 -51.62
CA SER F 161 -17.36 -1.67 -52.99
C SER F 161 -18.89 -1.65 -53.00
N LEU F 162 -19.44 -0.73 -53.78
CA LEU F 162 -20.87 -0.46 -53.78
C LEU F 162 -21.60 -0.95 -55.02
N ALA F 163 -20.88 -1.44 -56.02
CA ALA F 163 -21.51 -1.95 -57.25
C ALA F 163 -22.38 -3.15 -56.95
N ARG F 169 -29.69 -0.56 -59.26
CA ARG F 169 -28.95 0.21 -58.26
C ARG F 169 -29.87 0.67 -57.14
N VAL F 170 -29.28 0.98 -55.99
CA VAL F 170 -30.02 1.64 -54.92
C VAL F 170 -29.91 3.15 -55.07
N LEU F 171 -28.72 3.63 -55.41
CA LEU F 171 -28.52 5.05 -55.68
C LEU F 171 -29.18 5.44 -56.99
N MET F 172 -29.87 6.57 -57.00
CA MET F 172 -30.51 7.08 -58.20
C MET F 172 -30.37 8.60 -58.23
N TYR F 173 -30.46 9.16 -59.43
CA TYR F 173 -30.23 10.59 -59.60
C TYR F 173 -31.29 11.39 -58.87
N GLY F 174 -30.86 12.46 -58.21
CA GLY F 174 -31.78 13.38 -57.57
C GLY F 174 -32.23 12.97 -56.18
N GLN F 175 -32.47 11.68 -55.97
CA GLN F 175 -33.05 11.23 -54.71
C GLN F 175 -32.02 11.36 -53.59
N PRO F 176 -32.37 12.01 -52.48
CA PRO F 176 -31.44 12.04 -51.33
C PRO F 176 -31.33 10.68 -50.66
N TYR F 177 -30.14 10.40 -50.13
CA TYR F 177 -29.87 9.15 -49.45
C TYR F 177 -29.10 9.38 -48.18
N ARG F 178 -29.35 8.54 -47.19
CA ARG F 178 -28.72 8.60 -45.87
C ARG F 178 -27.67 7.51 -45.78
N VAL F 179 -26.41 7.91 -45.69
CA VAL F 179 -25.29 6.97 -45.59
C VAL F 179 -24.76 7.03 -44.17
N THR F 180 -24.70 5.86 -43.52
CA THR F 180 -24.28 5.76 -42.13
C THR F 180 -23.37 4.56 -41.97
N LEU F 181 -22.56 4.59 -40.92
CA LEU F 181 -21.68 3.49 -40.56
C LEU F 181 -22.02 3.06 -39.14
N GLU F 182 -22.81 2.00 -39.01
CA GLU F 182 -23.17 1.45 -37.71
C GLU F 182 -21.97 0.62 -37.22
N LEU F 183 -21.37 1.06 -36.12
CA LEU F 183 -20.09 0.54 -35.65
C LEU F 183 -20.30 -0.19 -34.34
N GLU F 184 -19.72 -1.38 -34.23
CA GLU F 184 -20.01 -2.32 -33.14
C GLU F 184 -18.82 -2.31 -32.18
N LEU F 185 -18.95 -1.54 -31.10
CA LEU F 185 -17.89 -1.40 -30.11
C LEU F 185 -18.28 -2.14 -28.84
N PRO F 186 -17.43 -3.02 -28.32
CA PRO F 186 -17.68 -3.57 -27.00
C PRO F 186 -17.46 -2.53 -25.92
N GLU F 187 -18.01 -2.79 -24.74
CA GLU F 187 -17.89 -1.90 -23.59
C GLU F 187 -16.69 -2.21 -22.73
N SER F 188 -15.63 -2.75 -23.32
CA SER F 188 -14.46 -3.14 -22.56
C SER F 188 -13.78 -1.90 -21.97
N PRO F 189 -13.07 -2.06 -20.85
CA PRO F 189 -12.44 -0.89 -20.21
C PRO F 189 -11.51 -0.13 -21.15
N VAL F 190 -10.81 -0.83 -22.04
CA VAL F 190 -9.89 -0.15 -22.94
C VAL F 190 -10.64 0.86 -23.79
N ASN F 191 -11.86 0.53 -24.21
CA ASN F 191 -12.64 1.42 -25.05
C ASN F 191 -13.20 2.61 -24.28
N GLN F 192 -13.55 2.43 -23.00
CA GLN F 192 -14.08 3.55 -22.23
C GLN F 192 -13.04 4.62 -22.00
N ASP F 193 -11.79 4.23 -21.81
CA ASP F 193 -10.71 5.21 -21.68
C ASP F 193 -10.24 5.75 -23.01
N LEU F 194 -10.78 5.22 -24.11
CA LEU F 194 -10.36 5.67 -25.43
C LEU F 194 -10.62 7.16 -25.62
N GLY F 195 -11.81 7.62 -25.27
CA GLY F 195 -12.16 8.99 -25.55
C GLY F 195 -12.57 9.16 -27.02
N MET F 196 -12.82 10.41 -27.37
CA MET F 196 -13.31 10.71 -28.71
C MET F 196 -12.28 10.31 -29.76
N PHE F 197 -12.80 9.80 -30.87
CA PHE F 197 -11.99 9.46 -32.02
C PHE F 197 -12.73 9.83 -33.29
N LEU F 198 -11.98 10.13 -34.33
CA LEU F 198 -12.54 10.64 -35.57
C LEU F 198 -12.74 9.50 -36.57
N VAL F 199 -13.93 9.46 -37.18
CA VAL F 199 -14.27 8.52 -38.23
C VAL F 199 -14.56 9.31 -39.50
N THR F 200 -13.93 8.91 -40.61
CA THR F 200 -14.09 9.61 -41.87
C THR F 200 -14.49 8.63 -42.96
N VAL F 201 -15.22 9.12 -43.95
CA VAL F 201 -15.63 8.36 -45.12
C VAL F 201 -15.22 9.13 -46.36
N SER F 202 -14.77 8.42 -47.38
CA SER F 202 -14.31 9.02 -48.63
C SER F 202 -14.93 8.26 -49.80
N CYS F 203 -15.98 8.81 -50.39
CA CYS F 203 -16.58 8.22 -51.57
C CYS F 203 -15.71 8.45 -52.78
N TYR F 204 -15.87 7.59 -53.79
CA TYR F 204 -15.12 7.72 -55.02
C TYR F 204 -15.81 6.93 -56.13
N THR F 205 -15.34 7.15 -57.35
CA THR F 205 -15.97 6.60 -58.54
C THR F 205 -15.32 5.28 -58.95
N ARG F 206 -15.79 4.73 -60.09
CA ARG F 206 -15.18 3.53 -60.63
C ARG F 206 -13.74 3.76 -61.05
N GLY F 207 -13.42 4.96 -61.53
CA GLY F 207 -12.07 5.30 -61.92
C GLY F 207 -11.18 5.72 -60.78
N GLY F 208 -11.68 5.70 -59.54
CA GLY F 208 -10.91 6.11 -58.40
C GLY F 208 -11.08 7.56 -58.01
N ARG F 209 -11.64 8.39 -58.87
CA ARG F 209 -11.82 9.80 -58.56
C ARG F 209 -12.67 9.95 -57.32
N ILE F 210 -12.24 10.84 -56.41
CA ILE F 210 -12.95 11.04 -55.16
C ILE F 210 -14.11 12.00 -55.39
N ILE F 211 -15.32 11.52 -55.10
CA ILE F 211 -16.51 12.33 -55.32
C ILE F 211 -16.69 13.35 -54.21
N SER F 212 -16.74 12.87 -52.96
CA SER F 212 -16.96 13.74 -51.82
C SER F 212 -16.24 13.15 -50.61
N THR F 213 -15.84 14.03 -49.70
CA THR F 213 -15.15 13.64 -48.48
C THR F 213 -15.93 14.16 -47.28
N SER F 214 -16.06 13.33 -46.25
CA SER F 214 -16.84 13.67 -45.07
C SER F 214 -16.11 13.17 -43.83
N SER F 215 -16.49 13.73 -42.68
CA SER F 215 -15.93 13.33 -41.40
C SER F 215 -16.88 13.67 -40.27
N ARG F 216 -17.08 12.71 -39.37
CA ARG F 216 -17.87 12.90 -38.17
C ARG F 216 -17.14 12.28 -36.99
N SER F 217 -17.18 12.94 -35.85
CA SER F 217 -16.53 12.42 -34.65
C SER F 217 -17.53 11.65 -33.81
N VAL F 218 -17.11 10.46 -33.35
CA VAL F 218 -17.98 9.55 -32.62
C VAL F 218 -17.27 9.08 -31.37
N MET F 219 -18.06 8.77 -30.34
CA MET F 219 -17.54 8.32 -29.07
C MET F 219 -18.51 7.33 -28.44
N LEU F 220 -17.95 6.29 -27.82
CA LEU F 220 -18.76 5.30 -27.13
C LEU F 220 -19.46 5.94 -25.94
N HIS F 221 -20.74 5.64 -25.77
CA HIS F 221 -21.53 6.30 -24.74
C HIS F 221 -21.08 5.85 -23.35
N TYR F 222 -21.09 6.79 -22.40
CA TYR F 222 -20.60 6.53 -21.06
C TYR F 222 -21.68 5.86 -20.23
N ARG F 223 -21.27 4.93 -19.37
CA ARG F 223 -22.18 4.26 -18.44
C ARG F 223 -21.40 3.95 -17.18
N SER F 224 -21.90 4.42 -16.04
CA SER F 224 -21.18 4.29 -14.79
C SER F 224 -20.98 2.83 -14.42
N GLN F 225 -20.02 2.59 -13.53
CA GLN F 225 -19.74 1.22 -13.11
C GLN F 225 -20.93 0.60 -12.40
N LEU F 226 -21.62 1.37 -11.57
CA LEU F 226 -22.84 0.87 -10.94
C LEU F 226 -23.90 0.54 -11.98
N LEU F 227 -24.07 1.41 -12.98
CA LEU F 227 -25.05 1.15 -14.03
C LEU F 227 -24.69 -0.10 -14.80
N GLN F 228 -23.40 -0.28 -15.12
CA GLN F 228 -22.98 -1.47 -15.86
C GLN F 228 -23.29 -2.73 -15.06
N VAL F 229 -23.01 -2.71 -13.76
CA VAL F 229 -23.29 -3.88 -12.94
C VAL F 229 -24.79 -4.16 -12.92
N LEU F 230 -25.61 -3.11 -12.83
CA LEU F 230 -27.05 -3.32 -12.87
C LEU F 230 -27.48 -3.88 -14.20
N ASP F 231 -26.91 -3.38 -15.30
CA ASP F 231 -27.21 -3.92 -16.62
C ASP F 231 -26.77 -5.38 -16.71
N THR F 232 -25.56 -5.68 -16.24
CA THR F 232 -25.06 -7.04 -16.27
C THR F 232 -25.94 -7.97 -15.43
N LEU F 233 -26.43 -7.48 -14.30
CA LEU F 233 -27.22 -8.31 -13.41
C LEU F 233 -28.62 -8.55 -13.97
N LEU F 234 -29.37 -7.46 -14.21
CA LEU F 234 -30.76 -7.62 -14.62
C LEU F 234 -30.89 -8.29 -15.97
N PHE F 235 -29.98 -8.01 -16.90
CA PHE F 235 -29.99 -8.63 -18.22
C PHE F 235 -29.11 -9.88 -18.27
N SER F 236 -28.88 -10.52 -17.12
CA SER F 236 -28.09 -11.74 -17.12
C SER F 236 -28.76 -12.84 -17.93
N SER F 237 -30.09 -12.94 -17.84
CA SER F 237 -30.82 -13.99 -18.54
C SER F 237 -30.62 -13.96 -20.04
N LEU F 238 -30.24 -12.82 -20.61
CA LEU F 238 -29.95 -12.72 -22.04
C LEU F 238 -28.45 -12.80 -22.34
N LEU F 239 -27.62 -12.17 -21.50
CA LEU F 239 -26.18 -12.21 -21.73
C LEU F 239 -25.65 -13.63 -21.63
N LEU F 240 -26.13 -14.40 -20.65
CA LEU F 240 -25.61 -15.75 -20.43
C LEU F 240 -25.97 -16.69 -21.56
N PHE F 241 -27.17 -16.58 -22.12
CA PHE F 241 -27.59 -17.43 -23.22
C PHE F 241 -27.20 -16.89 -24.58
N GLY F 242 -26.48 -15.77 -24.63
CA GLY F 242 -26.02 -15.22 -25.89
C GLY F 242 -27.03 -14.38 -26.63
N PHE F 243 -28.22 -14.18 -26.07
CA PHE F 243 -29.20 -13.32 -26.70
C PHE F 243 -28.87 -11.84 -26.56
N ALA F 244 -28.09 -11.48 -25.53
CA ALA F 244 -27.63 -10.10 -25.35
C ALA F 244 -26.13 -10.13 -25.18
N GLU F 245 -25.49 -8.99 -25.50
CA GLU F 245 -24.04 -8.90 -25.39
C GLU F 245 -23.68 -7.47 -25.00
N GLN F 246 -22.52 -7.34 -24.35
CA GLN F 246 -22.07 -6.06 -23.81
C GLN F 246 -21.39 -5.22 -24.89
N LYS F 247 -22.20 -4.80 -25.86
CA LYS F 247 -21.69 -4.08 -27.01
C LYS F 247 -22.62 -2.91 -27.32
N GLN F 248 -22.08 -1.93 -28.03
CA GLN F 248 -22.81 -0.74 -28.44
C GLN F 248 -22.72 -0.58 -29.95
N LEU F 249 -23.84 -0.25 -30.57
CA LEU F 249 -23.88 0.12 -31.98
C LEU F 249 -23.91 1.63 -32.09
N LEU F 250 -22.86 2.21 -32.68
CA LEU F 250 -22.74 3.65 -32.83
C LEU F 250 -23.12 4.02 -34.26
N GLU F 251 -24.12 4.89 -34.40
CA GLU F 251 -24.64 5.28 -35.72
C GLU F 251 -23.96 6.58 -36.15
N VAL F 252 -22.81 6.43 -36.79
CA VAL F 252 -22.09 7.57 -37.33
C VAL F 252 -22.72 7.97 -38.66
N GLU F 253 -23.63 8.96 -38.61
CA GLU F 253 -24.35 9.40 -39.80
C GLU F 253 -23.47 10.35 -40.59
N LEU F 254 -22.67 9.76 -41.48
CA LEU F 254 -21.73 10.54 -42.27
C LEU F 254 -22.42 11.35 -43.35
N TYR F 255 -23.71 11.11 -43.60
CA TYR F 255 -24.43 11.78 -44.67
C TYR F 255 -25.92 11.71 -44.39
N SER F 256 -26.53 12.86 -44.11
CA SER F 256 -27.97 12.91 -43.92
C SER F 256 -28.72 13.08 -45.24
N ASP F 257 -28.08 13.69 -46.24
CA ASP F 257 -28.68 13.89 -47.56
C ASP F 257 -27.59 13.68 -48.60
N TYR F 258 -27.62 12.52 -49.26
CA TYR F 258 -26.69 12.20 -50.34
C TYR F 258 -27.48 11.92 -51.61
N ARG F 259 -26.98 12.44 -52.74
CA ARG F 259 -27.69 12.36 -54.01
C ARG F 259 -26.72 11.99 -55.12
N GLU F 260 -27.20 11.21 -56.09
CA GLU F 260 -26.38 10.73 -57.19
C GLU F 260 -26.21 11.83 -58.24
N ASN F 261 -25.05 11.82 -58.88
CA ASN F 261 -24.72 12.76 -59.94
C ASN F 261 -24.70 12.03 -61.28
N SER F 262 -25.36 12.62 -62.28
CA SER F 262 -25.46 11.97 -63.58
C SER F 262 -24.09 11.75 -64.19
N TYR F 263 -23.19 12.73 -64.11
CA TYR F 263 -21.88 12.64 -64.72
C TYR F 263 -20.84 11.97 -63.82
N VAL F 264 -21.19 11.66 -62.58
CA VAL F 264 -20.24 11.09 -61.62
C VAL F 264 -20.92 9.99 -60.82
N PRO F 265 -20.69 8.72 -61.12
CA PRO F 265 -21.39 7.65 -60.38
C PRO F 265 -20.61 7.20 -59.15
N THR F 266 -21.35 6.87 -58.11
CA THR F 266 -20.75 6.32 -56.90
C THR F 266 -20.43 4.83 -57.10
N THR F 267 -19.22 4.43 -56.75
CA THR F 267 -18.79 3.06 -56.97
C THR F 267 -18.33 2.40 -55.68
N GLY F 268 -17.66 3.14 -54.81
CA GLY F 268 -17.14 2.58 -53.59
C GLY F 268 -16.69 3.68 -52.65
N ALA F 269 -16.39 3.29 -51.42
CA ALA F 269 -16.06 4.25 -50.37
C ALA F 269 -14.92 3.72 -49.52
N ILE F 270 -14.01 4.62 -49.16
CA ILE F 270 -12.95 4.34 -48.21
C ILE F 270 -13.38 4.91 -46.86
N ILE F 271 -13.23 4.10 -45.80
CA ILE F 271 -13.68 4.47 -44.47
C ILE F 271 -12.49 4.33 -43.53
N GLU F 272 -12.52 5.10 -42.44
CA GLU F 272 -11.37 5.15 -41.54
C GLU F 272 -11.86 5.41 -40.12
N ILE F 273 -11.03 5.03 -39.15
CA ILE F 273 -11.27 5.32 -37.74
C ILE F 273 -9.93 5.77 -37.18
N HIS F 274 -9.75 7.08 -37.04
CA HIS F 274 -8.44 7.65 -36.75
C HIS F 274 -8.04 7.43 -35.31
N SER F 275 -7.81 6.16 -34.93
CA SER F 275 -7.41 5.83 -33.57
C SER F 275 -6.76 4.46 -33.57
N LYS F 276 -5.67 4.35 -32.83
CA LYS F 276 -4.92 3.10 -32.75
C LYS F 276 -5.36 2.21 -31.61
N ARG F 277 -6.41 2.57 -30.88
CA ARG F 277 -6.85 1.82 -29.71
C ARG F 277 -8.30 1.40 -29.76
N ILE F 278 -8.98 1.57 -30.89
CA ILE F 278 -10.40 1.27 -30.98
C ILE F 278 -10.61 -0.23 -31.15
N GLN F 279 -11.10 -0.89 -30.10
CA GLN F 279 -11.44 -2.30 -30.20
C GLN F 279 -12.84 -2.44 -30.79
N MET F 280 -12.96 -3.18 -31.90
CA MET F 280 -14.25 -3.29 -32.57
C MET F 280 -14.41 -4.67 -33.18
N TYR F 281 -15.68 -5.07 -33.36
CA TYR F 281 -16.04 -6.35 -33.96
C TYR F 281 -16.28 -6.25 -35.45
N GLY F 282 -16.97 -5.21 -35.90
CA GLY F 282 -17.27 -5.04 -37.30
C GLY F 282 -18.18 -3.85 -37.50
N ALA F 283 -18.38 -3.50 -38.76
CA ALA F 283 -19.17 -2.32 -39.10
C ALA F 283 -19.91 -2.56 -40.40
N TYR F 284 -21.07 -1.91 -40.53
CA TYR F 284 -21.88 -1.93 -41.74
C TYR F 284 -22.01 -0.51 -42.27
N LEU F 285 -21.80 -0.33 -43.57
CA LEU F 285 -22.11 0.93 -44.23
C LEU F 285 -23.52 0.81 -44.80
N ARG F 286 -24.50 1.35 -44.09
CA ARG F 286 -25.90 1.17 -44.41
C ARG F 286 -26.42 2.40 -45.15
N ILE F 287 -26.96 2.18 -46.35
CA ILE F 287 -27.57 3.23 -47.15
C ILE F 287 -29.06 2.97 -47.21
N HIS F 288 -29.85 4.03 -47.15
CA HIS F 288 -31.30 3.92 -47.17
C HIS F 288 -31.89 5.21 -47.74
N ALA F 289 -32.95 5.06 -48.53
CA ALA F 289 -33.64 6.23 -49.07
C ALA F 289 -34.18 7.07 -47.93
N HIS F 290 -34.01 8.38 -48.05
CA HIS F 290 -34.39 9.28 -46.95
C HIS F 290 -35.89 9.36 -46.75
N PHE F 291 -36.68 8.93 -47.74
CA PHE F 291 -38.12 8.98 -47.61
C PHE F 291 -38.60 8.05 -46.51
N THR F 292 -39.05 8.62 -45.39
CA THR F 292 -39.55 7.83 -44.28
C THR F 292 -41.04 8.11 -44.08
N GLY F 293 -41.39 9.37 -43.89
CA GLY F 293 -42.79 9.74 -43.75
C GLY F 293 -43.46 8.97 -42.62
N LEU F 294 -44.65 8.45 -42.90
CA LEU F 294 -45.39 7.67 -41.90
C LEU F 294 -44.72 6.34 -41.62
N ARG F 295 -43.78 5.91 -42.47
CA ARG F 295 -43.15 4.61 -42.30
C ARG F 295 -42.24 4.53 -41.09
N TYR F 296 -41.95 5.66 -40.43
CA TYR F 296 -41.11 5.64 -39.25
C TYR F 296 -41.69 4.74 -38.17
N LEU F 297 -43.01 4.56 -38.15
CA LEU F 297 -43.63 3.69 -37.14
C LEU F 297 -43.10 2.28 -37.20
N LEU F 298 -42.71 1.79 -38.38
CA LEU F 298 -42.13 0.46 -38.51
C LEU F 298 -40.70 0.40 -37.99
N TYR F 299 -40.02 1.55 -37.91
CA TYR F 299 -38.64 1.60 -37.43
C TYR F 299 -38.54 1.96 -35.96
N ASN F 300 -39.56 2.58 -35.38
CA ASN F 300 -39.53 2.97 -33.98
C ASN F 300 -39.41 1.74 -33.08
N PRO G 129 -45.76 25.31 -34.48
CA PRO G 129 -44.40 25.64 -34.91
C PRO G 129 -43.90 26.94 -34.30
N THR G 130 -42.58 27.16 -34.38
CA THR G 130 -41.95 28.36 -33.85
C THR G 130 -40.92 28.85 -34.85
N VAL G 131 -40.62 30.15 -34.78
CA VAL G 131 -39.67 30.77 -35.70
C VAL G 131 -38.27 30.44 -35.22
N SER G 132 -37.71 29.33 -35.73
CA SER G 132 -36.43 28.85 -35.27
C SER G 132 -35.89 27.83 -36.27
N HIS G 133 -34.58 27.63 -36.23
CA HIS G 133 -33.95 26.55 -36.98
C HIS G 133 -32.76 26.05 -36.17
N LEU G 134 -32.52 24.75 -36.28
CA LEU G 134 -31.43 24.08 -35.57
C LEU G 134 -30.39 23.66 -36.59
N SER G 135 -29.15 24.09 -36.40
CA SER G 135 -28.07 23.75 -37.30
C SER G 135 -27.06 22.90 -36.56
N PRO G 136 -27.17 21.57 -36.57
CA PRO G 136 -26.27 20.75 -35.76
C PRO G 136 -24.82 20.97 -36.15
N VAL G 137 -23.95 20.96 -35.14
CA VAL G 137 -22.54 21.24 -35.31
C VAL G 137 -21.79 19.92 -35.37
N HIS G 138 -20.92 19.78 -36.37
CA HIS G 138 -20.13 18.57 -36.57
C HIS G 138 -18.66 18.95 -36.43
N PHE G 139 -18.11 18.73 -35.23
CA PHE G 139 -16.74 19.12 -34.95
C PHE G 139 -15.77 18.12 -35.59
N HIS G 140 -14.78 18.64 -36.30
CA HIS G 140 -13.72 17.82 -36.85
C HIS G 140 -12.37 18.46 -36.50
N TYR G 141 -11.34 17.63 -36.43
CA TYR G 141 -10.07 18.04 -35.86
C TYR G 141 -8.97 17.10 -36.32
N ARG G 142 -7.73 17.55 -36.14
CA ARG G 142 -6.56 16.84 -36.61
C ARG G 142 -6.30 15.60 -35.75
N THR G 143 -5.57 14.64 -36.33
CA THR G 143 -5.42 13.34 -35.69
C THR G 143 -4.03 12.72 -35.84
N ASP G 144 -3.00 13.49 -36.20
CA ASP G 144 -1.71 12.90 -36.57
C ASP G 144 -0.62 13.09 -35.51
N CYS G 145 -0.97 13.29 -34.24
CA CYS G 145 0.04 13.40 -33.20
C CYS G 145 0.39 12.00 -32.70
N ASP G 146 1.10 11.94 -31.57
CA ASP G 146 1.35 10.66 -30.93
C ASP G 146 0.05 9.99 -30.49
N SER G 147 -0.86 10.76 -29.88
CA SER G 147 -2.17 10.26 -29.47
C SER G 147 -2.07 9.08 -28.51
N SER G 148 -1.06 9.09 -27.63
CA SER G 148 -0.87 8.00 -26.68
C SER G 148 -1.76 8.12 -25.45
N THR G 149 -2.64 9.10 -25.40
CA THR G 149 -3.48 9.33 -24.23
C THR G 149 -4.88 9.73 -24.70
N ALA G 150 -5.72 10.09 -23.74
CA ALA G 150 -7.05 10.59 -24.05
C ALA G 150 -7.00 12.10 -24.28
N SER G 151 -6.12 12.54 -25.16
CA SER G 151 -6.01 13.94 -25.51
C SER G 151 -5.92 14.05 -27.03
N LEU G 152 -6.41 15.16 -27.55
CA LEU G 152 -6.54 15.36 -28.99
C LEU G 152 -5.48 16.33 -29.50
N CYS G 153 -5.31 16.34 -30.83
CA CYS G 153 -4.27 17.13 -31.45
C CYS G 153 -4.56 18.62 -31.39
N SER G 154 -5.78 19.03 -31.73
CA SER G 154 -6.09 20.44 -31.91
C SER G 154 -7.47 20.72 -31.35
N PHE G 155 -7.74 22.00 -31.13
CA PHE G 155 -9.00 22.40 -30.55
C PHE G 155 -10.14 22.03 -31.49
N PRO G 156 -11.25 21.48 -30.98
CA PRO G 156 -12.42 21.29 -31.85
C PRO G 156 -12.88 22.59 -32.48
N VAL G 157 -13.31 22.50 -33.74
CA VAL G 157 -13.85 23.64 -34.47
C VAL G 157 -14.89 23.12 -35.45
N ALA G 158 -15.59 24.04 -36.10
CA ALA G 158 -16.58 23.65 -37.10
C ALA G 158 -17.14 24.87 -37.80
N ASN G 159 -17.47 24.68 -39.08
CA ASN G 159 -18.32 25.61 -39.82
C ASN G 159 -19.75 25.14 -39.73
N VAL G 160 -20.68 26.06 -39.93
CA VAL G 160 -22.10 25.74 -39.96
C VAL G 160 -22.78 26.70 -40.92
N SER G 161 -23.73 26.19 -41.69
CA SER G 161 -24.45 26.96 -42.69
C SER G 161 -25.80 27.37 -42.13
N LEU G 162 -26.04 28.68 -42.05
CA LEU G 162 -27.24 29.23 -41.45
C LEU G 162 -28.34 29.51 -42.47
N ALA G 163 -28.11 29.24 -43.74
CA ALA G 163 -29.11 29.48 -44.77
C ALA G 163 -30.15 28.37 -44.76
N ARG G 169 -37.23 33.10 -44.04
CA ARG G 169 -36.05 33.27 -43.20
C ARG G 169 -36.42 33.29 -41.73
N VAL G 170 -35.48 32.87 -40.88
CA VAL G 170 -35.64 33.03 -39.44
C VAL G 170 -35.16 34.40 -38.99
N LEU G 171 -34.01 34.83 -39.52
CA LEU G 171 -33.51 36.16 -39.22
C LEU G 171 -34.32 37.21 -39.96
N MET G 172 -34.57 38.34 -39.29
CA MET G 172 -35.24 39.48 -39.91
C MET G 172 -34.54 40.75 -39.46
N TYR G 173 -34.58 41.77 -40.32
CA TYR G 173 -33.84 42.99 -40.06
C TYR G 173 -34.37 43.67 -38.80
N GLY G 174 -33.44 44.28 -38.06
CA GLY G 174 -33.80 45.07 -36.90
C GLY G 174 -34.02 44.25 -35.63
N GLN G 175 -34.71 43.12 -35.77
CA GLN G 175 -35.06 42.33 -34.59
C GLN G 175 -33.81 41.68 -34.00
N PRO G 176 -33.56 41.81 -32.69
CA PRO G 176 -32.50 41.02 -32.06
C PRO G 176 -32.96 39.58 -31.82
N TYR G 177 -32.04 38.64 -32.02
CA TYR G 177 -32.33 37.21 -31.92
C TYR G 177 -31.42 36.54 -30.91
N ARG G 178 -31.90 35.42 -30.38
CA ARG G 178 -31.16 34.65 -29.38
C ARG G 178 -30.46 33.48 -30.06
N VAL G 179 -29.16 33.33 -29.80
CA VAL G 179 -28.35 32.27 -30.39
C VAL G 179 -27.66 31.53 -29.24
N THR G 180 -27.74 30.21 -29.26
CA THR G 180 -27.18 29.39 -28.19
C THR G 180 -26.61 28.11 -28.80
N LEU G 181 -25.69 27.50 -28.06
CA LEU G 181 -25.12 26.20 -28.42
C LEU G 181 -25.38 25.23 -27.29
N GLU G 182 -26.36 24.35 -27.46
CA GLU G 182 -26.66 23.32 -26.49
C GLU G 182 -25.67 22.18 -26.71
N LEU G 183 -24.83 21.94 -25.71
CA LEU G 183 -23.67 21.07 -25.86
C LEU G 183 -23.87 19.83 -25.00
N GLU G 184 -23.70 18.66 -25.63
CA GLU G 184 -24.06 17.38 -25.01
C GLU G 184 -22.78 16.73 -24.48
N LEU G 185 -22.58 16.86 -23.17
CA LEU G 185 -21.40 16.35 -22.50
C LEU G 185 -21.77 15.19 -21.59
N PRO G 186 -21.15 14.03 -21.73
CA PRO G 186 -21.37 12.96 -20.75
C PRO G 186 -20.72 13.30 -19.42
N GLU G 187 -21.20 12.66 -18.37
CA GLU G 187 -20.68 12.84 -17.02
C GLU G 187 -19.52 11.91 -16.71
N SER G 188 -18.78 11.48 -17.73
CA SER G 188 -17.68 10.55 -17.51
C SER G 188 -16.58 11.22 -16.69
N PRO G 189 -15.82 10.44 -15.92
CA PRO G 189 -14.84 11.05 -15.01
C PRO G 189 -13.88 12.00 -15.69
N VAL G 190 -13.48 11.72 -16.93
CA VAL G 190 -12.54 12.60 -17.62
C VAL G 190 -13.11 14.01 -17.73
N ASN G 191 -14.41 14.11 -17.99
CA ASN G 191 -15.02 15.43 -18.16
C ASN G 191 -15.10 16.17 -16.83
N GLN G 192 -15.33 15.48 -15.73
CA GLN G 192 -15.45 16.16 -14.44
C GLN G 192 -14.14 16.81 -14.06
N ASP G 193 -13.01 16.15 -14.30
CA ASP G 193 -11.71 16.74 -14.02
C ASP G 193 -11.33 17.80 -15.05
N LEU G 194 -12.10 17.96 -16.11
CA LEU G 194 -11.75 18.90 -17.17
C LEU G 194 -11.66 20.32 -16.65
N GLY G 195 -12.65 20.74 -15.87
CA GLY G 195 -12.67 22.13 -15.45
C GLY G 195 -13.22 23.02 -16.55
N MET G 196 -13.04 24.33 -16.34
CA MET G 196 -13.57 25.30 -17.29
C MET G 196 -12.87 25.19 -18.62
N PHE G 197 -13.59 25.56 -19.67
CA PHE G 197 -13.04 25.62 -21.02
C PHE G 197 -13.80 26.68 -21.80
N LEU G 198 -13.06 27.54 -22.47
CA LEU G 198 -13.67 28.63 -23.21
C LEU G 198 -14.36 28.11 -24.48
N VAL G 199 -15.48 28.73 -24.82
CA VAL G 199 -16.24 28.45 -26.03
C VAL G 199 -16.46 29.76 -26.75
N THR G 200 -16.21 29.78 -28.06
CA THR G 200 -16.35 30.99 -28.85
C THR G 200 -17.15 30.70 -30.10
N VAL G 201 -17.89 31.71 -30.55
CA VAL G 201 -18.67 31.66 -31.78
C VAL G 201 -18.28 32.85 -32.64
N SER G 202 -18.12 32.61 -33.93
CA SER G 202 -17.71 33.65 -34.87
C SER G 202 -18.66 33.63 -36.06
N CYS G 203 -19.60 34.57 -36.08
CA CYS G 203 -20.51 34.71 -37.20
C CYS G 203 -19.77 35.33 -38.39
N TYR G 204 -20.33 35.11 -39.58
CA TYR G 204 -19.75 35.68 -40.78
C TYR G 204 -20.79 35.68 -41.89
N THR G 205 -20.44 36.34 -43.00
CA THR G 205 -21.38 36.63 -44.07
C THR G 205 -21.28 35.59 -45.19
N ARG G 206 -21.99 35.86 -46.28
CA ARG G 206 -21.91 35.01 -47.47
C ARG G 206 -20.50 35.02 -48.05
N GLY G 207 -19.85 36.17 -48.07
CA GLY G 207 -18.50 36.29 -48.58
C GLY G 207 -17.42 35.87 -47.60
N GLY G 208 -17.79 35.42 -46.41
CA GLY G 208 -16.85 35.01 -45.40
C GLY G 208 -16.48 36.09 -44.40
N ARG G 209 -16.84 37.35 -44.67
CA ARG G 209 -16.47 38.42 -43.76
C ARG G 209 -17.07 38.18 -42.38
N ILE G 210 -16.26 38.39 -41.35
CA ILE G 210 -16.70 38.14 -39.98
C ILE G 210 -17.55 39.31 -39.51
N ILE G 211 -18.79 39.03 -39.13
CA ILE G 211 -19.70 40.08 -38.68
C ILE G 211 -19.40 40.44 -37.22
N SER G 212 -19.37 39.43 -36.35
CA SER G 212 -19.18 39.66 -34.93
C SER G 212 -18.51 38.45 -34.33
N THR G 213 -17.90 38.64 -33.16
CA THR G 213 -17.23 37.58 -32.43
C THR G 213 -17.70 37.59 -30.99
N SER G 214 -17.77 36.41 -30.38
CA SER G 214 -18.29 36.27 -29.03
C SER G 214 -17.59 35.11 -28.34
N SER G 215 -17.66 35.09 -27.01
CA SER G 215 -17.07 34.03 -26.23
C SER G 215 -17.75 33.92 -24.88
N ARG G 216 -18.01 32.70 -24.45
CA ARG G 216 -18.57 32.42 -23.13
C ARG G 216 -17.89 31.18 -22.56
N SER G 217 -17.54 31.23 -21.29
CA SER G 217 -16.95 30.08 -20.63
C SER G 217 -18.06 29.21 -20.04
N VAL G 218 -17.92 27.90 -20.24
CA VAL G 218 -18.92 26.94 -19.79
C VAL G 218 -18.22 25.81 -19.05
N MET G 219 -18.93 25.17 -18.14
CA MET G 219 -18.39 24.07 -17.36
C MET G 219 -19.48 23.08 -17.04
N LEU G 220 -19.15 21.79 -17.14
CA LEU G 220 -20.07 20.73 -16.76
C LEU G 220 -20.37 20.84 -15.28
N HIS G 221 -21.65 20.73 -14.93
CA HIS G 221 -22.08 20.98 -13.55
C HIS G 221 -21.56 19.90 -12.61
N TYR G 222 -21.22 20.32 -11.40
CA TYR G 222 -20.66 19.40 -10.42
C TYR G 222 -21.76 18.64 -9.70
N ARG G 223 -21.57 17.33 -9.55
CA ARG G 223 -22.48 16.49 -8.79
C ARG G 223 -21.64 15.48 -8.02
N SER G 224 -21.90 15.38 -6.72
CA SER G 224 -21.06 14.57 -5.85
C SER G 224 -21.19 13.10 -6.21
N GLN G 225 -20.21 12.31 -5.75
CA GLN G 225 -20.23 10.88 -6.04
C GLN G 225 -21.45 10.21 -5.43
N LEU G 226 -21.81 10.58 -4.21
CA LEU G 226 -23.03 10.05 -3.60
C LEU G 226 -24.25 10.46 -4.41
N LEU G 227 -24.31 11.70 -4.85
CA LEU G 227 -25.44 12.16 -5.65
C LEU G 227 -25.54 11.38 -6.96
N GLN G 228 -24.40 11.16 -7.63
CA GLN G 228 -24.42 10.41 -8.88
C GLN G 228 -24.93 9.00 -8.66
N VAL G 229 -24.48 8.35 -7.59
CA VAL G 229 -24.92 6.98 -7.31
C VAL G 229 -26.41 6.97 -7.02
N LEU G 230 -26.90 7.95 -6.28
CA LEU G 230 -28.34 8.04 -6.01
C LEU G 230 -29.11 8.25 -7.30
N ASP G 231 -28.61 9.12 -8.18
CA ASP G 231 -29.27 9.32 -9.46
C ASP G 231 -29.22 8.06 -10.31
N THR G 232 -28.05 7.43 -10.39
CA THR G 232 -27.93 6.20 -11.15
C THR G 232 -28.89 5.12 -10.64
N LEU G 233 -29.17 5.14 -9.34
CA LEU G 233 -30.03 4.13 -8.74
C LEU G 233 -31.50 4.47 -8.95
N LEU G 234 -31.94 5.61 -8.42
CA LEU G 234 -33.36 5.95 -8.47
C LEU G 234 -33.87 6.14 -9.89
N PHE G 235 -32.99 6.40 -10.85
CA PHE G 235 -33.37 6.53 -12.25
C PHE G 235 -32.87 5.35 -13.09
N SER G 236 -32.67 4.19 -12.47
CA SER G 236 -32.22 3.02 -13.21
C SER G 236 -33.25 2.61 -14.26
N SER G 237 -34.53 2.68 -13.91
CA SER G 237 -35.59 2.23 -14.80
C SER G 237 -35.61 2.99 -16.12
N LEU G 238 -35.05 4.18 -16.17
CA LEU G 238 -34.95 4.95 -17.41
C LEU G 238 -33.60 4.78 -18.10
N LEU G 239 -32.51 4.77 -17.33
CA LEU G 239 -31.19 4.61 -17.94
C LEU G 239 -31.05 3.25 -18.61
N LEU G 240 -31.53 2.19 -17.96
CA LEU G 240 -31.36 0.85 -18.50
C LEU G 240 -32.11 0.67 -19.81
N PHE G 241 -33.32 1.22 -19.90
CA PHE G 241 -34.15 1.07 -21.09
C PHE G 241 -33.86 2.13 -22.14
N GLY G 242 -32.89 3.00 -21.91
CA GLY G 242 -32.54 4.02 -22.89
C GLY G 242 -33.39 5.25 -22.86
N PHE G 243 -34.34 5.35 -21.93
CA PHE G 243 -35.14 6.56 -21.79
C PHE G 243 -34.36 7.70 -21.15
N ALA G 244 -33.29 7.39 -20.43
CA ALA G 244 -32.43 8.40 -19.83
C ALA G 244 -30.98 8.03 -20.07
N GLU G 245 -30.11 9.03 -20.03
CA GLU G 245 -28.69 8.82 -20.25
C GLU G 245 -27.90 9.75 -19.35
N GLN G 246 -26.70 9.31 -18.95
CA GLN G 246 -25.86 10.07 -18.03
C GLN G 246 -25.12 11.18 -18.79
N LYS G 247 -25.89 12.15 -19.25
CA LYS G 247 -25.37 13.24 -20.04
C LYS G 247 -25.96 14.55 -19.56
N GLN G 248 -25.24 15.64 -19.84
CA GLN G 248 -25.65 16.97 -19.46
C GLN G 248 -25.69 17.85 -20.70
N LEU G 249 -26.80 18.57 -20.88
CA LEU G 249 -26.90 19.60 -21.90
C LEU G 249 -26.51 20.94 -21.28
N LEU G 250 -25.42 21.52 -21.78
CA LEU G 250 -24.95 22.83 -21.33
C LEU G 250 -25.40 23.88 -22.33
N GLU G 251 -26.13 24.88 -21.85
CA GLU G 251 -26.73 25.90 -22.72
C GLU G 251 -25.84 27.13 -22.72
N VAL G 252 -24.80 27.09 -23.55
CA VAL G 252 -23.91 28.23 -23.71
C VAL G 252 -24.62 29.27 -24.56
N GLU G 253 -25.20 30.29 -23.91
CA GLU G 253 -25.92 31.34 -24.61
C GLU G 253 -24.93 32.38 -25.08
N LEU G 254 -24.50 32.23 -26.34
CA LEU G 254 -23.49 33.12 -26.89
C LEU G 254 -24.05 34.47 -27.32
N TYR G 255 -25.38 34.62 -27.29
CA TYR G 255 -26.00 35.86 -27.78
C TYR G 255 -27.41 35.94 -27.22
N SER G 256 -27.66 36.94 -26.37
CA SER G 256 -29.01 37.18 -25.88
C SER G 256 -29.78 38.12 -26.79
N ASP G 257 -29.09 38.91 -27.60
CA ASP G 257 -29.73 39.82 -28.57
C ASP G 257 -28.79 39.97 -29.76
N TYR G 258 -29.12 39.28 -30.86
CA TYR G 258 -28.38 39.36 -32.11
C TYR G 258 -29.29 39.95 -33.18
N ARG G 259 -28.85 41.05 -33.79
CA ARG G 259 -29.67 41.82 -34.72
C ARG G 259 -29.16 41.64 -36.14
N GLU G 260 -30.09 41.46 -37.08
CA GLU G 260 -29.75 41.34 -38.49
C GLU G 260 -29.46 42.71 -39.08
N ASN G 261 -28.44 42.78 -39.92
CA ASN G 261 -28.04 44.01 -40.60
C ASN G 261 -28.39 43.91 -42.07
N SER G 262 -29.12 44.91 -42.57
CA SER G 262 -29.54 44.87 -43.97
C SER G 262 -28.35 44.84 -44.91
N TYR G 263 -27.32 45.65 -44.64
CA TYR G 263 -26.15 45.72 -45.49
C TYR G 263 -25.16 44.59 -45.23
N VAL G 264 -25.37 43.79 -44.20
CA VAL G 264 -24.46 42.69 -43.85
C VAL G 264 -25.28 41.47 -43.48
N PRO G 265 -25.46 40.50 -44.37
CA PRO G 265 -26.32 39.36 -44.06
C PRO G 265 -25.56 38.25 -43.32
N THR G 266 -26.25 37.61 -42.39
CA THR G 266 -25.69 36.47 -41.68
C THR G 266 -25.84 35.21 -42.52
N THR G 267 -24.73 34.51 -42.75
CA THR G 267 -24.76 33.31 -43.57
C THR G 267 -24.27 32.05 -42.87
N GLY G 268 -23.24 32.12 -42.03
CA GLY G 268 -22.72 30.93 -41.36
C GLY G 268 -21.88 31.34 -40.18
N ALA G 269 -21.56 30.35 -39.35
CA ALA G 269 -20.86 30.58 -38.11
C ALA G 269 -19.77 29.55 -37.91
N ILE G 270 -18.71 29.95 -37.22
CA ILE G 270 -17.63 29.08 -36.79
C ILE G 270 -17.70 28.98 -35.27
N ILE G 271 -17.64 27.77 -34.75
CA ILE G 271 -17.84 27.50 -33.33
C ILE G 271 -16.66 26.68 -32.83
N GLU G 272 -16.19 26.99 -31.62
CA GLU G 272 -14.97 26.39 -31.11
C GLU G 272 -15.17 26.02 -29.65
N ILE G 273 -14.38 25.04 -29.20
CA ILE G 273 -14.37 24.61 -27.80
C ILE G 273 -12.91 24.44 -27.42
N HIS G 274 -12.35 25.42 -26.73
CA HIS G 274 -10.91 25.53 -26.53
C HIS G 274 -10.38 24.57 -25.49
N SER G 275 -10.48 23.27 -25.76
CA SER G 275 -9.95 22.26 -24.84
C SER G 275 -9.62 21.01 -25.63
N LYS G 276 -8.51 20.37 -25.26
CA LYS G 276 -8.08 19.14 -25.90
C LYS G 276 -8.53 17.90 -25.14
N ARG G 277 -9.27 18.05 -24.05
CA ARG G 277 -9.70 16.93 -23.24
C ARG G 277 -11.21 16.81 -23.11
N ILE G 278 -11.97 17.66 -23.80
CA ILE G 278 -13.42 17.58 -23.74
C ILE G 278 -13.89 16.31 -24.44
N GLN G 279 -14.85 15.63 -23.84
CA GLN G 279 -15.54 14.50 -24.45
C GLN G 279 -16.98 14.91 -24.69
N MET G 280 -17.43 14.84 -25.95
CA MET G 280 -18.77 15.30 -26.28
C MET G 280 -19.37 14.44 -27.39
N TYR G 281 -20.69 14.35 -27.39
CA TYR G 281 -21.45 13.61 -28.39
C TYR G 281 -21.81 14.45 -29.61
N GLY G 282 -22.36 15.63 -29.38
CA GLY G 282 -22.75 16.51 -30.47
C GLY G 282 -23.30 17.79 -29.90
N ALA G 283 -23.47 18.77 -30.80
CA ALA G 283 -23.89 20.10 -30.40
C ALA G 283 -24.86 20.67 -31.41
N TYR G 284 -25.87 21.37 -30.91
CA TYR G 284 -26.84 22.08 -31.74
C TYR G 284 -26.67 23.57 -31.51
N LEU G 285 -26.59 24.34 -32.61
CA LEU G 285 -26.62 25.79 -32.54
C LEU G 285 -28.05 26.25 -32.77
N ARG G 286 -28.77 26.54 -31.70
CA ARG G 286 -30.20 26.82 -31.74
C ARG G 286 -30.44 28.33 -31.76
N ILE G 287 -31.24 28.78 -32.71
CA ILE G 287 -31.66 30.17 -32.81
C ILE G 287 -33.16 30.24 -32.63
N HIS G 288 -33.62 31.27 -31.93
CA HIS G 288 -35.05 31.46 -31.68
C HIS G 288 -35.33 32.93 -31.46
N ALA G 289 -36.45 33.39 -32.02
CA ALA G 289 -36.86 34.78 -31.82
C ALA G 289 -37.04 35.06 -30.34
N HIS G 290 -36.56 36.22 -29.90
CA HIS G 290 -36.56 36.51 -28.47
C HIS G 290 -37.96 36.79 -27.94
N PHE G 291 -38.91 37.10 -28.81
CA PHE G 291 -40.26 37.43 -28.36
C PHE G 291 -40.93 36.17 -27.82
N THR G 292 -40.93 36.00 -26.50
CA THR G 292 -41.50 34.82 -25.87
C THR G 292 -42.62 35.19 -24.91
N GLY G 293 -42.38 36.18 -24.06
CA GLY G 293 -43.40 36.57 -23.09
C GLY G 293 -43.56 35.51 -22.01
N LEU G 294 -44.78 35.42 -21.49
CA LEU G 294 -45.06 34.43 -20.45
C LEU G 294 -44.95 33.00 -20.96
N ARG G 295 -44.93 32.82 -22.29
CA ARG G 295 -44.86 31.48 -22.85
C ARG G 295 -43.51 30.80 -22.56
N TYR G 296 -42.52 31.55 -22.07
CA TYR G 296 -41.22 30.96 -21.81
C TYR G 296 -41.31 29.82 -20.81
N LEU G 297 -42.31 29.83 -19.93
CA LEU G 297 -42.45 28.76 -18.95
C LEU G 297 -42.66 27.40 -19.60
N LEU G 298 -43.18 27.36 -20.82
CA LEU G 298 -43.42 26.09 -21.49
C LEU G 298 -42.13 25.35 -21.80
N TYR G 299 -40.99 26.05 -21.82
CA TYR G 299 -39.70 25.43 -22.12
C TYR G 299 -39.10 24.72 -20.91
N ASN G 300 -39.70 24.85 -19.73
CA ASN G 300 -39.18 24.21 -18.53
C ASN G 300 -39.11 22.69 -18.71
N PRO H 129 -41.18 46.35 -7.97
CA PRO H 129 -39.86 46.67 -8.54
C PRO H 129 -38.96 47.43 -7.58
N THR H 130 -37.69 47.60 -7.96
CA THR H 130 -36.71 48.31 -7.14
C THR H 130 -35.74 49.03 -8.06
N VAL H 131 -35.06 50.05 -7.51
CA VAL H 131 -34.09 50.81 -8.27
C VAL H 131 -32.80 50.01 -8.32
N SER H 132 -32.66 49.18 -9.34
CA SER H 132 -31.53 48.27 -9.44
C SER H 132 -31.40 47.76 -10.87
N HIS H 133 -30.23 47.22 -11.19
CA HIS H 133 -30.02 46.57 -12.46
C HIS H 133 -28.93 45.51 -12.30
N LEU H 134 -29.14 44.37 -12.92
CA LEU H 134 -28.22 43.24 -12.86
C LEU H 134 -27.45 43.18 -14.17
N SER H 135 -26.14 43.32 -14.09
CA SER H 135 -25.29 43.29 -15.27
C SER H 135 -24.47 42.02 -15.24
N PRO H 136 -24.98 40.90 -15.76
CA PRO H 136 -24.25 39.63 -15.64
C PRO H 136 -22.87 39.73 -16.26
N VAL H 137 -21.89 39.11 -15.61
CA VAL H 137 -20.50 39.19 -16.01
C VAL H 137 -20.15 37.95 -16.82
N HIS H 138 -19.48 38.16 -17.95
CA HIS H 138 -19.06 37.09 -18.84
C HIS H 138 -17.54 37.05 -18.87
N PHE H 139 -16.97 36.20 -18.03
CA PHE H 139 -15.52 36.12 -17.91
C PHE H 139 -14.94 35.42 -19.13
N HIS H 140 -13.92 36.03 -19.74
CA HIS H 140 -13.16 35.40 -20.80
C HIS H 140 -11.68 35.51 -20.49
N TYR H 141 -10.91 34.58 -21.03
CA TYR H 141 -9.49 34.44 -20.70
C TYR H 141 -8.78 33.70 -21.83
N ARG H 142 -7.45 33.83 -21.81
CA ARG H 142 -6.61 33.31 -22.88
C ARG H 142 -6.49 31.79 -22.79
N THR H 143 -6.18 31.16 -23.94
CA THR H 143 -6.10 29.71 -24.01
C THR H 143 -4.96 29.21 -24.89
N ASP H 144 -3.86 29.94 -25.00
CA ASP H 144 -2.80 29.60 -25.94
C ASP H 144 -1.78 28.61 -25.38
N CYS H 145 -1.63 28.50 -24.06
CA CYS H 145 -0.54 27.74 -23.49
C CYS H 145 -0.85 26.24 -23.57
N ASP H 146 -0.05 25.42 -22.89
CA ASP H 146 -0.22 23.98 -22.97
C ASP H 146 -1.58 23.55 -22.44
N SER H 147 -2.00 24.10 -21.31
CA SER H 147 -3.30 23.80 -20.71
C SER H 147 -3.49 22.31 -20.45
N SER H 148 -2.45 21.62 -19.99
CA SER H 148 -2.53 20.19 -19.75
C SER H 148 -2.97 19.89 -18.32
N THR H 149 -3.69 20.82 -17.71
CA THR H 149 -4.09 20.68 -16.32
C THR H 149 -5.37 21.48 -16.12
N ALA H 150 -6.05 21.20 -15.00
CA ALA H 150 -7.27 21.93 -14.66
C ALA H 150 -7.02 23.42 -14.47
N SER H 151 -5.79 23.83 -14.21
CA SER H 151 -5.48 25.24 -14.06
C SER H 151 -5.56 25.95 -15.41
N LEU H 152 -6.16 27.13 -15.42
CA LEU H 152 -6.31 27.90 -16.65
C LEU H 152 -4.99 28.54 -17.03
N CYS H 153 -5.05 29.39 -18.06
CA CYS H 153 -3.84 29.96 -18.62
C CYS H 153 -3.55 31.36 -18.08
N SER H 154 -4.59 32.20 -17.97
CA SER H 154 -4.42 33.57 -17.53
C SER H 154 -5.52 33.93 -16.54
N PHE H 155 -5.31 35.04 -15.85
CA PHE H 155 -6.27 35.46 -14.83
C PHE H 155 -7.62 35.75 -15.46
N PRO H 156 -8.70 35.18 -14.96
CA PRO H 156 -10.03 35.56 -15.45
C PRO H 156 -10.27 37.06 -15.29
N VAL H 157 -10.88 37.67 -16.30
CA VAL H 157 -11.22 39.08 -16.27
C VAL H 157 -12.57 39.26 -16.95
N ALA H 158 -13.05 40.50 -16.97
CA ALA H 158 -14.31 40.80 -17.62
C ALA H 158 -14.42 42.29 -17.86
N ASN H 159 -15.35 42.67 -18.74
CA ASN H 159 -15.73 44.05 -18.97
C ASN H 159 -17.24 44.10 -19.08
N VAL H 160 -17.86 44.93 -18.25
CA VAL H 160 -19.31 45.00 -18.15
C VAL H 160 -19.74 46.43 -18.40
N SER H 161 -20.86 46.59 -19.11
CA SER H 161 -21.39 47.89 -19.48
C SER H 161 -22.54 48.25 -18.55
N LEU H 162 -22.45 49.42 -17.92
CA LEU H 162 -23.41 49.86 -16.92
C LEU H 162 -24.50 50.76 -17.49
N ALA H 163 -24.45 51.09 -18.77
CA ALA H 163 -25.47 51.93 -19.38
C ALA H 163 -26.76 51.14 -19.58
N ARG H 169 -32.48 56.82 -14.69
CA ARG H 169 -31.21 56.19 -14.34
C ARG H 169 -31.31 55.46 -13.00
N VAL H 170 -30.41 54.49 -12.80
CA VAL H 170 -30.27 53.86 -11.50
C VAL H 170 -29.36 54.68 -10.60
N LEU H 171 -28.25 55.15 -11.15
CA LEU H 171 -27.33 56.00 -10.41
C LEU H 171 -27.81 57.44 -10.42
N MET H 172 -27.77 58.09 -9.26
CA MET H 172 -28.09 59.49 -9.13
C MET H 172 -27.07 60.15 -8.23
N TYR H 173 -26.88 61.46 -8.43
CA TYR H 173 -25.82 62.18 -7.72
C TYR H 173 -26.09 62.17 -6.22
N GLY H 174 -25.02 61.95 -5.45
CA GLY H 174 -25.11 62.04 -4.00
C GLY H 174 -25.63 60.80 -3.32
N GLN H 175 -26.57 60.10 -3.95
CA GLN H 175 -27.19 58.95 -3.31
C GLN H 175 -26.19 57.80 -3.21
N PRO H 176 -26.00 57.22 -2.03
CA PRO H 176 -25.12 56.05 -1.91
C PRO H 176 -25.74 54.82 -2.56
N TYR H 177 -24.87 53.95 -3.10
CA TYR H 177 -25.31 52.73 -3.75
C TYR H 177 -24.40 51.58 -3.36
N ARG H 178 -24.99 50.39 -3.29
CA ARG H 178 -24.29 49.17 -2.90
C ARG H 178 -24.00 48.35 -4.15
N VAL H 179 -22.72 48.14 -4.44
CA VAL H 179 -22.29 47.40 -5.62
C VAL H 179 -21.64 46.11 -5.14
N THR H 180 -22.13 44.98 -5.63
CA THR H 180 -21.66 43.67 -5.18
C THR H 180 -21.55 42.75 -6.39
N LEU H 181 -20.77 41.69 -6.22
CA LEU H 181 -20.62 40.66 -7.22
C LEU H 181 -20.97 39.31 -6.59
N GLU H 182 -22.17 38.82 -6.88
CA GLU H 182 -22.62 37.53 -6.39
C GLU H 182 -22.05 36.46 -7.30
N LEU H 183 -21.17 35.63 -6.76
CA LEU H 183 -20.32 34.75 -7.54
C LEU H 183 -20.75 33.31 -7.29
N GLU H 184 -20.97 32.55 -8.37
CA GLU H 184 -21.58 31.23 -8.31
C GLU H 184 -20.48 30.19 -8.46
N LEU H 185 -20.09 29.60 -7.34
CA LEU H 185 -19.01 28.63 -7.31
C LEU H 185 -19.54 27.27 -6.92
N PRO H 186 -19.24 26.21 -7.67
CA PRO H 186 -19.60 24.87 -7.21
C PRO H 186 -18.73 24.44 -6.05
N GLU H 187 -19.21 23.44 -5.32
CA GLU H 187 -18.51 22.90 -4.16
C GLU H 187 -17.60 21.76 -4.58
N SER H 188 -17.12 21.80 -5.82
CA SER H 188 -16.27 20.73 -6.33
C SER H 188 -14.96 20.67 -5.56
N PRO H 189 -14.34 19.49 -5.47
CA PRO H 189 -13.12 19.38 -4.65
C PRO H 189 -12.03 20.35 -5.05
N VAL H 190 -11.90 20.66 -6.34
CA VAL H 190 -10.86 21.60 -6.76
C VAL H 190 -11.07 22.95 -6.10
N ASN H 191 -12.32 23.38 -5.98
CA ASN H 191 -12.62 24.69 -5.41
C ASN H 191 -12.40 24.74 -3.91
N GLN H 192 -12.61 23.63 -3.20
CA GLN H 192 -12.34 23.62 -1.76
C GLN H 192 -10.85 23.76 -1.48
N ASP H 193 -10.01 23.09 -2.26
CA ASP H 193 -8.56 23.23 -2.10
C ASP H 193 -8.04 24.54 -2.67
N LEU H 194 -8.90 25.33 -3.32
CA LEU H 194 -8.44 26.58 -3.92
C LEU H 194 -7.87 27.53 -2.87
N GLY H 195 -8.55 27.67 -1.75
CA GLY H 195 -8.10 28.63 -0.78
C GLY H 195 -8.50 30.04 -1.19
N MET H 196 -8.03 31.01 -0.41
CA MET H 196 -8.41 32.38 -0.62
C MET H 196 -7.87 32.89 -1.95
N PHE H 197 -8.63 33.81 -2.55
CA PHE H 197 -8.23 34.46 -3.78
C PHE H 197 -8.79 35.88 -3.78
N LEU H 198 -8.15 36.76 -4.54
CA LEU H 198 -8.53 38.15 -4.55
C LEU H 198 -9.48 38.45 -5.72
N VAL H 199 -10.47 39.29 -5.45
CA VAL H 199 -11.40 39.79 -6.46
C VAL H 199 -11.37 41.31 -6.44
N THR H 200 -11.25 41.91 -7.61
CA THR H 200 -11.16 43.35 -7.73
C THR H 200 -12.15 43.88 -8.75
N VAL H 201 -12.64 45.09 -8.51
CA VAL H 201 -13.52 45.80 -9.43
C VAL H 201 -12.92 47.16 -9.73
N SER H 202 -12.93 47.53 -11.00
CA SER H 202 -12.36 48.79 -11.45
C SER H 202 -13.38 49.53 -12.29
N CYS H 203 -14.11 50.46 -11.67
CA CYS H 203 -15.08 51.26 -12.39
C CYS H 203 -14.36 52.26 -13.30
N TYR H 204 -15.09 52.77 -14.28
CA TYR H 204 -14.53 53.75 -15.20
C TYR H 204 -15.66 54.49 -15.92
N THR H 205 -15.28 55.54 -16.64
CA THR H 205 -16.22 56.45 -17.28
C THR H 205 -16.49 56.04 -18.72
N ARG H 206 -17.22 56.92 -19.43
CA ARG H 206 -17.48 56.69 -20.85
C ARG H 206 -16.19 56.72 -21.67
N GLY H 207 -15.27 57.62 -21.33
CA GLY H 207 -14.01 57.73 -22.04
C GLY H 207 -12.95 56.74 -21.60
N GLY H 208 -13.29 55.85 -20.67
CA GLY H 208 -12.34 54.88 -20.16
C GLY H 208 -11.63 55.28 -18.89
N ARG H 209 -11.71 56.56 -18.50
CA ARG H 209 -11.02 57.01 -17.29
C ARG H 209 -11.50 56.22 -16.08
N ILE H 210 -10.56 55.75 -15.27
CA ILE H 210 -10.89 54.94 -14.11
C ILE H 210 -11.37 55.85 -13.00
N ILE H 211 -12.58 55.60 -12.51
CA ILE H 211 -13.15 56.44 -11.45
C ILE H 211 -12.64 56.00 -10.09
N SER H 212 -12.81 54.71 -9.78
CA SER H 212 -12.45 54.19 -8.47
C SER H 212 -12.04 52.73 -8.61
N THR H 213 -11.14 52.30 -7.74
CA THR H 213 -10.64 50.93 -7.72
C THR H 213 -10.86 50.33 -6.35
N SER H 214 -11.25 49.06 -6.32
CA SER H 214 -11.57 48.36 -5.07
C SER H 214 -11.08 46.93 -5.15
N SER H 215 -10.91 46.30 -3.99
CA SER H 215 -10.47 44.92 -3.90
C SER H 215 -10.94 44.31 -2.59
N ARG H 216 -11.61 43.16 -2.68
CA ARG H 216 -12.05 42.40 -1.52
C ARG H 216 -11.65 40.94 -1.72
N SER H 217 -11.18 40.31 -0.65
CA SER H 217 -10.79 38.91 -0.70
C SER H 217 -11.96 38.03 -0.32
N VAL H 218 -12.19 36.99 -1.12
CA VAL H 218 -13.34 36.10 -0.93
C VAL H 218 -12.84 34.66 -0.93
N MET H 219 -13.59 33.79 -0.26
CA MET H 219 -13.27 32.38 -0.20
C MET H 219 -14.53 31.56 -0.05
N LEU H 220 -14.55 30.40 -0.70
CA LEU H 220 -15.69 29.49 -0.60
C LEU H 220 -15.79 28.93 0.81
N HIS H 221 -17.00 28.88 1.35
CA HIS H 221 -17.19 28.48 2.74
C HIS H 221 -16.92 26.99 2.92
N TYR H 222 -16.33 26.65 4.06
CA TYR H 222 -15.91 25.28 4.32
C TYR H 222 -17.07 24.46 4.87
N ARG H 223 -17.19 23.23 4.38
CA ARG H 223 -18.19 22.30 4.89
C ARG H 223 -17.55 20.92 4.95
N SER H 224 -17.59 20.30 6.12
CA SER H 224 -16.93 19.01 6.31
C SER H 224 -17.53 17.96 5.40
N GLN H 225 -16.76 16.90 5.18
CA GLN H 225 -17.23 15.82 4.31
C GLN H 225 -18.47 15.16 4.88
N LEU H 226 -18.54 14.98 6.19
CA LEU H 226 -19.75 14.44 6.79
C LEU H 226 -20.94 15.38 6.60
N LEU H 227 -20.71 16.68 6.76
CA LEU H 227 -21.78 17.64 6.54
C LEU H 227 -22.25 17.60 5.09
N GLN H 228 -21.32 17.53 4.15
CA GLN H 228 -21.69 17.46 2.74
C GLN H 228 -22.52 16.21 2.46
N VAL H 229 -22.11 15.07 3.02
CA VAL H 229 -22.85 13.84 2.82
C VAL H 229 -24.26 13.97 3.39
N LEU H 230 -24.37 14.57 4.57
CA LEU H 230 -25.69 14.79 5.16
C LEU H 230 -26.49 15.77 4.32
N ASP H 231 -25.85 16.81 3.79
CA ASP H 231 -26.54 17.77 2.94
C ASP H 231 -27.01 17.10 1.65
N THR H 232 -26.14 16.33 1.02
CA THR H 232 -26.52 15.64 -0.22
C THR H 232 -27.69 14.70 0.02
N LEU H 233 -27.72 14.02 1.16
CA LEU H 233 -28.76 13.03 1.41
C LEU H 233 -30.11 13.70 1.66
N LEU H 234 -30.20 14.55 2.69
CA LEU H 234 -31.48 15.13 3.05
C LEU H 234 -32.04 16.01 1.93
N PHE H 235 -31.20 16.81 1.29
CA PHE H 235 -31.62 17.65 0.17
C PHE H 235 -31.54 16.90 -1.16
N SER H 236 -31.55 15.57 -1.14
CA SER H 236 -31.51 14.80 -2.38
C SER H 236 -32.73 15.09 -3.24
N SER H 237 -33.91 15.19 -2.62
CA SER H 237 -35.14 15.36 -3.37
C SER H 237 -35.10 16.59 -4.28
N LEU H 238 -34.41 17.65 -3.86
CA LEU H 238 -34.30 18.85 -4.70
C LEU H 238 -33.17 18.73 -5.71
N LEU H 239 -32.03 18.17 -5.30
CA LEU H 239 -30.90 18.04 -6.21
C LEU H 239 -31.22 17.13 -7.39
N LEU H 240 -31.88 16.00 -7.13
CA LEU H 240 -32.16 15.05 -8.19
C LEU H 240 -33.12 15.63 -9.23
N PHE H 241 -34.15 16.35 -8.79
CA PHE H 241 -35.09 16.96 -9.71
C PHE H 241 -34.60 18.29 -10.25
N GLY H 242 -33.39 18.72 -9.89
CA GLY H 242 -32.86 19.98 -10.38
C GLY H 242 -33.33 21.21 -9.67
N PHE H 243 -34.13 21.05 -8.61
CA PHE H 243 -34.58 22.20 -7.83
C PHE H 243 -33.50 22.73 -6.90
N ALA H 244 -32.46 21.93 -6.62
CA ALA H 244 -31.33 22.37 -5.83
C ALA H 244 -30.05 21.94 -6.54
N GLU H 245 -28.95 22.60 -6.21
CA GLU H 245 -27.67 22.27 -6.81
C GLU H 245 -26.57 22.51 -5.79
N GLN H 246 -25.47 21.78 -5.94
CA GLN H 246 -24.35 21.83 -5.00
C GLN H 246 -23.43 23.01 -5.34
N LYS H 247 -23.97 24.20 -5.16
CA LYS H 247 -23.27 25.43 -5.51
C LYS H 247 -23.44 26.45 -4.40
N GLN H 248 -22.48 27.36 -4.30
CA GLN H 248 -22.47 28.41 -3.30
C GLN H 248 -22.47 29.76 -4.00
N LEU H 249 -23.39 30.64 -3.61
CA LEU H 249 -23.38 32.02 -4.04
C LEU H 249 -22.60 32.85 -3.02
N LEU H 250 -21.52 33.47 -3.45
CA LEU H 250 -20.67 34.30 -2.61
C LEU H 250 -20.90 35.76 -2.93
N GLU H 251 -21.20 36.56 -1.91
CA GLU H 251 -21.48 37.99 -2.08
C GLU H 251 -20.22 38.78 -1.76
N VAL H 252 -19.46 39.12 -2.80
CA VAL H 252 -18.30 39.98 -2.65
C VAL H 252 -18.80 41.43 -2.71
N GLU H 253 -18.94 42.07 -1.55
CA GLU H 253 -19.48 43.43 -1.47
C GLU H 253 -18.35 44.41 -1.79
N LEU H 254 -18.15 44.62 -3.08
CA LEU H 254 -17.06 45.50 -3.53
C LEU H 254 -17.28 46.93 -3.05
N TYR H 255 -18.52 47.31 -2.73
CA TYR H 255 -18.83 48.67 -2.35
C TYR H 255 -20.10 48.68 -1.49
N SER H 256 -19.99 49.18 -0.27
CA SER H 256 -21.16 49.35 0.58
C SER H 256 -21.76 50.74 0.48
N ASP H 257 -20.99 51.74 0.02
CA ASP H 257 -21.48 53.11 -0.15
C ASP H 257 -20.81 53.67 -1.41
N TYR H 258 -21.54 53.67 -2.51
CA TYR H 258 -21.09 54.24 -3.78
C TYR H 258 -22.03 55.35 -4.22
N ARG H 259 -21.46 56.48 -4.64
CA ARG H 259 -22.22 57.66 -5.00
C ARG H 259 -21.75 58.21 -6.34
N GLU H 260 -22.69 58.80 -7.09
CA GLU H 260 -22.40 59.34 -8.39
C GLU H 260 -21.81 60.74 -8.28
N ASN H 261 -20.88 61.06 -9.18
CA ASN H 261 -20.22 62.35 -9.23
C ASN H 261 -20.77 63.15 -10.40
N SER H 262 -21.12 64.41 -10.15
CA SER H 262 -21.68 65.24 -11.21
C SER H 262 -20.72 65.41 -12.37
N TYR H 263 -19.44 65.63 -12.09
CA TYR H 263 -18.45 65.87 -13.12
C TYR H 263 -17.85 64.58 -13.70
N VAL H 264 -18.17 63.43 -13.11
CA VAL H 264 -17.61 62.15 -13.56
C VAL H 264 -18.70 61.09 -13.56
N PRO H 265 -19.18 60.64 -14.71
CA PRO H 265 -20.25 59.63 -14.73
C PRO H 265 -19.71 58.21 -14.75
N THR H 266 -20.52 57.29 -14.24
CA THR H 266 -20.19 55.88 -14.29
C THR H 266 -20.76 55.25 -15.56
N THR H 267 -19.93 54.51 -16.28
CA THR H 267 -20.34 53.95 -17.56
C THR H 267 -20.15 52.45 -17.62
N GLY H 268 -19.08 51.95 -17.00
CA GLY H 268 -18.79 50.52 -17.07
C GLY H 268 -17.78 50.12 -16.02
N ALA H 269 -17.58 48.81 -15.90
CA ALA H 269 -16.73 48.26 -14.87
C ALA H 269 -15.91 47.10 -15.41
N ILE H 270 -14.74 46.88 -14.84
CA ILE H 270 -13.89 45.74 -15.13
C ILE H 270 -13.72 44.95 -13.85
N ILE H 271 -13.96 43.64 -13.91
CA ILE H 271 -14.01 42.78 -12.74
C ILE H 271 -13.04 41.63 -12.95
N GLU H 272 -12.36 41.24 -11.89
CA GLU H 272 -11.29 40.25 -11.97
C GLU H 272 -11.36 39.31 -10.78
N ILE H 273 -10.83 38.10 -10.98
CA ILE H 273 -10.76 37.08 -9.94
C ILE H 273 -9.35 36.50 -10.01
N HIS H 274 -8.46 36.98 -9.16
CA HIS H 274 -7.04 36.74 -9.29
C HIS H 274 -6.66 35.31 -8.91
N SER H 275 -7.09 34.35 -9.71
CA SER H 275 -6.74 32.95 -9.48
C SER H 275 -6.91 32.17 -10.78
N LYS H 276 -6.00 31.24 -11.02
CA LYS H 276 -6.05 30.43 -12.22
C LYS H 276 -6.75 29.10 -12.01
N ARG H 277 -7.28 28.84 -10.81
CA ARG H 277 -7.90 27.56 -10.50
C ARG H 277 -9.34 27.69 -10.02
N ILE H 278 -9.97 28.86 -10.19
CA ILE H 278 -11.32 29.08 -9.69
C ILE H 278 -12.31 28.52 -10.71
N GLN H 279 -13.04 27.48 -10.33
CA GLN H 279 -14.10 26.93 -11.18
C GLN H 279 -15.40 27.65 -10.86
N MET H 280 -16.01 28.27 -11.87
CA MET H 280 -17.21 29.06 -11.63
C MET H 280 -18.18 28.93 -12.79
N TYR H 281 -19.47 29.16 -12.49
CA TYR H 281 -20.55 29.10 -13.47
C TYR H 281 -20.88 30.45 -14.06
N GLY H 282 -20.92 31.49 -13.25
CA GLY H 282 -21.28 32.82 -13.71
C GLY H 282 -21.29 33.78 -12.54
N ALA H 283 -21.53 35.04 -12.87
CA ALA H 283 -21.50 36.09 -11.87
C ALA H 283 -22.38 37.27 -12.30
N TYR H 284 -23.08 37.83 -11.33
CA TYR H 284 -23.88 39.03 -11.52
C TYR H 284 -23.27 40.18 -10.73
N LEU H 285 -23.10 41.33 -11.37
CA LEU H 285 -22.81 42.56 -10.66
C LEU H 285 -24.11 43.28 -10.36
N ARG H 286 -24.44 43.39 -9.08
CA ARG H 286 -25.74 43.85 -8.64
C ARG H 286 -25.61 45.16 -7.89
N ILE H 287 -26.42 46.15 -8.29
CA ILE H 287 -26.47 47.44 -7.63
C ILE H 287 -27.87 47.60 -7.02
N HIS H 288 -27.93 48.33 -5.91
CA HIS H 288 -29.20 48.58 -5.24
C HIS H 288 -29.08 49.82 -4.37
N ALA H 289 -30.15 50.62 -4.33
CA ALA H 289 -30.17 51.78 -3.45
C ALA H 289 -29.99 51.34 -2.01
N HIS H 290 -29.13 52.04 -1.28
CA HIS H 290 -28.79 51.60 0.07
C HIS H 290 -29.95 51.75 1.04
N PHE H 291 -30.90 52.63 0.74
CA PHE H 291 -32.04 52.85 1.63
C PHE H 291 -32.89 51.60 1.69
N THR H 292 -32.84 50.87 2.81
CA THR H 292 -33.64 49.67 2.99
C THR H 292 -34.62 49.88 4.15
N GLY H 293 -34.10 50.26 5.31
CA GLY H 293 -34.96 50.51 6.45
C GLY H 293 -35.81 49.31 6.79
N LEU H 294 -37.11 49.56 7.02
CA LEU H 294 -38.03 48.46 7.32
C LEU H 294 -38.25 47.55 6.12
N ARG H 295 -37.88 47.99 4.91
CA ARG H 295 -38.10 47.18 3.72
C ARG H 295 -37.24 45.93 3.69
N TYR H 296 -36.26 45.81 4.59
CA TYR H 296 -35.43 44.61 4.62
C TYR H 296 -36.27 43.35 4.82
N LEU H 297 -37.43 43.49 5.46
CA LEU H 297 -38.30 42.33 5.66
C LEU H 297 -38.71 41.68 4.35
N LEU H 298 -38.83 42.46 3.27
CA LEU H 298 -39.12 41.90 1.96
C LEU H 298 -37.94 41.16 1.36
N TYR H 299 -36.73 41.40 1.87
CA TYR H 299 -35.53 40.74 1.37
C TYR H 299 -35.04 39.62 2.29
N ASN H 300 -35.49 39.59 3.54
CA ASN H 300 -35.06 38.57 4.48
C ASN H 300 -35.50 37.18 4.01
N PRO I 129 -27.77 49.73 23.44
CA PRO I 129 -26.56 50.14 22.73
C PRO I 129 -25.36 50.31 23.65
N THR I 130 -24.19 50.59 23.06
CA THR I 130 -22.96 50.80 23.80
C THR I 130 -22.06 51.75 23.02
N VAL I 131 -21.11 52.36 23.73
CA VAL I 131 -20.19 53.31 23.12
C VAL I 131 -19.12 52.52 22.39
N SER I 132 -19.34 52.26 21.10
CA SER I 132 -18.44 51.40 20.34
C SER I 132 -18.66 51.67 18.86
N HIS I 133 -17.66 51.28 18.06
CA HIS I 133 -17.80 51.27 16.62
C HIS I 133 -17.01 50.10 16.07
N LEU I 134 -17.58 49.44 15.07
CA LEU I 134 -16.95 48.31 14.41
C LEU I 134 -16.39 48.78 13.07
N SER I 135 -15.10 48.57 12.87
CA SER I 135 -14.44 49.00 11.64
C SER I 135 -14.00 47.77 10.87
N PRO I 136 -14.88 47.15 10.07
CA PRO I 136 -14.52 45.88 9.44
C PRO I 136 -13.27 46.03 8.59
N VAL I 137 -12.40 45.02 8.66
CA VAL I 137 -11.10 45.04 7.99
C VAL I 137 -11.21 44.26 6.69
N HIS I 138 -10.67 44.83 5.62
CA HIS I 138 -10.66 44.21 4.31
C HIS I 138 -9.21 43.97 3.91
N PHE I 139 -8.80 42.70 3.96
CA PHE I 139 -7.43 42.35 3.64
C PHE I 139 -7.26 42.22 2.13
N HIS I 140 -6.22 42.87 1.59
CA HIS I 140 -5.84 42.71 0.20
C HIS I 140 -4.34 42.44 0.13
N TYR I 141 -3.94 41.71 -0.90
CA TYR I 141 -2.59 41.17 -0.97
C TYR I 141 -2.21 40.91 -2.42
N ARG I 142 -0.91 40.75 -2.64
CA ARG I 142 -0.33 40.57 -3.96
C ARG I 142 -0.65 39.17 -4.49
N THR I 143 -0.66 39.05 -5.82
CA THR I 143 -1.09 37.80 -6.45
C THR I 143 -0.30 37.43 -7.70
N ASP I 144 0.91 37.95 -7.90
CA ASP I 144 1.60 37.84 -9.17
C ASP I 144 2.58 36.67 -9.27
N CYS I 145 2.70 35.84 -8.24
CA CYS I 145 3.67 34.74 -8.29
C CYS I 145 3.08 33.58 -9.08
N ASP I 146 3.75 32.43 -9.02
CA ASP I 146 3.23 31.23 -9.68
C ASP I 146 1.90 30.79 -9.07
N SER I 147 1.80 30.81 -7.74
CA SER I 147 0.59 30.43 -7.02
C SER I 147 0.12 29.03 -7.38
N SER I 148 1.05 28.08 -7.51
CA SER I 148 0.70 26.71 -7.85
C SER I 148 0.18 25.91 -6.67
N THR I 149 0.01 26.53 -5.50
CA THR I 149 -0.44 25.85 -4.31
C THR I 149 -1.42 26.73 -3.56
N ALA I 150 -1.83 26.26 -2.39
CA ALA I 150 -2.72 27.05 -1.53
C ALA I 150 -1.90 27.93 -0.60
N SER I 151 -0.98 28.71 -1.16
CA SER I 151 -0.18 29.65 -0.39
C SER I 151 -0.17 30.99 -1.11
N LEU I 152 -0.34 32.06 -0.35
CA LEU I 152 -0.47 33.39 -0.91
C LEU I 152 0.89 34.05 -1.08
N CYS I 153 0.92 35.12 -1.87
CA CYS I 153 2.18 35.77 -2.22
C CYS I 153 2.79 36.50 -1.04
N SER I 154 2.01 37.30 -0.32
CA SER I 154 2.55 38.20 0.67
C SER I 154 1.67 38.20 1.92
N PHE I 155 2.22 38.70 3.00
CA PHE I 155 1.52 38.71 4.27
C PHE I 155 0.27 39.58 4.17
N PRO I 156 -0.90 39.07 4.55
CA PRO I 156 -2.10 39.92 4.53
C PRO I 156 -1.92 41.16 5.39
N VAL I 157 -2.43 42.29 4.90
CA VAL I 157 -2.42 43.56 5.62
C VAL I 157 -3.68 44.32 5.26
N ALA I 158 -3.87 45.47 5.91
CA ALA I 158 -5.00 46.33 5.59
C ALA I 158 -4.91 47.63 6.37
N ASN I 159 -5.41 48.70 5.75
CA ASN I 159 -5.69 49.94 6.45
C ASN I 159 -7.13 49.94 6.92
N VAL I 160 -7.40 50.69 7.97
CA VAL I 160 -8.75 50.86 8.48
C VAL I 160 -8.89 52.28 9.00
N SER I 161 -10.02 52.91 8.70
CA SER I 161 -10.29 54.28 9.10
C SER I 161 -11.15 54.29 10.35
N LEU I 162 -10.64 54.89 11.41
CA LEU I 162 -11.31 54.90 12.71
C LEU I 162 -12.20 56.11 12.92
N ALA I 163 -12.25 57.03 11.96
CA ALA I 163 -13.10 58.22 12.08
C ALA I 163 -14.50 57.90 11.59
N ARG I 169 -17.50 61.09 19.40
CA ARG I 169 -16.34 60.22 19.24
C ARG I 169 -16.34 59.13 20.30
N VAL I 170 -16.09 57.89 19.87
CA VAL I 170 -15.92 56.79 20.81
C VAL I 170 -14.69 57.03 21.68
N LEU I 171 -13.60 57.47 21.07
CA LEU I 171 -12.38 57.75 21.82
C LEU I 171 -12.51 59.08 22.56
N MET I 172 -12.02 59.09 23.80
CA MET I 172 -11.97 60.30 24.60
C MET I 172 -10.64 60.37 25.33
N TYR I 173 -10.19 61.58 25.61
CA TYR I 173 -8.86 61.77 26.18
C TYR I 173 -8.77 61.12 27.55
N GLY I 174 -7.62 60.51 27.82
CA GLY I 174 -7.34 59.95 29.13
C GLY I 174 -7.89 58.56 29.35
N GLN I 175 -9.10 58.31 28.90
CA GLN I 175 -9.74 57.03 29.16
C GLN I 175 -9.05 55.91 28.41
N PRO I 176 -8.66 54.81 29.06
CA PRO I 176 -8.18 53.64 28.33
C PRO I 176 -9.32 52.88 27.68
N TYR I 177 -9.06 52.34 26.49
CA TYR I 177 -10.06 51.64 25.70
C TYR I 177 -9.55 50.27 25.29
N ARG I 178 -10.50 49.39 24.95
CA ARG I 178 -10.21 48.02 24.56
C ARG I 178 -10.34 47.89 23.04
N VAL I 179 -9.29 47.37 22.40
CA VAL I 179 -9.27 47.19 20.96
C VAL I 179 -8.94 45.72 20.69
N THR I 180 -9.77 45.07 19.87
CA THR I 180 -9.59 43.67 19.55
C THR I 180 -9.95 43.45 18.08
N LEU I 181 -9.41 42.37 17.52
CA LEU I 181 -9.70 41.96 16.15
C LEU I 181 -10.33 40.58 16.19
N GLU I 182 -11.66 40.54 16.12
CA GLU I 182 -12.38 39.27 16.08
C GLU I 182 -12.20 38.68 14.68
N LEU I 183 -11.54 37.54 14.60
CA LEU I 183 -11.04 36.99 13.34
C LEU I 183 -11.80 35.71 13.02
N GLU I 184 -12.35 35.64 11.81
CA GLU I 184 -13.29 34.59 11.43
C GLU I 184 -12.55 33.54 10.61
N LEU I 185 -12.00 32.54 11.31
CA LEU I 185 -11.27 31.45 10.70
C LEU I 185 -12.16 30.23 10.57
N PRO I 186 -12.32 29.65 9.39
CA PRO I 186 -12.99 28.35 9.30
C PRO I 186 -12.12 27.25 9.86
N GLU I 187 -12.76 26.12 10.16
CA GLU I 187 -12.07 24.96 10.72
C GLU I 187 -11.56 24.05 9.62
N SER I 188 -11.28 24.60 8.44
CA SER I 188 -10.80 23.79 7.34
C SER I 188 -9.46 23.16 7.68
N PRO I 189 -9.17 21.97 7.18
CA PRO I 189 -7.92 21.29 7.57
C PRO I 189 -6.67 22.11 7.35
N VAL I 190 -6.63 22.93 6.29
CA VAL I 190 -5.45 23.75 6.05
C VAL I 190 -5.19 24.66 7.23
N ASN I 191 -6.24 25.12 7.91
CA ASN I 191 -6.07 26.00 9.06
C ASN I 191 -5.63 25.24 10.31
N GLN I 192 -6.10 24.01 10.49
CA GLN I 192 -5.71 23.24 11.67
C GLN I 192 -4.23 22.92 11.67
N ASP I 193 -3.66 22.62 10.50
CA ASP I 193 -2.23 22.37 10.40
C ASP I 193 -1.40 23.65 10.34
N LEU I 194 -2.06 24.81 10.29
CA LEU I 194 -1.33 26.07 10.18
C LEU I 194 -0.40 26.28 11.36
N GLY I 195 -0.88 26.06 12.57
CA GLY I 195 -0.09 26.40 13.74
C GLY I 195 -0.21 27.89 14.06
N MET I 196 0.67 28.33 14.95
CA MET I 196 0.63 29.70 15.41
C MET I 196 1.00 30.66 14.29
N PHE I 197 0.55 31.89 14.43
CA PHE I 197 0.85 32.96 13.50
C PHE I 197 0.66 34.29 14.19
N LEU I 198 1.63 35.18 14.04
CA LEU I 198 1.59 36.46 14.71
C LEU I 198 0.60 37.41 14.02
N VAL I 199 -0.08 38.20 14.83
CA VAL I 199 -1.01 39.22 14.36
C VAL I 199 -0.63 40.53 15.04
N THR I 200 -0.43 41.58 14.25
CA THR I 200 0.03 42.86 14.76
C THR I 200 -0.90 43.97 14.29
N VAL I 201 -1.06 44.98 15.15
CA VAL I 201 -1.82 46.18 14.85
C VAL I 201 -0.92 47.38 15.05
N SER I 202 -0.97 48.32 14.12
CA SER I 202 -0.15 49.53 14.15
C SER I 202 -1.04 50.74 14.00
N CYS I 203 -1.36 51.39 15.10
CA CYS I 203 -2.18 52.60 15.06
C CYS I 203 -1.36 53.76 14.49
N TYR I 204 -2.06 54.74 13.93
CA TYR I 204 -1.41 55.90 13.35
C TYR I 204 -2.40 57.06 13.27
N THR I 205 -1.87 58.24 13.00
CA THR I 205 -2.64 59.48 13.02
C THR I 205 -3.12 59.86 11.62
N ARG I 206 -3.77 61.03 11.55
CA ARG I 206 -4.19 61.56 10.26
C ARG I 206 -2.99 61.85 9.37
N GLY I 207 -1.86 62.22 9.96
CA GLY I 207 -0.65 62.47 9.22
C GLY I 207 0.15 61.23 8.88
N GLY I 208 -0.37 60.05 9.21
CA GLY I 208 0.32 58.81 8.95
C GLY I 208 1.28 58.39 10.04
N ARG I 209 1.65 59.30 10.94
CA ARG I 209 2.59 58.97 12.00
C ARG I 209 2.05 57.82 12.84
N ILE I 210 2.91 56.83 13.10
CA ILE I 210 2.52 55.67 13.88
C ILE I 210 2.51 56.04 15.36
N ILE I 211 1.33 55.95 15.98
CA ILE I 211 1.21 56.30 17.38
C ILE I 211 1.82 55.21 18.26
N SER I 212 1.40 53.97 18.06
CA SER I 212 1.85 52.85 18.88
C SER I 212 1.84 51.59 18.03
N THR I 213 2.62 50.61 18.45
CA THR I 213 2.71 49.32 17.77
C THR I 213 2.45 48.22 18.79
N SER I 214 1.76 47.16 18.34
CA SER I 214 1.39 46.07 19.21
C SER I 214 1.44 44.77 18.43
N SER I 215 1.51 43.65 19.16
CA SER I 215 1.53 42.33 18.55
C SER I 215 0.98 41.30 19.52
N ARG I 216 0.35 40.27 18.96
CA ARG I 216 -0.13 39.14 19.72
C ARG I 216 -0.05 37.90 18.84
N SER I 217 -0.05 36.73 19.49
CA SER I 217 -0.08 35.47 18.76
C SER I 217 -1.42 34.78 18.99
N VAL I 218 -2.03 34.33 17.90
CA VAL I 218 -3.34 33.70 17.95
C VAL I 218 -3.27 32.39 17.17
N MET I 219 -4.10 31.44 17.60
CA MET I 219 -4.14 30.13 16.97
C MET I 219 -5.55 29.58 17.04
N LEU I 220 -5.99 28.97 15.94
CA LEU I 220 -7.28 28.32 15.90
C LEU I 220 -7.33 27.21 16.95
N HIS I 221 -8.41 27.17 17.71
CA HIS I 221 -8.49 26.23 18.82
C HIS I 221 -8.58 24.79 18.31
N TYR I 222 -7.90 23.89 18.99
CA TYR I 222 -7.82 22.51 18.55
C TYR I 222 -9.07 21.74 18.96
N ARG I 223 -9.57 20.92 18.05
CA ARG I 223 -10.70 20.03 18.31
C ARG I 223 -10.45 18.71 17.61
N SER I 224 -10.48 17.62 18.38
CA SER I 224 -10.18 16.31 17.83
C SER I 224 -11.16 15.95 16.73
N GLN I 225 -10.75 14.98 15.90
CA GLN I 225 -11.61 14.55 14.81
C GLN I 225 -12.92 13.96 15.32
N LEU I 226 -12.84 13.16 16.39
CA LEU I 226 -14.06 12.62 16.98
C LEU I 226 -14.95 13.74 17.51
N LEU I 227 -14.36 14.75 18.15
CA LEU I 227 -15.14 15.87 18.64
C LEU I 227 -15.83 16.60 17.49
N GLN I 228 -15.11 16.84 16.39
CA GLN I 228 -15.71 17.53 15.26
C GLN I 228 -16.85 16.72 14.68
N VAL I 229 -16.68 15.40 14.56
CA VAL I 229 -17.75 14.57 14.04
C VAL I 229 -18.97 14.63 14.95
N LEU I 230 -18.75 14.60 16.25
CA LEU I 230 -19.87 14.72 17.18
C LEU I 230 -20.51 16.10 17.07
N ASP I 231 -19.70 17.14 16.86
CA ASP I 231 -20.24 18.48 16.67
C ASP I 231 -21.02 18.55 15.36
N THR I 232 -20.43 18.08 14.27
CA THR I 232 -21.12 18.11 12.98
C THR I 232 -22.42 17.33 13.03
N LEU I 233 -22.48 16.29 13.87
CA LEU I 233 -23.69 15.48 13.94
C LEU I 233 -24.77 16.17 14.76
N LEU I 234 -24.49 16.43 16.04
CA LEU I 234 -25.51 16.98 16.94
C LEU I 234 -25.95 18.39 16.55
N PHE I 235 -25.07 19.18 15.96
CA PHE I 235 -25.41 20.51 15.48
C PHE I 235 -25.76 20.54 14.01
N SER I 236 -26.06 19.37 13.42
CA SER I 236 -26.43 19.32 12.01
C SER I 236 -27.68 20.16 11.74
N SER I 237 -28.63 20.15 12.66
CA SER I 237 -29.88 20.88 12.45
C SER I 237 -29.64 22.37 12.20
N LEU I 238 -28.56 22.92 12.75
CA LEU I 238 -28.24 24.32 12.50
C LEU I 238 -27.31 24.50 11.30
N LEU I 239 -26.34 23.60 11.14
CA LEU I 239 -25.40 23.72 10.03
C LEU I 239 -26.10 23.60 8.69
N LEU I 240 -27.00 22.63 8.56
CA LEU I 240 -27.66 22.39 7.27
C LEU I 240 -28.53 23.57 6.87
N PHE I 241 -29.25 24.15 7.82
CA PHE I 241 -30.13 25.29 7.52
C PHE I 241 -29.39 26.61 7.51
N GLY I 242 -28.08 26.61 7.76
CA GLY I 242 -27.31 27.84 7.70
C GLY I 242 -27.33 28.65 8.97
N PHE I 243 -27.99 28.18 10.03
CA PHE I 243 -27.98 28.90 11.29
C PHE I 243 -26.65 28.78 12.02
N ALA I 244 -25.92 27.70 11.80
CA ALA I 244 -24.60 27.52 12.39
C ALA I 244 -23.62 27.20 11.27
N GLU I 245 -22.34 27.47 11.51
CA GLU I 245 -21.31 27.25 10.52
C GLU I 245 -20.03 26.82 11.21
N GLN I 246 -19.20 26.07 10.48
CA GLN I 246 -17.96 25.51 11.03
C GLN I 246 -16.86 26.56 10.99
N LYS I 247 -17.01 27.56 11.86
CA LYS I 247 -16.08 28.68 11.91
C LYS I 247 -15.82 29.06 13.36
N GLN I 248 -14.65 29.61 13.59
CA GLN I 248 -14.22 30.03 14.91
C GLN I 248 -13.93 31.52 14.89
N LEU I 249 -14.50 32.26 15.84
CA LEU I 249 -14.14 33.65 16.04
C LEU I 249 -13.02 33.71 17.07
N LEU I 250 -11.87 34.23 16.67
CA LEU I 250 -10.71 34.36 17.54
C LEU I 250 -10.60 35.81 17.99
N GLU I 251 -10.64 36.02 19.30
CA GLU I 251 -10.64 37.38 19.87
C GLU I 251 -9.21 37.77 20.23
N VAL I 252 -8.48 38.20 19.21
CA VAL I 252 -7.12 38.71 19.41
C VAL I 252 -7.20 40.09 20.02
N GLU I 253 -7.03 40.18 21.34
CA GLU I 253 -7.10 41.45 22.06
C GLU I 253 -5.75 42.13 21.99
N LEU I 254 -5.64 43.11 21.10
CA LEU I 254 -4.38 43.80 20.88
C LEU I 254 -4.16 44.94 21.87
N TYR I 255 -5.18 45.30 22.64
CA TYR I 255 -5.06 46.40 23.59
C TYR I 255 -6.14 46.25 24.65
N SER I 256 -5.75 45.92 25.88
CA SER I 256 -6.69 45.92 26.98
C SER I 256 -6.93 47.31 27.54
N ASP I 257 -6.02 48.25 27.29
CA ASP I 257 -6.17 49.63 27.76
C ASP I 257 -5.44 50.55 26.78
N TYR I 258 -6.19 51.17 25.89
CA TYR I 258 -5.67 52.16 24.95
C TYR I 258 -6.20 53.54 25.30
N ARG I 259 -5.30 54.49 25.49
CA ARG I 259 -5.65 55.82 25.97
C ARG I 259 -5.43 56.85 24.87
N GLU I 260 -6.43 57.72 24.68
CA GLU I 260 -6.32 58.79 23.70
C GLU I 260 -5.39 59.88 24.21
N ASN I 261 -4.65 60.49 23.29
CA ASN I 261 -3.69 61.54 23.59
C ASN I 261 -4.18 62.86 22.99
N SER I 262 -4.13 63.92 23.80
CA SER I 262 -4.60 65.21 23.33
C SER I 262 -3.78 65.71 22.14
N TYR I 263 -2.46 65.55 22.19
CA TYR I 263 -1.58 66.03 21.14
C TYR I 263 -1.45 65.06 19.98
N VAL I 264 -1.99 63.85 20.10
CA VAL I 264 -1.85 62.83 19.06
C VAL I 264 -3.17 62.10 18.91
N PRO I 265 -4.01 62.46 17.94
CA PRO I 265 -5.31 61.81 17.80
C PRO I 265 -5.22 60.51 17.01
N THR I 266 -5.98 59.51 17.45
CA THR I 266 -6.04 58.24 16.75
C THR I 266 -6.92 58.36 15.51
N THR I 267 -6.38 58.00 14.35
CA THR I 267 -7.10 58.13 13.09
C THR I 267 -7.35 56.80 12.39
N GLY I 268 -6.34 55.96 12.26
CA GLY I 268 -6.48 54.71 11.53
C GLY I 268 -5.48 53.69 12.01
N ALA I 269 -5.66 52.46 11.54
CA ALA I 269 -4.85 51.34 11.99
C ALA I 269 -4.40 50.49 10.81
N ILE I 270 -3.24 49.88 10.95
CA ILE I 270 -2.73 48.88 10.01
C ILE I 270 -2.66 47.55 10.75
N ILE I 271 -3.35 46.54 10.22
CA ILE I 271 -3.51 45.26 10.88
C ILE I 271 -2.95 44.18 9.98
N GLU I 272 -2.19 43.25 10.56
CA GLU I 272 -1.46 42.27 9.78
C GLU I 272 -1.68 40.89 10.35
N ILE I 273 -1.56 39.88 9.50
CA ILE I 273 -1.62 38.48 9.91
C ILE I 273 -0.44 37.78 9.24
N HIS I 274 0.63 37.57 10.00
CA HIS I 274 1.93 37.20 9.45
C HIS I 274 1.99 35.74 9.01
N SER I 275 1.15 35.33 8.07
CA SER I 275 1.17 33.96 7.57
C SER I 275 0.65 33.93 6.15
N LYS I 276 1.29 33.12 5.32
CA LYS I 276 0.86 32.97 3.93
C LYS I 276 -0.09 31.81 3.73
N ARG I 277 -0.48 31.11 4.80
CA ARG I 277 -1.32 29.93 4.69
C ARG I 277 -2.65 30.07 5.44
N ILE I 278 -2.96 31.25 5.97
CA ILE I 278 -4.21 31.42 6.68
C ILE I 278 -5.36 31.47 5.70
N GLN I 279 -6.48 30.87 6.08
CA GLN I 279 -7.75 30.99 5.35
C GLN I 279 -8.74 31.70 6.27
N MET I 280 -9.30 32.81 5.80
CA MET I 280 -10.20 33.59 6.65
C MET I 280 -11.29 34.24 5.80
N TYR I 281 -12.41 34.52 6.46
CA TYR I 281 -13.58 35.14 5.83
C TYR I 281 -13.60 36.66 6.01
N GLY I 282 -13.27 37.15 7.18
CA GLY I 282 -13.32 38.57 7.46
C GLY I 282 -12.93 38.82 8.91
N ALA I 283 -12.85 40.10 9.24
CA ALA I 283 -12.43 40.50 10.58
C ALA I 283 -13.01 41.87 10.91
N TYR I 284 -13.38 42.03 12.17
CA TYR I 284 -13.85 43.30 12.71
C TYR I 284 -12.84 43.79 13.75
N LEU I 285 -12.45 45.05 13.65
CA LEU I 285 -11.70 45.70 14.72
C LEU I 285 -12.67 46.40 15.65
N ARG I 286 -13.05 45.72 16.73
CA ARG I 286 -14.10 46.18 17.63
C ARG I 286 -13.48 46.94 18.79
N ILE I 287 -13.83 48.21 18.91
CA ILE I 287 -13.40 49.07 20.02
C ILE I 287 -14.58 49.28 20.94
N HIS I 288 -14.32 49.34 22.24
CA HIS I 288 -15.37 49.52 23.22
C HIS I 288 -14.75 50.00 24.53
N ALA I 289 -15.45 50.92 25.21
CA ALA I 289 -14.96 51.43 26.48
C ALA I 289 -14.78 50.30 27.47
N HIS I 290 -13.69 50.36 28.23
CA HIS I 290 -13.36 49.25 29.14
C HIS I 290 -14.34 49.16 30.30
N PHE I 291 -14.84 50.29 30.79
CA PHE I 291 -15.73 50.28 31.95
C PHE I 291 -16.98 49.46 31.64
N THR I 292 -17.08 48.27 32.22
CA THR I 292 -18.21 47.38 31.99
C THR I 292 -18.83 46.93 33.31
N GLY I 293 -17.99 46.73 34.32
CA GLY I 293 -18.49 46.25 35.59
C GLY I 293 -19.03 44.84 35.50
N LEU I 294 -20.01 44.53 36.35
CA LEU I 294 -20.63 43.21 36.34
C LEU I 294 -21.39 42.94 35.05
N ARG I 295 -21.68 43.98 34.26
CA ARG I 295 -22.43 43.78 33.03
C ARG I 295 -21.66 42.97 32.00
N TYR I 296 -20.35 42.75 32.22
CA TYR I 296 -19.56 42.01 31.25
C TYR I 296 -20.11 40.60 31.03
N LEU I 297 -20.79 40.04 32.04
CA LEU I 297 -21.33 38.69 31.89
C LEU I 297 -22.37 38.59 30.79
N LEU I 298 -23.01 39.70 30.44
CA LEU I 298 -24.02 39.67 29.39
C LEU I 298 -23.43 39.40 28.01
N TYR I 299 -22.13 39.60 27.84
CA TYR I 299 -21.48 39.36 26.55
C TYR I 299 -21.20 37.88 26.30
N ASN I 300 -21.36 37.03 27.31
CA ASN I 300 -21.12 35.60 27.14
C ASN I 300 -22.08 35.01 26.11
N PRO J 129 -10.07 36.69 48.43
CA PRO J 129 -8.86 37.37 47.98
C PRO J 129 -7.59 36.69 48.49
N THR J 130 -6.47 36.95 47.81
CA THR J 130 -5.18 36.39 48.18
C THR J 130 -4.09 37.37 47.77
N VAL J 131 -2.92 37.23 48.41
CA VAL J 131 -1.78 38.08 48.12
C VAL J 131 -1.12 37.54 46.85
N SER J 132 -1.55 38.06 45.69
CA SER J 132 -1.11 37.53 44.41
C SER J 132 -1.43 38.53 43.32
N HIS J 133 -0.68 38.44 42.23
CA HIS J 133 -0.98 39.20 41.03
C HIS J 133 -0.59 38.37 39.81
N LEU J 134 -1.44 38.43 38.79
CA LEU J 134 -1.25 37.69 37.55
C LEU J 134 -0.80 38.66 36.46
N SER J 135 0.29 38.34 35.80
CA SER J 135 0.82 39.17 34.72
C SER J 135 0.84 38.36 33.45
N PRO J 136 -0.24 38.34 32.66
CA PRO J 136 -0.28 37.46 31.49
C PRO J 136 0.87 37.75 30.55
N VAL J 137 1.44 36.69 30.00
CA VAL J 137 2.62 36.77 29.15
C VAL J 137 2.16 36.76 27.70
N HIS J 138 2.67 37.70 26.91
CA HIS J 138 2.33 37.83 25.50
C HIS J 138 3.60 37.58 24.69
N PHE J 139 3.73 36.37 24.17
CA PHE J 139 4.91 36.00 23.41
C PHE J 139 4.84 36.57 21.99
N HIS J 140 6.00 37.01 21.50
CA HIS J 140 6.13 37.44 20.10
C HIS J 140 7.42 36.86 19.54
N TYR J 141 7.49 36.81 18.21
CA TYR J 141 8.60 36.14 17.54
C TYR J 141 8.67 36.61 16.10
N ARG J 142 9.81 36.30 15.46
CA ARG J 142 10.11 36.75 14.12
C ARG J 142 9.34 35.95 13.08
N THR J 143 9.20 36.53 11.88
CA THR J 143 8.45 35.89 10.80
C THR J 143 9.05 36.11 9.42
N ASP J 144 10.37 36.23 9.28
CA ASP J 144 10.98 36.60 8.01
C ASP J 144 11.38 35.41 7.15
N CYS J 145 11.32 34.19 7.65
CA CYS J 145 11.85 33.06 6.90
C CYS J 145 10.82 32.56 5.90
N ASP J 146 11.12 31.41 5.28
CA ASP J 146 10.20 30.83 4.32
C ASP J 146 8.89 30.40 4.98
N SER J 147 8.97 29.78 6.15
CA SER J 147 7.79 29.36 6.91
C SER J 147 6.89 28.42 6.12
N SER J 148 7.47 27.47 5.39
CA SER J 148 6.68 26.52 4.62
C SER J 148 6.31 25.31 5.46
N THR J 149 6.32 25.47 6.78
CA THR J 149 6.07 24.38 7.69
C THR J 149 5.46 24.95 8.96
N ALA J 150 4.84 24.07 9.75
CA ALA J 150 4.24 24.49 11.01
C ALA J 150 5.25 25.01 12.02
N SER J 151 6.54 24.75 11.81
CA SER J 151 7.56 25.22 12.73
C SER J 151 7.75 26.73 12.58
N LEU J 152 7.94 27.40 13.70
CA LEU J 152 8.10 28.85 13.71
C LEU J 152 9.51 29.23 13.28
N CYS J 153 9.80 30.53 13.35
CA CYS J 153 11.10 31.03 12.92
C CYS J 153 12.09 31.09 14.09
N SER J 154 11.76 31.83 15.15
CA SER J 154 12.68 32.04 16.24
C SER J 154 12.01 31.65 17.55
N PHE J 155 12.83 31.50 18.58
CA PHE J 155 12.35 31.04 19.87
C PHE J 155 11.37 32.05 20.45
N PRO J 156 10.21 31.61 20.94
CA PRO J 156 9.32 32.53 21.65
C PRO J 156 10.01 33.17 22.85
N VAL J 157 9.73 34.46 23.07
CA VAL J 157 10.25 35.21 24.21
C VAL J 157 9.21 36.26 24.58
N ALA J 158 9.44 36.93 25.70
CA ALA J 158 8.51 37.97 26.12
C ALA J 158 9.06 38.73 27.32
N ASN J 159 8.72 40.02 27.38
CA ASN J 159 8.88 40.81 28.59
C ASN J 159 7.57 40.83 29.36
N VAL J 160 7.66 41.12 30.64
CA VAL J 160 6.49 41.27 31.50
C VAL J 160 6.83 42.30 32.55
N SER J 161 5.85 43.14 32.90
CA SER J 161 6.03 44.21 33.86
C SER J 161 5.40 43.82 35.19
N LEU J 162 6.22 43.74 36.23
CA LEU J 162 5.78 43.32 37.55
C LEU J 162 5.42 44.49 38.45
N ALA J 163 5.50 45.73 37.95
CA ALA J 163 5.14 46.90 38.73
C ALA J 163 3.63 47.03 38.84
N ARG J 169 2.51 46.80 47.30
CA ARG J 169 3.26 45.82 46.53
C ARG J 169 2.93 44.40 46.99
N VAL J 170 3.09 43.44 46.08
CA VAL J 170 2.96 42.04 46.44
C VAL J 170 4.28 41.51 47.02
N LEU J 171 5.39 41.94 46.44
CA LEU J 171 6.70 41.53 46.93
C LEU J 171 7.10 42.34 48.15
N MET J 172 7.63 41.67 49.16
CA MET J 172 8.13 42.32 50.37
C MET J 172 9.46 41.72 50.75
N TYR J 173 10.28 42.51 51.44
CA TYR J 173 11.64 42.11 51.74
C TYR J 173 11.66 40.88 52.64
N GLY J 174 12.57 39.95 52.33
CA GLY J 174 12.78 38.78 53.18
C GLY J 174 11.81 37.65 52.93
N GLN J 175 10.57 37.96 52.62
CA GLN J 175 9.55 36.93 52.49
C GLN J 175 9.80 36.10 51.23
N PRO J 176 9.82 34.77 51.33
CA PRO J 176 9.90 33.94 50.12
C PRO J 176 8.59 33.93 49.36
N TYR J 177 8.69 33.91 48.03
CA TYR J 177 7.53 33.93 47.16
C TYR J 177 7.66 32.85 46.09
N ARG J 178 6.52 32.38 45.61
CA ARG J 178 6.44 31.34 44.60
C ARG J 178 6.09 31.96 43.25
N VAL J 179 6.96 31.77 42.27
CA VAL J 179 6.78 32.30 40.92
C VAL J 179 6.61 31.13 39.97
N THR J 180 5.50 31.12 39.24
CA THR J 180 5.17 30.02 38.34
C THR J 180 4.60 30.58 37.05
N LEU J 181 4.74 29.81 35.98
CA LEU J 181 4.17 30.12 34.68
C LEU J 181 3.25 28.98 34.27
N GLU J 182 1.94 29.23 34.35
CA GLU J 182 0.94 28.24 33.95
C GLU J 182 0.74 28.38 32.45
N LEU J 183 1.10 27.34 31.71
CA LEU J 183 1.25 27.42 30.26
C LEU J 183 0.15 26.59 29.61
N GLU J 184 -0.62 27.23 28.74
CA GLU J 184 -1.85 26.65 28.19
C GLU J 184 -1.52 26.05 26.83
N LEU J 185 -1.42 24.71 26.79
CA LEU J 185 -1.06 23.98 25.60
C LEU J 185 -2.23 23.13 25.13
N PRO J 186 -2.59 23.16 23.85
CA PRO J 186 -3.56 22.19 23.36
C PRO J 186 -2.95 20.80 23.27
N GLU J 187 -3.83 19.80 23.17
CA GLU J 187 -3.40 18.42 23.03
C GLU J 187 -3.32 18.04 21.55
N SER J 188 -3.02 19.01 20.70
CA SER J 188 -2.97 18.76 19.27
C SER J 188 -1.83 17.82 18.92
N PRO J 189 -1.96 17.04 17.84
CA PRO J 189 -0.91 16.07 17.53
C PRO J 189 0.48 16.67 17.43
N VAL J 190 0.60 17.89 16.90
CA VAL J 190 1.91 18.50 16.76
C VAL J 190 2.59 18.62 18.12
N ASN J 191 1.82 18.87 19.16
CA ASN J 191 2.39 19.04 20.50
C ASN J 191 2.80 17.72 21.14
N GLN J 192 2.08 16.63 20.87
CA GLN J 192 2.41 15.36 21.50
C GLN J 192 3.75 14.82 20.99
N ASP J 193 4.08 15.08 19.74
CA ASP J 193 5.38 14.69 19.20
C ASP J 193 6.47 15.70 19.54
N LEU J 194 6.13 16.80 20.20
CA LEU J 194 7.11 17.84 20.49
C LEU J 194 8.22 17.31 21.38
N GLY J 195 7.88 16.55 22.42
CA GLY J 195 8.89 16.15 23.36
C GLY J 195 9.22 17.27 24.33
N MET J 196 10.23 17.02 25.15
CA MET J 196 10.60 17.99 26.17
C MET J 196 11.15 19.26 25.54
N PHE J 197 10.96 20.37 26.23
CA PHE J 197 11.47 21.66 25.82
C PHE J 197 11.75 22.50 27.04
N LEU J 198 12.85 23.25 27.02
CA LEU J 198 13.26 24.03 28.17
C LEU J 198 12.47 25.33 28.27
N VAL J 199 12.26 25.79 29.50
CA VAL J 199 11.60 27.05 29.79
C VAL J 199 12.45 27.79 30.80
N THR J 200 12.74 29.06 30.52
CA THR J 200 13.60 29.86 31.39
C THR J 200 12.92 31.17 31.74
N VAL J 201 13.19 31.64 32.95
CA VAL J 201 12.71 32.94 33.43
C VAL J 201 13.90 33.74 33.92
N SER J 202 13.99 34.99 33.48
CA SER J 202 15.09 35.87 33.82
C SER J 202 14.53 37.16 34.39
N CYS J 203 14.52 37.27 35.71
CA CYS J 203 14.07 38.49 36.35
C CYS J 203 15.10 39.60 36.17
N TYR J 204 14.64 40.85 36.26
CA TYR J 204 15.53 42.00 36.17
C TYR J 204 14.92 43.18 36.91
N THR J 205 15.71 44.25 37.00
CA THR J 205 15.35 45.43 37.78
C THR J 205 14.79 46.53 36.88
N ARG J 206 14.41 47.65 37.50
CA ARG J 206 13.96 48.80 36.74
C ARG J 206 15.03 49.30 35.79
N GLY J 207 16.30 49.14 36.16
CA GLY J 207 17.40 49.49 35.29
C GLY J 207 17.74 48.44 34.26
N GLY J 208 16.99 47.34 34.21
CA GLY J 208 17.26 46.25 33.31
C GLY J 208 18.24 45.22 33.83
N ARG J 209 18.95 45.51 34.91
CA ARG J 209 19.92 44.57 35.46
C ARG J 209 19.23 43.27 35.83
N ILE J 210 19.85 42.15 35.41
CA ILE J 210 19.28 40.83 35.67
C ILE J 210 19.58 40.45 37.11
N ILE J 211 18.53 40.28 37.92
CA ILE J 211 18.71 39.94 39.32
C ILE J 211 19.09 38.47 39.47
N SER J 212 18.28 37.59 38.91
CA SER J 212 18.48 36.15 39.05
C SER J 212 18.07 35.46 37.76
N THR J 213 18.61 34.27 37.54
CA THR J 213 18.30 33.46 36.37
C THR J 213 17.82 32.10 36.82
N SER J 214 16.88 31.53 36.07
CA SER J 214 16.29 30.25 36.42
C SER J 214 15.94 29.49 35.14
N SER J 215 15.76 28.19 35.26
CA SER J 215 15.38 27.35 34.13
C SER J 215 14.71 26.07 34.62
N ARG J 216 13.71 25.63 33.89
CA ARG J 216 13.04 24.37 34.14
C ARG J 216 12.67 23.73 32.81
N SER J 217 12.42 22.43 32.85
CA SER J 217 12.02 21.66 31.68
C SER J 217 10.61 21.14 31.90
N VAL J 218 9.73 21.40 30.93
CA VAL J 218 8.33 21.00 31.03
C VAL J 218 7.97 20.21 29.78
N MET J 219 6.94 19.38 29.91
CA MET J 219 6.45 18.58 28.80
C MET J 219 4.96 18.33 28.97
N LEU J 220 4.23 18.41 27.86
CA LEU J 220 2.82 18.11 27.87
C LEU J 220 2.61 16.65 28.25
N HIS J 221 1.69 16.41 29.17
CA HIS J 221 1.52 15.06 29.71
C HIS J 221 0.96 14.12 28.66
N TYR J 222 1.40 12.86 28.72
CA TYR J 222 1.03 11.87 27.72
C TYR J 222 -0.31 11.24 28.06
N ARG J 223 -1.17 11.12 27.05
CA ARG J 223 -2.44 10.42 27.17
C ARG J 223 -2.63 9.56 25.94
N SER J 224 -2.94 8.28 26.14
CA SER J 224 -3.02 7.34 25.03
C SER J 224 -4.18 7.69 24.11
N GLN J 225 -4.13 7.14 22.90
CA GLN J 225 -5.19 7.42 21.93
C GLN J 225 -6.53 6.89 22.42
N LEU J 226 -6.55 5.71 23.04
CA LEU J 226 -7.79 5.21 23.62
C LEU J 226 -8.28 6.11 24.74
N LEU J 227 -7.37 6.57 25.60
CA LEU J 227 -7.76 7.45 26.69
C LEU J 227 -8.34 8.76 26.17
N GLN J 228 -7.69 9.35 25.16
CA GLN J 228 -8.19 10.60 24.61
C GLN J 228 -9.59 10.42 24.04
N VAL J 229 -9.83 9.32 23.33
CA VAL J 229 -11.15 9.06 22.77
C VAL J 229 -12.17 8.95 23.90
N LEU J 230 -11.82 8.25 24.97
CA LEU J 230 -12.72 8.13 26.10
C LEU J 230 -12.93 9.48 26.77
N ASP J 231 -11.88 10.29 26.86
CA ASP J 231 -12.04 11.63 27.40
C ASP J 231 -12.93 12.48 26.50
N THR J 232 -12.72 12.39 25.19
CA THR J 232 -13.55 13.14 24.26
C THR J 232 -15.01 12.70 24.35
N LEU J 233 -15.24 11.39 24.47
CA LEU J 233 -16.60 10.88 24.47
C LEU J 233 -17.33 11.26 25.75
N LEU J 234 -16.79 10.84 26.91
CA LEU J 234 -17.49 11.04 28.17
C LEU J 234 -17.63 12.50 28.56
N PHE J 235 -16.63 13.33 28.27
CA PHE J 235 -16.70 14.76 28.52
C PHE J 235 -17.20 15.55 27.31
N SER J 236 -17.95 14.90 26.42
CA SER J 236 -18.50 15.61 25.27
C SER J 236 -19.45 16.72 25.70
N SER J 237 -20.26 16.45 26.73
CA SER J 237 -21.26 17.41 27.17
C SER J 237 -20.66 18.75 27.56
N LEU J 238 -19.39 18.78 27.97
CA LEU J 238 -18.72 20.03 28.28
C LEU J 238 -17.93 20.59 27.10
N LEU J 239 -17.28 19.72 26.33
CA LEU J 239 -16.48 20.18 25.18
C LEU J 239 -17.37 20.81 24.12
N LEU J 240 -18.49 20.17 23.79
CA LEU J 240 -19.35 20.68 22.73
C LEU J 240 -19.97 22.02 23.10
N PHE J 241 -20.41 22.16 24.35
CA PHE J 241 -21.03 23.40 24.80
C PHE J 241 -20.01 24.42 25.29
N GLY J 242 -18.72 24.15 25.13
CA GLY J 242 -17.69 25.11 25.47
C GLY J 242 -17.32 25.18 26.94
N PHE J 243 -17.88 24.31 27.77
CA PHE J 243 -17.52 24.27 29.17
C PHE J 243 -16.20 23.56 29.43
N ALA J 244 -15.72 22.77 28.47
CA ALA J 244 -14.43 22.10 28.57
C ALA J 244 -13.71 22.25 27.24
N GLU J 245 -12.38 22.13 27.28
CA GLU J 245 -11.59 22.23 26.06
C GLU J 245 -10.41 21.27 26.16
N GLN J 246 -9.95 20.80 24.99
CA GLN J 246 -8.86 19.83 24.93
C GLN J 246 -7.53 20.56 25.06
N LYS J 247 -7.22 20.93 26.30
CA LYS J 247 -6.02 21.69 26.59
C LYS J 247 -5.49 21.27 27.96
N GLN J 248 -4.21 21.55 28.16
CA GLN J 248 -3.53 21.23 29.41
C GLN J 248 -2.88 22.49 29.96
N LEU J 249 -3.02 22.69 31.27
CA LEU J 249 -2.27 23.72 31.97
C LEU J 249 -1.04 23.08 32.61
N LEU J 250 0.14 23.52 32.18
CA LEU J 250 1.40 23.02 32.71
C LEU J 250 1.96 24.04 33.69
N GLU J 251 2.14 23.63 34.93
CA GLU J 251 2.58 24.53 36.00
C GLU J 251 4.09 24.42 36.12
N VAL J 252 4.79 25.16 35.26
CA VAL J 252 6.24 25.24 35.32
C VAL J 252 6.63 26.14 36.49
N GLU J 253 6.98 25.53 37.63
CA GLU J 253 7.32 26.27 38.84
C GLU J 253 8.78 26.67 38.80
N LEU J 254 9.02 27.92 38.40
CA LEU J 254 10.38 28.41 38.23
C LEU J 254 11.02 28.84 39.54
N TYR J 255 10.24 28.98 40.60
CA TYR J 255 10.76 29.47 41.88
C TYR J 255 9.85 28.99 43.00
N SER J 256 10.37 28.12 43.86
CA SER J 256 9.60 27.70 45.03
C SER J 256 9.78 28.67 46.19
N ASP J 257 10.87 29.44 46.21
CA ASP J 257 11.13 30.42 47.27
C ASP J 257 11.88 31.59 46.64
N TYR J 258 11.16 32.68 46.38
CA TYR J 258 11.74 33.93 45.88
C TYR J 258 11.56 35.03 46.91
N ARG J 259 12.65 35.77 47.18
CA ARG J 259 12.67 36.79 48.21
C ARG J 259 13.12 38.12 47.64
N GLU J 260 12.55 39.20 48.15
CA GLU J 260 12.88 40.53 47.69
C GLU J 260 14.14 41.05 48.38
N ASN J 261 14.97 41.74 47.62
CA ASN J 261 16.23 42.31 48.11
C ASN J 261 16.06 43.81 48.32
N SER J 262 16.51 44.29 49.48
CA SER J 262 16.35 45.71 49.80
C SER J 262 17.05 46.59 48.78
N TYR J 263 18.27 46.22 48.39
CA TYR J 263 19.07 47.03 47.48
C TYR J 263 18.78 46.74 46.01
N VAL J 264 17.96 45.74 45.71
CA VAL J 264 17.68 45.35 44.33
C VAL J 264 16.20 45.02 44.20
N PRO J 265 15.38 45.89 43.61
CA PRO J 265 13.95 45.59 43.51
C PRO J 265 13.61 44.83 42.25
N THR J 266 12.61 43.95 42.36
CA THR J 266 12.11 43.21 41.21
C THR J 266 11.15 44.09 40.42
N THR J 267 11.38 44.20 39.11
CA THR J 267 10.59 45.08 38.27
C THR J 267 9.88 44.31 37.16
N GLY J 268 10.57 43.36 36.55
CA GLY J 268 10.00 42.63 35.43
C GLY J 268 10.81 41.39 35.13
N ALA J 269 10.27 40.56 34.24
CA ALA J 269 10.86 39.27 33.93
C ALA J 269 10.82 39.02 32.43
N ILE J 270 11.81 38.27 31.95
CA ILE J 270 11.85 37.76 30.59
C ILE J 270 11.60 36.26 30.65
N ILE J 271 10.66 35.79 29.84
CA ILE J 271 10.24 34.39 29.87
C ILE J 271 10.40 33.82 28.47
N GLU J 272 10.86 32.58 28.39
CA GLU J 272 11.21 31.96 27.12
C GLU J 272 10.74 30.52 27.11
N ILE J 273 10.51 30.00 25.91
CA ILE J 273 10.15 28.61 25.69
C ILE J 273 11.01 28.13 24.51
N HIS J 274 12.10 27.44 24.82
CA HIS J 274 13.13 27.15 23.84
C HIS J 274 12.71 26.07 22.85
N SER J 275 11.72 26.36 22.02
CA SER J 275 11.26 25.42 21.01
C SER J 275 10.55 26.18 19.90
N LYS J 276 10.76 25.74 18.67
CA LYS J 276 10.11 26.35 17.52
C LYS J 276 8.84 25.63 17.11
N ARG J 277 8.42 24.60 17.84
CA ARG J 277 7.26 23.81 17.48
C ARG J 277 6.19 23.79 18.56
N ILE J 278 6.22 24.71 19.51
CA ILE J 278 5.29 24.67 20.64
C ILE J 278 4.05 25.49 20.32
N GLN J 279 2.94 24.81 20.02
CA GLN J 279 1.66 25.47 19.83
C GLN J 279 1.04 25.79 21.17
N MET J 280 0.75 27.07 21.42
CA MET J 280 0.21 27.47 22.72
C MET J 280 -0.77 28.61 22.56
N TYR J 281 -1.71 28.69 23.50
CA TYR J 281 -2.75 29.71 23.50
C TYR J 281 -2.36 30.95 24.29
N GLY J 282 -1.74 30.78 25.44
CA GLY J 282 -1.35 31.90 26.28
C GLY J 282 -0.79 31.39 27.59
N ALA J 283 -0.20 32.32 28.34
CA ALA J 283 0.48 31.95 29.57
C ALA J 283 0.32 33.06 30.60
N TYR J 284 0.11 32.67 31.84
CA TYR J 284 0.06 33.58 32.97
C TYR J 284 1.29 33.34 33.85
N LEU J 285 1.92 34.43 34.29
CA LEU J 285 2.92 34.36 35.33
C LEU J 285 2.27 34.69 36.66
N ARG J 286 2.29 33.74 37.59
CA ARG J 286 1.53 33.83 38.82
C ARG J 286 2.46 33.87 40.02
N ILE J 287 2.20 34.80 40.93
CA ILE J 287 2.94 34.95 42.18
C ILE J 287 1.97 34.78 43.34
N HIS J 288 2.43 34.14 44.40
CA HIS J 288 1.61 33.91 45.59
C HIS J 288 2.52 33.73 46.80
N ALA J 289 2.04 34.22 47.94
CA ALA J 289 2.81 34.06 49.18
C ALA J 289 2.99 32.59 49.50
N HIS J 290 4.19 32.24 49.97
CA HIS J 290 4.51 30.85 50.22
C HIS J 290 3.66 30.26 51.35
N PHE J 291 3.33 31.08 52.35
CA PHE J 291 2.57 30.60 53.50
C PHE J 291 1.19 30.09 53.08
N THR J 292 1.00 28.78 53.12
CA THR J 292 -0.30 28.18 52.82
C THR J 292 -0.88 27.53 54.06
N GLY J 293 -0.11 26.64 54.67
CA GLY J 293 -0.55 25.99 55.90
C GLY J 293 -1.89 25.29 55.71
N LEU J 294 -2.80 25.51 56.64
CA LEU J 294 -4.11 24.89 56.57
C LEU J 294 -4.95 25.45 55.43
N ARG J 295 -4.52 26.58 54.86
CA ARG J 295 -5.29 27.21 53.80
C ARG J 295 -5.27 26.42 52.50
N TYR J 296 -4.44 25.38 52.41
CA TYR J 296 -4.40 24.56 51.20
C TYR J 296 -5.76 23.97 50.88
N LEU J 297 -6.60 23.77 51.89
CA LEU J 297 -7.94 23.24 51.65
C LEU J 297 -8.73 24.11 50.68
N LEU J 298 -8.47 25.42 50.66
CA LEU J 298 -9.15 26.30 49.71
C LEU J 298 -8.58 26.18 48.30
N TYR J 299 -7.42 25.54 48.15
CA TYR J 299 -6.78 25.39 46.85
C TYR J 299 -6.84 23.97 46.29
N ASN J 300 -7.13 22.98 47.14
CA ASN J 300 -7.20 21.59 46.69
C ASN J 300 -8.32 21.41 45.68
N PRO K 129 6.98 10.63 61.16
CA PRO K 129 8.15 11.08 60.41
C PRO K 129 9.20 9.99 60.23
N THR K 130 10.21 10.27 59.40
CA THR K 130 11.31 9.34 59.17
C THR K 130 12.57 10.14 58.87
N VAL K 131 13.71 9.50 59.08
CA VAL K 131 15.00 10.15 58.87
C VAL K 131 15.28 10.15 57.37
N SER K 132 14.86 11.21 56.68
CA SER K 132 14.99 11.28 55.23
C SER K 132 14.77 12.72 54.79
N HIS K 133 15.28 13.02 53.60
CA HIS K 133 14.97 14.28 52.94
C HIS K 133 14.90 14.04 51.44
N LEU K 134 14.12 14.86 50.77
CA LEU K 134 13.92 14.78 49.34
C LEU K 134 14.54 16.00 48.69
N SER K 135 15.32 15.80 47.64
CA SER K 135 15.98 16.88 46.91
C SER K 135 15.59 16.79 45.45
N PRO K 136 14.45 17.36 45.05
CA PRO K 136 14.00 17.18 43.67
C PRO K 136 15.04 17.69 42.68
N VAL K 137 15.20 16.95 41.59
CA VAL K 137 16.24 17.22 40.60
C VAL K 137 15.62 17.99 39.45
N HIS K 138 16.29 19.06 39.03
CA HIS K 138 15.81 19.92 37.95
C HIS K 138 16.84 19.86 36.82
N PHE K 139 16.55 19.01 35.84
CA PHE K 139 17.46 18.84 34.71
C PHE K 139 17.32 19.99 33.73
N HIS K 140 18.47 20.54 33.30
CA HIS K 140 18.49 21.53 32.24
C HIS K 140 19.56 21.14 31.23
N TYR K 141 19.38 21.64 30.01
CA TYR K 141 20.18 21.18 28.87
C TYR K 141 20.19 22.25 27.79
N ARG K 142 21.14 22.09 26.87
CA ARG K 142 21.41 23.07 25.82
C ARG K 142 20.34 23.00 24.73
N THR K 143 20.16 24.12 24.02
CA THR K 143 19.09 24.22 23.03
C THR K 143 19.46 24.99 21.77
N ASP K 144 20.73 24.99 21.35
CA ASP K 144 21.15 25.84 20.24
C ASP K 144 21.19 25.13 18.89
N CYS K 145 20.93 23.83 18.83
CA CYS K 145 21.10 23.10 17.58
C CYS K 145 19.89 23.31 16.67
N ASP K 146 19.81 22.53 15.61
CA ASP K 146 18.66 22.61 14.71
C ASP K 146 17.37 22.19 15.42
N SER K 147 17.42 21.11 16.20
CA SER K 147 16.26 20.63 16.96
C SER K 147 15.08 20.30 16.06
N SER K 148 15.33 19.75 14.87
CA SER K 148 14.25 19.46 13.93
C SER K 148 13.51 18.17 14.26
N THR K 149 13.87 17.48 15.33
CA THR K 149 13.23 16.24 15.72
C THR K 149 13.00 16.25 17.22
N ALA K 150 12.53 15.13 17.74
CA ALA K 150 12.35 14.97 19.18
C ALA K 150 13.63 14.47 19.83
N SER K 151 14.74 15.13 19.55
CA SER K 151 16.03 14.78 20.14
C SER K 151 16.67 16.04 20.69
N LEU K 152 17.13 15.98 21.94
CA LEU K 152 17.69 17.14 22.60
C LEU K 152 19.16 17.31 22.23
N CYS K 153 19.69 18.49 22.54
CA CYS K 153 21.06 18.82 22.17
C CYS K 153 22.08 18.01 22.95
N SER K 154 21.95 17.96 24.27
CA SER K 154 23.01 17.41 25.11
C SER K 154 22.40 16.54 26.19
N PHE K 155 23.26 15.75 26.83
CA PHE K 155 22.80 14.83 27.85
C PHE K 155 22.22 15.61 29.02
N PRO K 156 21.01 15.28 29.48
CA PRO K 156 20.49 15.92 30.68
C PRO K 156 21.45 15.75 31.86
N VAL K 157 21.61 16.82 32.64
CA VAL K 157 22.43 16.82 33.83
C VAL K 157 21.79 17.75 34.84
N ALA K 158 22.38 17.82 36.04
CA ALA K 158 21.84 18.69 37.07
C ALA K 158 22.78 18.77 38.26
N ASN K 159 22.61 19.84 39.03
CA ASN K 159 23.23 19.98 40.35
C ASN K 159 22.13 19.94 41.40
N VAL K 160 22.44 19.35 42.55
CA VAL K 160 21.50 19.28 43.67
C VAL K 160 22.25 19.59 44.95
N SER K 161 21.62 20.35 45.83
CA SER K 161 22.22 20.78 47.09
C SER K 161 21.68 19.88 48.19
N LEU K 162 22.57 19.08 48.78
CA LEU K 162 22.20 18.10 49.79
C LEU K 162 22.10 18.68 51.19
N ALA K 163 22.53 19.93 51.39
CA ALA K 163 22.44 20.56 52.70
C ALA K 163 21.02 21.04 52.97
N ARG K 169 20.96 17.00 60.61
CA ARG K 169 21.39 16.33 59.39
C ARG K 169 20.77 14.95 59.27
N VAL K 170 20.56 14.51 58.03
CA VAL K 170 20.16 13.12 57.79
C VAL K 170 21.39 12.23 57.75
N LEU K 171 22.48 12.72 57.18
CA LEU K 171 23.72 11.95 57.13
C LEU K 171 24.41 11.97 58.50
N MET K 172 24.92 10.81 58.90
CA MET K 172 25.69 10.68 60.13
C MET K 172 26.91 9.83 59.87
N TYR K 173 27.99 10.12 60.60
CA TYR K 173 29.27 9.47 60.34
C TYR K 173 29.15 7.96 60.55
N GLY K 174 29.81 7.21 59.68
CA GLY K 174 29.88 5.77 59.82
C GLY K 174 28.67 5.03 59.28
N GLN K 175 27.48 5.55 59.54
CA GLN K 175 26.27 4.85 59.14
C GLN K 175 26.15 4.84 57.61
N PRO K 176 25.94 3.67 57.00
CA PRO K 176 25.63 3.65 55.56
C PRO K 176 24.19 4.05 55.29
N TYR K 177 23.99 4.76 54.18
CA TYR K 177 22.69 5.29 53.81
C TYR K 177 22.32 4.87 52.39
N ARG K 178 21.01 4.87 52.11
CA ARG K 178 20.48 4.49 50.82
C ARG K 178 20.13 5.74 50.02
N VAL K 179 20.66 5.85 48.81
CA VAL K 179 20.41 6.98 47.92
C VAL K 179 19.84 6.44 46.63
N THR K 180 18.71 7.00 46.19
CA THR K 180 18.03 6.56 44.99
C THR K 180 17.48 7.76 44.25
N LEU K 181 17.26 7.57 42.95
CA LEU K 181 16.64 8.59 42.11
C LEU K 181 15.38 8.01 41.49
N GLU K 182 14.23 8.36 42.04
CA GLU K 182 12.95 7.92 41.54
C GLU K 182 12.59 8.80 40.34
N LEU K 183 12.56 8.19 39.15
CA LEU K 183 12.50 8.91 37.89
C LEU K 183 11.13 8.71 37.27
N GLU K 184 10.49 9.81 36.87
CA GLU K 184 9.10 9.80 36.42
C GLU K 184 9.09 9.82 34.90
N LEU K 185 8.84 8.66 34.31
CA LEU K 185 8.83 8.49 32.86
C LEU K 185 7.42 8.16 32.38
N PRO K 186 6.88 8.90 31.42
CA PRO K 186 5.62 8.47 30.80
C PRO K 186 5.82 7.25 29.92
N GLU K 187 4.72 6.59 29.61
CA GLU K 187 4.74 5.41 28.76
C GLU K 187 4.56 5.79 27.29
N SER K 188 5.00 6.99 26.94
CA SER K 188 4.84 7.47 25.57
C SER K 188 5.62 6.59 24.60
N PRO K 189 5.15 6.44 23.37
CA PRO K 189 5.84 5.54 22.43
C PRO K 189 7.31 5.84 22.25
N VAL K 190 7.71 7.11 22.29
CA VAL K 190 9.11 7.46 22.13
C VAL K 190 9.94 6.80 23.22
N ASN K 191 9.40 6.71 24.43
CA ASN K 191 10.13 6.15 25.54
C ASN K 191 10.23 4.63 25.46
N GLN K 192 9.23 3.96 24.89
CA GLN K 192 9.28 2.50 24.79
C GLN K 192 10.34 2.06 23.79
N ASP K 193 10.57 2.84 22.74
CA ASP K 193 11.62 2.55 21.78
C ASP K 193 12.98 3.07 22.23
N LEU K 194 13.04 3.74 23.38
CA LEU K 194 14.30 4.30 23.85
C LEU K 194 15.34 3.23 24.12
N GLY K 195 14.95 2.14 24.75
CA GLY K 195 15.92 1.15 25.16
C GLY K 195 16.67 1.58 26.41
N MET K 196 17.68 0.80 26.76
CA MET K 196 18.45 1.10 27.95
C MET K 196 19.17 2.42 27.82
N PHE K 197 19.37 3.08 28.95
CA PHE K 197 20.17 4.28 29.03
C PHE K 197 20.85 4.32 30.38
N LEU K 198 22.08 4.83 30.39
CA LEU K 198 22.86 4.88 31.61
C LEU K 198 22.51 6.13 32.42
N VAL K 199 22.38 5.94 33.74
CA VAL K 199 22.19 7.02 34.69
C VAL K 199 23.34 6.98 35.68
N THR K 200 23.99 8.13 35.88
CA THR K 200 25.16 8.22 36.73
C THR K 200 24.95 9.29 37.79
N VAL K 201 25.54 9.06 38.96
CA VAL K 201 25.48 9.99 40.07
C VAL K 201 26.89 10.25 40.57
N SER K 202 27.18 11.50 40.89
CA SER K 202 28.50 11.93 41.33
C SER K 202 28.35 12.87 42.51
N CYS K 203 28.57 12.34 43.72
CA CYS K 203 28.55 13.17 44.91
C CYS K 203 29.80 14.04 44.96
N TYR K 204 29.72 15.11 45.74
CA TYR K 204 30.86 16.01 45.91
C TYR K 204 30.69 16.81 47.19
N THR K 205 31.77 17.46 47.60
CA THR K 205 31.85 18.14 48.88
C THR K 205 31.49 19.62 48.75
N ARG K 206 31.66 20.35 49.86
CA ARG K 206 31.43 21.79 49.84
C ARG K 206 32.41 22.50 48.92
N GLY K 207 33.64 22.00 48.83
CA GLY K 207 34.63 22.57 47.95
C GLY K 207 34.54 22.12 46.51
N GLY K 208 33.54 21.30 46.18
CA GLY K 208 33.39 20.77 44.84
C GLY K 208 34.08 19.46 44.59
N ARG K 209 34.98 19.05 45.47
CA ARG K 209 35.71 17.80 45.28
C ARG K 209 34.75 16.62 45.19
N ILE K 210 34.98 15.74 44.22
CA ILE K 210 34.11 14.60 44.00
C ILE K 210 34.46 13.51 44.99
N ILE K 211 33.47 13.09 45.78
CA ILE K 211 33.71 12.07 46.80
C ILE K 211 33.69 10.68 46.18
N SER K 212 32.65 10.37 45.41
CA SER K 212 32.48 9.04 44.85
C SER K 212 31.70 9.17 43.54
N THR K 213 31.83 8.15 42.70
CA THR K 213 31.13 8.07 41.44
C THR K 213 30.42 6.73 41.34
N SER K 214 29.24 6.74 40.71
CA SER K 214 28.42 5.54 40.61
C SER K 214 27.61 5.59 39.32
N SER K 215 27.14 4.43 38.89
CA SER K 215 26.32 4.33 37.68
C SER K 215 25.47 3.07 37.73
N ARG K 216 24.21 3.22 37.35
CA ARG K 216 23.29 2.08 37.23
C ARG K 216 22.47 2.27 35.96
N SER K 217 22.29 1.17 35.22
CA SER K 217 21.49 1.21 34.01
C SER K 217 20.02 0.98 34.35
N VAL K 218 19.15 1.79 33.75
CA VAL K 218 17.71 1.72 34.01
C VAL K 218 16.99 1.69 32.67
N MET K 219 15.76 1.16 32.70
CA MET K 219 14.96 1.04 31.50
C MET K 219 13.49 0.99 31.87
N LEU K 220 12.67 1.72 31.10
CA LEU K 220 11.24 1.70 31.30
C LEU K 220 10.71 0.29 31.06
N HIS K 221 9.88 -0.19 31.99
CA HIS K 221 9.42 -1.58 31.94
C HIS K 221 8.49 -1.80 30.77
N TYR K 222 8.62 -2.96 30.14
CA TYR K 222 7.85 -3.25 28.93
C TYR K 222 6.44 -3.71 29.28
N ARG K 223 5.47 -3.25 28.50
CA ARG K 223 4.08 -3.66 28.65
C ARG K 223 3.47 -3.76 27.26
N SER K 224 2.90 -4.93 26.94
CA SER K 224 2.38 -5.16 25.61
C SER K 224 1.26 -4.19 25.28
N GLN K 225 1.00 -4.03 23.98
CA GLN K 225 -0.05 -3.11 23.55
C GLN K 225 -1.40 -3.54 24.07
N LEU K 226 -1.68 -4.84 24.06
CA LEU K 226 -2.95 -5.32 24.62
C LEU K 226 -3.01 -5.06 26.12
N LEU K 227 -1.91 -5.25 26.83
CA LEU K 227 -1.90 -4.97 28.25
C LEU K 227 -2.17 -3.49 28.52
N GLN K 228 -1.56 -2.60 27.73
CA GLN K 228 -1.80 -1.18 27.91
C GLN K 228 -3.26 -0.84 27.64
N VAL K 229 -3.85 -1.42 26.60
CA VAL K 229 -5.25 -1.18 26.32
C VAL K 229 -6.12 -1.70 27.44
N LEU K 230 -5.73 -2.83 28.04
CA LEU K 230 -6.47 -3.35 29.17
C LEU K 230 -6.29 -2.46 30.40
N ASP K 231 -5.09 -1.91 30.57
CA ASP K 231 -4.85 -0.97 31.67
C ASP K 231 -5.64 0.31 31.46
N THR K 232 -5.53 0.91 30.27
CA THR K 232 -6.23 2.16 30.00
C THR K 232 -7.74 2.00 30.21
N LEU K 233 -8.27 0.82 29.92
CA LEU K 233 -9.70 0.61 30.06
C LEU K 233 -10.10 0.41 31.52
N LEU K 234 -9.56 -0.63 32.16
CA LEU K 234 -9.98 -0.97 33.52
C LEU K 234 -9.62 0.12 34.52
N PHE K 235 -8.58 0.90 34.28
CA PHE K 235 -8.22 2.02 35.13
C PHE K 235 -8.65 3.35 34.54
N SER K 236 -9.61 3.34 33.63
CA SER K 236 -10.12 4.59 33.06
C SER K 236 -10.73 5.47 34.15
N SER K 237 -11.40 4.85 35.12
CA SER K 237 -12.07 5.61 36.16
C SER K 237 -11.11 6.49 36.96
N LEU K 238 -9.82 6.16 36.99
CA LEU K 238 -8.83 6.99 37.67
C LEU K 238 -8.10 7.92 36.70
N LEU K 239 -7.74 7.43 35.52
CA LEU K 239 -7.00 8.25 34.57
C LEU K 239 -7.83 9.46 34.12
N LEU K 240 -9.11 9.26 33.84
CA LEU K 240 -9.94 10.35 33.35
C LEU K 240 -10.10 11.44 34.40
N PHE K 241 -10.33 11.06 35.65
CA PHE K 241 -10.52 12.03 36.71
C PHE K 241 -9.21 12.53 37.30
N GLY K 242 -8.07 12.14 36.74
CA GLY K 242 -6.79 12.65 37.19
C GLY K 242 -6.21 11.94 38.39
N PHE K 243 -6.87 10.93 38.92
CA PHE K 243 -6.33 10.18 40.05
C PHE K 243 -5.23 9.22 39.64
N ALA K 244 -5.12 8.89 38.35
CA ALA K 244 -4.06 8.03 37.84
C ALA K 244 -3.51 8.65 36.56
N GLU K 245 -2.28 8.30 36.24
CA GLU K 245 -1.64 8.79 35.02
C GLU K 245 -0.75 7.70 34.45
N GLN K 246 -0.57 7.72 33.13
CA GLN K 246 0.18 6.68 32.42
C GLN K 246 1.67 6.99 32.53
N LYS K 247 2.19 6.82 33.75
CA LYS K 247 3.58 7.11 34.04
C LYS K 247 4.16 6.00 34.89
N GLN K 248 5.48 5.83 34.80
CA GLN K 248 6.21 4.85 35.56
C GLN K 248 7.26 5.54 36.42
N LEU K 249 7.36 5.11 37.67
CA LEU K 249 8.41 5.55 38.57
C LEU K 249 9.49 4.48 38.61
N LEU K 250 10.70 4.84 38.19
CA LEU K 250 11.82 3.92 38.15
C LEU K 250 12.76 4.24 39.31
N GLU K 251 13.03 3.24 40.14
CA GLU K 251 13.83 3.42 41.35
C GLU K 251 15.26 2.98 41.06
N VAL K 252 16.03 3.91 40.51
CA VAL K 252 17.46 3.68 40.26
C VAL K 252 18.20 3.81 41.58
N GLU K 253 18.46 2.70 42.24
CA GLU K 253 19.13 2.69 43.55
C GLU K 253 20.63 2.80 43.32
N LEU K 254 21.09 4.04 43.20
CA LEU K 254 22.49 4.29 42.90
C LEU K 254 23.40 3.97 44.07
N TYR K 255 22.83 3.72 45.26
CA TYR K 255 23.63 3.45 46.45
C TYR K 255 22.79 2.67 47.44
N SER K 256 23.19 1.44 47.73
CA SER K 256 22.53 0.67 48.77
C SER K 256 23.13 0.92 50.15
N ASP K 257 24.38 1.42 50.19
CA ASP K 257 25.05 1.73 51.45
C ASP K 257 26.04 2.87 51.18
N TYR K 258 25.66 4.08 51.56
CA TYR K 258 26.53 5.26 51.46
C TYR K 258 26.87 5.74 52.87
N ARG K 259 28.16 5.84 53.17
CA ARG K 259 28.64 6.14 54.50
C ARG K 259 29.24 7.55 54.55
N GLU K 260 28.88 8.30 55.59
CA GLU K 260 29.43 9.64 55.79
C GLU K 260 30.85 9.53 56.32
N ASN K 261 31.73 10.39 55.82
CA ASN K 261 33.13 10.40 56.20
C ASN K 261 33.42 11.66 57.01
N SER K 262 34.08 11.49 58.15
CA SER K 262 34.41 12.63 59.00
C SER K 262 35.30 13.62 58.27
N TYR K 263 36.30 13.12 57.52
CA TYR K 263 37.22 13.98 56.81
C TYR K 263 36.67 14.51 55.50
N VAL K 264 35.51 14.02 55.05
CA VAL K 264 34.95 14.42 53.77
C VAL K 264 33.44 14.58 53.92
N PRO K 265 32.92 15.81 54.04
CA PRO K 265 31.47 15.98 54.21
C PRO K 265 30.74 16.00 52.87
N THR K 266 29.54 15.43 52.88
CA THR K 266 28.71 15.43 51.68
C THR K 266 27.92 16.73 51.59
N THR K 267 28.02 17.41 50.45
CA THR K 267 27.34 18.70 50.27
C THR K 267 26.38 18.74 49.10
N GLY K 268 26.71 18.14 47.95
CA GLY K 268 25.85 18.22 46.78
C GLY K 268 26.11 17.06 45.86
N ALA K 269 25.21 16.90 44.89
CA ALA K 269 25.27 15.79 43.95
C ALA K 269 25.05 16.29 42.53
N ILE K 270 25.79 15.71 41.60
CA ILE K 270 25.59 15.93 40.17
C ILE K 270 25.02 14.64 39.58
N ILE K 271 23.88 14.75 38.92
CA ILE K 271 23.15 13.61 38.42
C ILE K 271 22.98 13.76 36.92
N GLU K 272 22.88 12.63 36.22
CA GLU K 272 22.88 12.64 34.76
C GLU K 272 22.05 11.48 34.24
N ILE K 273 21.56 11.62 33.02
CA ILE K 273 20.83 10.56 32.32
C ILE K 273 21.38 10.54 30.89
N HIS K 274 22.26 9.60 30.60
CA HIS K 274 23.04 9.60 29.37
C HIS K 274 22.19 9.20 28.17
N SER K 275 21.26 10.06 27.76
CA SER K 275 20.43 9.81 26.60
C SER K 275 19.81 11.11 26.13
N LYS K 276 19.75 11.28 24.82
CA LYS K 276 19.18 12.49 24.22
C LYS K 276 17.72 12.31 23.83
N ARG K 277 17.12 11.15 24.09
CA ARG K 277 15.76 10.88 23.66
C ARG K 277 14.82 10.60 24.83
N ILE K 278 15.30 10.67 26.07
CA ILE K 278 14.43 10.40 27.20
C ILE K 278 13.40 11.51 27.33
N GLN K 279 12.15 11.12 27.58
CA GLN K 279 11.08 12.05 27.90
C GLN K 279 10.69 11.82 29.35
N MET K 280 10.82 12.85 30.18
CA MET K 280 10.58 12.70 31.61
C MET K 280 9.89 13.93 32.17
N TYR K 281 9.14 13.72 33.26
CA TYR K 281 8.43 14.78 33.95
C TYR K 281 9.26 15.42 35.05
N GLY K 282 9.98 14.62 35.82
CA GLY K 282 10.75 15.10 36.93
C GLY K 282 11.39 13.94 37.65
N ALA K 283 12.21 14.28 38.65
CA ALA K 283 12.97 13.27 39.36
C ALA K 283 13.24 13.73 40.78
N TYR K 284 13.07 12.81 41.72
CA TYR K 284 13.35 13.04 43.13
C TYR K 284 14.60 12.26 43.52
N LEU K 285 15.52 12.91 44.22
CA LEU K 285 16.62 12.20 44.87
C LEU K 285 16.27 11.99 46.33
N ARG K 286 16.16 10.72 46.72
CA ARG K 286 15.65 10.34 48.03
C ARG K 286 16.73 9.63 48.82
N ILE K 287 16.91 10.05 50.07
CA ILE K 287 17.87 9.45 50.99
C ILE K 287 17.10 8.97 52.21
N HIS K 288 17.51 7.83 52.75
CA HIS K 288 16.85 7.25 53.91
C HIS K 288 17.81 6.29 54.60
N ALA K 289 17.77 6.27 55.92
CA ALA K 289 18.59 5.33 56.68
C ALA K 289 18.21 3.90 56.31
N HIS K 290 19.24 3.05 56.14
CA HIS K 290 18.98 1.70 55.67
C HIS K 290 18.29 0.85 56.73
N PHE K 291 18.32 1.26 57.99
CA PHE K 291 17.72 0.49 59.05
C PHE K 291 16.20 0.54 58.93
N THR K 292 15.59 -0.48 58.32
CA THR K 292 14.15 -0.53 58.13
C THR K 292 13.55 -1.74 58.83
N GLY K 293 14.16 -2.90 58.64
CA GLY K 293 13.63 -4.11 59.23
C GLY K 293 12.34 -4.55 58.56
N LEU K 294 11.49 -5.22 59.34
CA LEU K 294 10.21 -5.69 58.83
C LEU K 294 9.29 -4.55 58.44
N ARG K 295 9.58 -3.33 58.89
CA ARG K 295 8.74 -2.18 58.55
C ARG K 295 8.79 -1.87 57.06
N TYR K 296 9.74 -2.44 56.33
CA TYR K 296 9.86 -2.15 54.90
C TYR K 296 8.59 -2.51 54.14
N LEU K 297 7.83 -3.48 54.63
CA LEU K 297 6.63 -3.91 53.92
C LEU K 297 5.59 -2.81 53.82
N LEU K 298 5.64 -1.81 54.70
CA LEU K 298 4.66 -0.72 54.66
C LEU K 298 4.83 0.14 53.42
N TYR K 299 5.99 0.09 52.76
CA TYR K 299 6.23 0.90 51.58
C TYR K 299 5.63 0.29 50.32
N ASN K 300 5.08 -0.92 50.38
CA ASN K 300 4.47 -1.56 49.23
C ASN K 300 3.31 -0.72 48.69
#